data_7CVH
#
_entry.id   7CVH
#
_cell.length_a   67.392
_cell.length_b   83.426
_cell.length_c   277.355
_cell.angle_alpha   90.000
_cell.angle_beta   90.000
_cell.angle_gamma   90.000
#
_symmetry.space_group_name_H-M   'P 21 21 21'
#
loop_
_entity.id
_entity.type
_entity.pdbx_description
1 polymer 'Fructose-1,6-bisphosphatase 1'
2 non-polymer 1,6-di-O-phosphono-beta-D-fructofuranose
3 non-polymer 'MAGNESIUM ION'
4 non-polymer 'ADENOSINE MONOPHOSPHATE'
5 non-polymer 'GERANYLGERANYL DIPHOSPHATE'
6 water water
#
_entity_poly.entity_id   1
_entity_poly.type   'polypeptide(L)'
_entity_poly.pdbx_seq_one_letter_code
;MADQAPFDTDVNTLTRFVMEEGRKARGTGELTQLLNSLCTAVKAISSAVRKAGIAHLYGIAGSTNVTGDQVKKLDVLSND
LVMNMLKSSFATCVLVSEEDKHAIIVEPEKRGKYVVCFDPLDGSSNIDCLVSVGTIFGIYRKKSTDEPSEKDALQPGRNL
VAAGYALYGSATMLVLAMDCGVNCFMLDPAIGEFILVDKDVKIKKKGKIYSLNEGYARDFDPAVTEYIQRKKFPPDNSAP
YGARYVGSMVADVHRTLVYGGIFLYPANKKSPNGKLRLLYECNPMAYVMEKAGGMATTGKEAVLDVIPTDIHQRAPVILG
SPDDVLEFLKVYEKHSAQ
;
_entity_poly.pdbx_strand_id   A,C,B,D
#
loop_
_chem_comp.id
_chem_comp.type
_chem_comp.name
_chem_comp.formula
AMP non-polymer 'ADENOSINE MONOPHOSPHATE' 'C10 H14 N5 O7 P'
FBP D-saccharide, beta linking 1,6-di-O-phosphono-beta-D-fructofuranose 'C6 H14 O12 P2'
GRG non-polymer 'GERANYLGERANYL DIPHOSPHATE' 'C20 H36 O7 P2'
MG non-polymer 'MAGNESIUM ION' 'Mg 2'
#
# COMPACT_ATOMS: atom_id res chain seq x y z
N ASP A 10 -25.06 6.97 -2.54
CA ASP A 10 -24.41 5.76 -3.04
C ASP A 10 -22.97 6.03 -3.46
N VAL A 11 -22.05 5.19 -3.00
CA VAL A 11 -20.65 5.33 -3.37
C VAL A 11 -20.50 5.11 -4.88
N ASN A 12 -19.62 5.90 -5.49
CA ASN A 12 -19.37 5.80 -6.92
C ASN A 12 -17.87 5.75 -7.17
N THR A 13 -17.46 4.86 -8.07
CA THR A 13 -16.08 4.74 -8.48
C THR A 13 -15.91 5.27 -9.90
N LEU A 14 -14.67 5.57 -10.25
CA LEU A 14 -14.38 5.99 -11.62
C LEU A 14 -14.79 4.92 -12.61
N THR A 15 -14.51 3.66 -12.30
CA THR A 15 -14.86 2.56 -13.19
C THR A 15 -16.37 2.51 -13.41
N ARG A 16 -17.14 2.62 -12.32
CA ARG A 16 -18.60 2.55 -12.44
C ARG A 16 -19.15 3.80 -13.10
N PHE A 17 -18.60 4.97 -12.77
CA PHE A 17 -19.07 6.22 -13.36
C PHE A 17 -18.83 6.23 -14.87
N VAL A 18 -17.63 5.84 -15.29
CA VAL A 18 -17.30 5.85 -16.72
C VAL A 18 -18.17 4.86 -17.46
N MET A 19 -18.37 3.67 -16.89
CA MET A 19 -19.18 2.66 -17.55
C MET A 19 -20.63 3.12 -17.70
N GLU A 20 -21.19 3.74 -16.65
CA GLU A 20 -22.58 4.18 -16.71
C GLU A 20 -22.75 5.32 -17.72
N GLU A 21 -21.79 6.24 -17.79
CA GLU A 21 -21.85 7.29 -18.78
C GLU A 21 -21.78 6.72 -20.20
N GLY A 22 -20.99 5.67 -20.38
CA GLY A 22 -20.95 5.00 -21.68
C GLY A 22 -22.26 4.32 -22.01
N ARG A 23 -22.89 3.69 -21.03
CA ARG A 23 -24.20 3.06 -21.26
C ARG A 23 -25.25 4.11 -21.64
N LYS A 24 -25.23 5.26 -20.96
CA LYS A 24 -26.17 6.33 -21.30
C LYS A 24 -25.92 6.85 -22.71
N ALA A 25 -24.66 7.00 -23.10
CA ALA A 25 -24.32 7.50 -24.42
C ALA A 25 -24.54 6.47 -25.53
N ARG A 26 -24.87 5.22 -25.16
CA ARG A 26 -25.03 4.13 -26.13
C ARG A 26 -23.75 3.91 -26.92
N GLY A 27 -22.61 4.07 -26.27
CA GLY A 27 -21.35 3.81 -26.91
C GLY A 27 -21.10 2.32 -27.09
N THR A 28 -20.21 2.00 -28.04
CA THR A 28 -19.84 0.61 -28.28
C THR A 28 -18.94 0.05 -27.18
N GLY A 29 -18.45 0.89 -26.27
CA GLY A 29 -17.53 0.47 -25.25
C GLY A 29 -16.08 0.80 -25.51
N GLU A 30 -15.76 1.37 -26.67
CA GLU A 30 -14.36 1.65 -27.00
C GLU A 30 -13.81 2.79 -26.14
N LEU A 31 -14.57 3.89 -26.02
CA LEU A 31 -14.13 4.99 -25.17
C LEU A 31 -14.04 4.57 -23.71
N THR A 32 -14.99 3.73 -23.27
CA THR A 32 -14.93 3.20 -21.91
C THR A 32 -13.64 2.40 -21.68
N GLN A 33 -13.26 1.57 -22.66
CA GLN A 33 -12.02 0.81 -22.54
C GLN A 33 -10.82 1.75 -22.50
N LEU A 34 -10.84 2.81 -23.29
CA LEU A 34 -9.75 3.79 -23.28
C LEU A 34 -9.62 4.42 -21.89
N LEU A 35 -10.73 4.85 -21.31
CA LEU A 35 -10.69 5.50 -20.01
C LEU A 35 -10.26 4.52 -18.91
N ASN A 36 -10.73 3.27 -18.98
CA ASN A 36 -10.27 2.26 -18.04
C ASN A 36 -8.76 2.10 -18.10
N SER A 37 -8.21 2.02 -19.32
CA SER A 37 -6.77 1.86 -19.50
C SER A 37 -6.02 3.07 -18.98
N LEU A 38 -6.52 4.28 -19.26
CA LEU A 38 -5.90 5.49 -18.76
C LEU A 38 -5.94 5.54 -17.23
N CYS A 39 -7.04 5.10 -16.64
CA CYS A 39 -7.15 5.05 -15.18
C CYS A 39 -6.10 4.15 -14.57
N THR A 40 -5.89 2.97 -15.15
CA THR A 40 -4.86 2.06 -14.63
C THR A 40 -3.48 2.68 -14.73
N ALA A 41 -3.18 3.34 -15.85
CA ALA A 41 -1.86 3.96 -16.03
C ALA A 41 -1.63 5.05 -14.99
N VAL A 42 -2.66 5.84 -14.67
CA VAL A 42 -2.52 6.89 -13.68
C VAL A 42 -2.19 6.30 -12.31
N LYS A 43 -2.84 5.20 -11.95
CA LYS A 43 -2.50 4.54 -10.69
C LYS A 43 -1.07 4.03 -10.70
N ALA A 44 -0.61 3.48 -11.83
CA ALA A 44 0.77 3.02 -11.92
C ALA A 44 1.75 4.18 -11.82
N ILE A 45 1.45 5.30 -12.48
CA ILE A 45 2.31 6.48 -12.39
C ILE A 45 2.34 6.99 -10.95
N SER A 46 1.18 7.06 -10.33
CA SER A 46 1.09 7.56 -8.96
C SER A 46 1.94 6.71 -8.02
N SER A 47 1.88 5.39 -8.18
CA SER A 47 2.69 4.50 -7.35
C SER A 47 4.18 4.78 -7.53
N ALA A 48 4.62 5.00 -8.77
CA ALA A 48 6.02 5.32 -9.02
C ALA A 48 6.38 6.70 -8.46
N VAL A 49 5.48 7.68 -8.60
CA VAL A 49 5.76 9.02 -8.12
C VAL A 49 5.96 9.02 -6.61
N ARG A 50 5.19 8.21 -5.90
CA ARG A 50 5.31 8.10 -4.45
C ARG A 50 6.48 7.21 -4.03
N LYS A 51 7.29 6.77 -4.98
CA LYS A 51 8.56 6.08 -4.74
C LYS A 51 8.38 4.69 -4.12
N ALA A 52 7.30 3.99 -4.49
CA ALA A 52 7.14 2.60 -4.08
C ALA A 52 8.29 1.77 -4.64
N GLY A 53 8.91 0.96 -3.78
CA GLY A 53 10.02 0.13 -4.21
C GLY A 53 11.35 0.82 -4.28
N ILE A 54 11.47 2.08 -3.83
CA ILE A 54 12.74 2.78 -3.87
C ILE A 54 13.79 2.10 -3.00
N ALA A 55 13.36 1.30 -2.01
CA ALA A 55 14.32 0.58 -1.17
C ALA A 55 15.17 -0.38 -1.99
N HIS A 56 14.60 -0.97 -3.04
CA HIS A 56 15.38 -1.87 -3.89
C HIS A 56 16.41 -1.12 -4.72
N LEU A 57 16.09 0.11 -5.14
CA LEU A 57 17.07 0.93 -5.85
C LEU A 57 18.26 1.31 -4.97
N TYR A 58 18.08 1.30 -3.65
CA TYR A 58 19.15 1.65 -2.72
C TYR A 58 19.76 0.43 -2.03
N GLY A 59 19.52 -0.76 -2.58
CA GLY A 59 20.28 -1.93 -2.17
C GLY A 59 19.75 -2.72 -1.00
N ILE A 60 18.44 -2.70 -0.76
CA ILE A 60 17.89 -3.45 0.37
C ILE A 60 18.11 -4.95 0.20
N ALA A 61 18.16 -5.43 -1.04
CA ALA A 61 18.40 -6.83 -1.34
C ALA A 61 19.81 -7.08 -1.89
N GLY A 62 20.74 -6.16 -1.65
CA GLY A 62 22.10 -6.31 -2.11
C GLY A 62 22.28 -6.02 -3.59
N VAL A 71 18.86 5.02 -13.80
CA VAL A 71 18.05 4.14 -14.63
C VAL A 71 16.82 4.99 -15.01
N LYS A 72 15.72 4.37 -15.40
CA LYS A 72 14.60 5.04 -16.06
C LYS A 72 14.15 6.29 -15.30
N LYS A 73 14.19 7.42 -15.99
CA LYS A 73 13.64 8.66 -15.44
C LYS A 73 12.14 8.50 -15.20
N LEU A 74 11.61 9.29 -14.27
CA LEU A 74 10.18 9.24 -13.99
C LEU A 74 9.36 9.60 -15.22
N ASP A 75 9.84 10.56 -16.01
CA ASP A 75 9.11 10.95 -17.23
C ASP A 75 9.02 9.79 -18.21
N VAL A 76 10.12 9.06 -18.40
CA VAL A 76 10.12 7.96 -19.36
C VAL A 76 9.22 6.83 -18.89
N LEU A 77 9.29 6.47 -17.60
CA LEU A 77 8.42 5.43 -17.07
C LEU A 77 6.95 5.82 -17.18
N SER A 78 6.64 7.06 -16.83
CA SER A 78 5.26 7.53 -16.95
C SER A 78 4.79 7.47 -18.40
N ASN A 79 5.65 7.88 -19.33
CA ASN A 79 5.29 7.82 -20.75
C ASN A 79 5.08 6.38 -21.20
N ASP A 80 5.96 5.47 -20.77
CA ASP A 80 5.81 4.06 -21.14
C ASP A 80 4.50 3.49 -20.61
N LEU A 81 4.11 3.87 -19.39
CA LEU A 81 2.86 3.38 -18.82
C LEU A 81 1.65 3.85 -19.62
N VAL A 82 1.59 5.14 -19.94
CA VAL A 82 0.46 5.66 -20.72
C VAL A 82 0.48 5.09 -22.13
N MET A 83 1.66 5.05 -22.75
CA MET A 83 1.77 4.53 -24.12
C MET A 83 1.29 3.10 -24.19
N ASN A 84 1.75 2.24 -23.28
CA ASN A 84 1.42 0.82 -23.35
C ASN A 84 -0.04 0.56 -22.99
N MET A 85 -0.54 1.22 -21.95
CA MET A 85 -1.93 1.03 -21.56
C MET A 85 -2.89 1.50 -22.65
N LEU A 86 -2.58 2.64 -23.28
CA LEU A 86 -3.45 3.14 -24.34
C LEU A 86 -3.38 2.24 -25.58
N LYS A 87 -2.18 1.80 -25.96
CA LYS A 87 -2.03 0.92 -27.10
C LYS A 87 -2.82 -0.37 -26.91
N SER A 88 -2.70 -0.97 -25.72
CA SER A 88 -3.35 -2.25 -25.44
C SER A 88 -4.85 -2.09 -25.21
N SER A 89 -5.37 -0.87 -25.15
CA SER A 89 -6.81 -0.66 -25.02
C SER A 89 -7.57 -0.95 -26.31
N PHE A 90 -6.87 -1.08 -27.44
CA PHE A 90 -7.49 -1.26 -28.75
C PHE A 90 -8.43 -0.12 -29.11
N ALA A 91 -8.26 1.04 -28.49
CA ALA A 91 -9.17 2.16 -28.67
C ALA A 91 -8.52 3.38 -29.31
N THR A 92 -7.22 3.36 -29.54
CA THR A 92 -6.49 4.53 -30.04
C THR A 92 -5.80 4.21 -31.35
N CYS A 93 -5.52 5.27 -32.12
CA CYS A 93 -4.80 5.11 -33.37
C CYS A 93 -3.62 6.08 -33.48
N VAL A 94 -3.69 7.23 -32.81
CA VAL A 94 -2.63 8.22 -32.82
C VAL A 94 -2.41 8.72 -31.41
N LEU A 95 -1.15 8.76 -30.98
CA LEU A 95 -0.79 9.16 -29.62
C LEU A 95 0.28 10.24 -29.70
N VAL A 96 -0.01 11.41 -29.14
CA VAL A 96 0.92 12.52 -29.09
C VAL A 96 1.31 12.75 -27.64
N SER A 97 2.60 12.63 -27.35
CA SER A 97 3.11 12.80 -26.00
C SER A 97 4.12 13.93 -25.97
N GLU A 98 4.14 14.67 -24.86
CA GLU A 98 5.16 15.68 -24.64
C GLU A 98 6.57 15.07 -24.69
N GLU A 99 6.70 13.78 -24.41
CA GLU A 99 7.98 13.11 -24.33
C GLU A 99 8.48 12.57 -25.67
N ASP A 100 7.67 12.63 -26.73
CA ASP A 100 8.00 12.00 -28.00
C ASP A 100 8.06 13.07 -29.09
N LYS A 101 9.15 13.05 -29.88
CA LYS A 101 9.31 14.05 -30.93
C LYS A 101 8.17 13.98 -31.94
N HIS A 102 7.83 12.78 -32.38
CA HIS A 102 6.80 12.59 -33.39
C HIS A 102 5.57 11.93 -32.78
N ALA A 103 4.44 12.11 -33.44
CA ALA A 103 3.23 11.39 -33.07
C ALA A 103 3.47 9.89 -33.24
N ILE A 104 3.00 9.12 -32.27
CA ILE A 104 3.12 7.66 -32.32
C ILE A 104 1.88 7.10 -33.01
N ILE A 105 2.09 6.25 -34.00
CA ILE A 105 1.01 5.62 -34.74
C ILE A 105 0.84 4.21 -34.19
N VAL A 106 -0.35 3.91 -33.69
CA VAL A 106 -0.63 2.60 -33.14
C VAL A 106 -0.57 1.55 -34.26
N GLU A 107 0.01 0.39 -33.93
CA GLU A 107 0.11 -0.69 -34.89
C GLU A 107 -1.29 -1.10 -35.37
N PRO A 108 -1.46 -1.42 -36.66
CA PRO A 108 -2.81 -1.54 -37.23
C PRO A 108 -3.71 -2.52 -36.51
N GLU A 109 -3.13 -3.57 -35.92
CA GLU A 109 -3.90 -4.60 -35.25
C GLU A 109 -4.53 -4.12 -33.95
N LYS A 110 -4.04 -3.03 -33.36
CA LYS A 110 -4.56 -2.50 -32.11
C LYS A 110 -5.27 -1.17 -32.27
N ARG A 111 -5.59 -0.76 -33.49
CA ARG A 111 -6.08 0.59 -33.71
C ARG A 111 -7.55 0.73 -33.36
N GLY A 112 -7.87 1.79 -32.62
CA GLY A 112 -9.23 2.20 -32.38
C GLY A 112 -9.50 3.56 -33.00
N LYS A 113 -10.61 4.21 -32.65
CA LYS A 113 -11.03 5.44 -33.29
C LYS A 113 -10.40 6.69 -32.70
N TYR A 114 -9.73 6.61 -31.56
CA TYR A 114 -9.46 7.81 -30.77
C TYR A 114 -8.01 8.26 -30.88
N VAL A 115 -7.83 9.58 -30.74
CA VAL A 115 -6.53 10.23 -30.74
C VAL A 115 -6.33 10.85 -29.36
N VAL A 116 -5.20 10.53 -28.73
CA VAL A 116 -4.92 10.99 -27.37
C VAL A 116 -3.67 11.84 -27.39
N CYS A 117 -3.77 13.05 -26.84
CA CYS A 117 -2.64 13.93 -26.59
C CYS A 117 -2.46 14.04 -25.09
N PHE A 118 -1.24 13.84 -24.61
CA PHE A 118 -1.04 13.80 -23.16
C PHE A 118 0.37 14.22 -22.80
N ASP A 119 0.50 14.74 -21.58
CA ASP A 119 1.79 14.92 -20.93
C ASP A 119 1.86 13.90 -19.80
N PRO A 120 2.67 12.85 -19.92
CA PRO A 120 2.66 11.79 -18.89
C PRO A 120 3.10 12.26 -17.52
N LEU A 121 3.94 13.29 -17.44
CA LEU A 121 4.39 13.81 -16.15
C LEU A 121 4.64 15.30 -16.30
N ASP A 122 3.66 16.10 -15.87
CA ASP A 122 3.77 17.55 -15.92
C ASP A 122 4.40 18.07 -14.63
N GLY A 123 5.24 19.09 -14.76
CA GLY A 123 5.91 19.68 -13.62
C GLY A 123 7.26 19.05 -13.35
N SER A 124 8.04 18.83 -14.40
CA SER A 124 9.29 18.09 -14.28
C SER A 124 10.29 18.77 -13.35
N SER A 125 10.29 20.10 -13.31
CA SER A 125 11.21 20.83 -12.45
C SER A 125 10.91 20.65 -10.96
N ASN A 126 9.73 20.11 -10.63
CA ASN A 126 9.35 19.89 -9.24
C ASN A 126 9.52 18.46 -8.78
N ILE A 127 10.06 17.58 -9.63
CA ILE A 127 10.20 16.18 -9.26
C ILE A 127 11.20 16.03 -8.11
N ASP A 128 12.37 16.64 -8.25
CA ASP A 128 13.46 16.43 -7.30
C ASP A 128 13.23 17.12 -5.96
N CYS A 129 12.43 18.18 -5.92
CA CYS A 129 12.06 18.82 -4.66
C CYS A 129 10.74 18.29 -4.11
N LEU A 130 10.21 17.22 -4.71
CA LEU A 130 9.05 16.50 -4.18
C LEU A 130 7.79 17.36 -4.14
N VAL A 131 7.68 18.31 -5.05
CA VAL A 131 6.50 19.15 -5.16
C VAL A 131 5.54 18.48 -6.15
N SER A 132 4.25 18.78 -5.99
CA SER A 132 3.19 18.13 -6.76
C SER A 132 3.51 18.11 -8.25
N VAL A 133 3.22 16.96 -8.86
CA VAL A 133 3.30 16.77 -10.29
C VAL A 133 1.99 16.14 -10.77
N GLY A 134 1.90 15.90 -12.07
CA GLY A 134 0.63 15.41 -12.58
C GLY A 134 0.74 14.90 -14.01
N THR A 135 -0.40 14.41 -14.49
CA THR A 135 -0.55 13.90 -15.85
C THR A 135 -1.74 14.62 -16.49
N ILE A 136 -1.58 15.07 -17.72
CA ILE A 136 -2.62 15.80 -18.45
C ILE A 136 -2.95 15.02 -19.71
N PHE A 137 -4.24 14.95 -20.05
CA PHE A 137 -4.65 14.23 -21.24
C PHE A 137 -5.84 14.91 -21.90
N GLY A 138 -5.90 14.76 -23.23
CA GLY A 138 -7.05 15.18 -24.01
C GLY A 138 -7.37 14.13 -25.06
N ILE A 139 -8.64 13.82 -25.26
CA ILE A 139 -9.06 12.71 -26.12
C ILE A 139 -9.89 13.26 -27.26
N TYR A 140 -9.49 12.92 -28.49
CA TYR A 140 -10.22 13.29 -29.70
C TYR A 140 -10.67 12.03 -30.44
N ARG A 141 -11.70 12.20 -31.25
CA ARG A 141 -12.12 11.19 -32.21
C ARG A 141 -11.43 11.49 -33.54
N LYS A 142 -10.86 10.45 -34.16
CA LYS A 142 -10.28 10.61 -35.48
C LYS A 142 -11.37 11.06 -36.45
N LYS A 143 -11.09 12.10 -37.23
CA LYS A 143 -12.10 12.76 -38.04
C LYS A 143 -12.14 12.28 -39.49
N SER A 144 -11.12 11.55 -39.94
CA SER A 144 -11.06 11.10 -41.32
C SER A 144 -10.68 9.63 -41.37
N THR A 145 -10.92 9.02 -42.54
CA THR A 145 -10.55 7.63 -42.78
C THR A 145 -9.16 7.50 -43.38
N ASP A 146 -8.42 8.60 -43.50
CA ASP A 146 -7.04 8.54 -43.97
C ASP A 146 -6.22 7.61 -43.08
N GLU A 147 -5.11 7.14 -43.63
CA GLU A 147 -4.14 6.41 -42.84
C GLU A 147 -3.70 7.28 -41.66
N PRO A 148 -3.70 6.76 -40.44
CA PRO A 148 -3.43 7.61 -39.27
C PRO A 148 -2.05 8.26 -39.35
N SER A 149 -2.00 9.52 -38.91
CA SER A 149 -0.75 10.27 -38.87
C SER A 149 -0.95 11.46 -37.95
N GLU A 150 0.07 12.32 -37.86
CA GLU A 150 0.06 13.41 -36.89
C GLU A 150 -1.05 14.41 -37.16
N LYS A 151 -1.51 14.52 -38.41
CA LYS A 151 -2.55 15.49 -38.72
C LYS A 151 -3.86 15.19 -38.01
N ASP A 152 -4.07 13.93 -37.59
CA ASP A 152 -5.26 13.59 -36.82
C ASP A 152 -5.25 14.20 -35.43
N ALA A 153 -4.09 14.60 -34.94
CA ALA A 153 -3.97 15.29 -33.66
C ALA A 153 -4.07 16.80 -33.79
N LEU A 154 -4.15 17.32 -35.01
CA LEU A 154 -4.22 18.77 -35.24
C LEU A 154 -5.67 19.24 -35.27
N GLN A 155 -6.37 18.98 -34.18
CA GLN A 155 -7.75 19.38 -34.03
C GLN A 155 -7.88 20.50 -33.00
N PRO A 156 -8.82 21.42 -33.17
CA PRO A 156 -9.06 22.43 -32.14
C PRO A 156 -9.63 21.79 -30.89
N GLY A 157 -9.38 22.43 -29.75
CA GLY A 157 -9.88 21.92 -28.48
C GLY A 157 -11.38 21.79 -28.43
N ARG A 158 -12.10 22.50 -29.30
CA ARG A 158 -13.55 22.35 -29.39
C ARG A 158 -13.95 20.91 -29.72
N ASN A 159 -13.07 20.17 -30.38
CA ASN A 159 -13.36 18.81 -30.82
C ASN A 159 -13.13 17.76 -29.74
N LEU A 160 -12.72 18.17 -28.55
CA LEU A 160 -12.39 17.21 -27.50
C LEU A 160 -13.63 16.43 -27.08
N VAL A 161 -13.46 15.12 -26.91
CA VAL A 161 -14.51 14.27 -26.38
C VAL A 161 -14.40 14.16 -24.86
N ALA A 162 -13.17 14.09 -24.35
CA ALA A 162 -12.91 14.06 -22.93
C ALA A 162 -11.53 14.65 -22.67
N ALA A 163 -11.34 15.18 -21.48
CA ALA A 163 -10.04 15.73 -21.08
C ALA A 163 -10.00 15.82 -19.57
N GLY A 164 -8.80 16.03 -19.05
CA GLY A 164 -8.63 16.18 -17.63
C GLY A 164 -7.19 15.94 -17.23
N TYR A 165 -7.01 15.67 -15.95
CA TYR A 165 -5.66 15.51 -15.42
C TYR A 165 -5.70 14.66 -14.17
N ALA A 166 -4.55 14.08 -13.85
CA ALA A 166 -4.31 13.45 -12.57
C ALA A 166 -3.31 14.30 -11.80
N LEU A 167 -3.60 14.59 -10.54
CA LEU A 167 -2.73 15.38 -9.70
C LEU A 167 -2.12 14.49 -8.63
N TYR A 168 -0.80 14.39 -8.61
CA TYR A 168 -0.08 13.63 -7.59
C TYR A 168 0.45 14.63 -6.56
N GLY A 169 -0.47 15.10 -5.70
CA GLY A 169 -0.11 16.02 -4.64
C GLY A 169 -0.08 15.35 -3.29
N SER A 170 -0.66 16.01 -2.27
CA SER A 170 -0.76 15.39 -0.96
C SER A 170 -1.55 14.09 -1.05
N ALA A 171 -2.56 14.06 -1.91
CA ALA A 171 -3.20 12.83 -2.35
C ALA A 171 -3.26 12.85 -3.87
N THR A 172 -3.68 11.73 -4.44
CA THR A 172 -3.82 11.62 -5.89
C THR A 172 -5.28 11.76 -6.27
N MET A 173 -5.57 12.68 -7.19
CA MET A 173 -6.92 12.92 -7.66
C MET A 173 -6.93 12.93 -9.18
N LEU A 174 -7.97 12.33 -9.76
CA LEU A 174 -8.21 12.42 -11.19
C LEU A 174 -9.41 13.33 -11.41
N VAL A 175 -9.21 14.35 -12.24
CA VAL A 175 -10.26 15.26 -12.65
C VAL A 175 -10.59 14.93 -14.10
N LEU A 176 -11.84 14.54 -14.35
CA LEU A 176 -12.28 14.14 -15.69
C LEU A 176 -13.38 15.07 -16.15
N ALA A 177 -13.19 15.68 -17.32
CA ALA A 177 -14.14 16.59 -17.91
C ALA A 177 -14.70 15.99 -19.19
N MET A 178 -16.03 15.95 -19.30
CA MET A 178 -16.72 15.50 -20.50
C MET A 178 -17.92 16.42 -20.73
N ASP A 179 -18.80 16.02 -21.64
CA ASP A 179 -20.00 16.81 -21.91
C ASP A 179 -20.88 16.93 -20.67
N CYS A 180 -20.89 15.90 -19.82
CA CYS A 180 -21.70 15.93 -18.61
C CYS A 180 -21.15 16.86 -17.54
N GLY A 181 -19.95 17.39 -17.72
CA GLY A 181 -19.37 18.29 -16.73
C GLY A 181 -18.04 17.81 -16.20
N VAL A 182 -17.62 18.37 -15.06
CA VAL A 182 -16.34 18.04 -14.44
C VAL A 182 -16.59 17.24 -13.17
N ASN A 183 -15.91 16.11 -13.03
CA ASN A 183 -16.05 15.25 -11.86
C ASN A 183 -14.68 14.90 -11.33
N CYS A 184 -14.53 14.95 -10.01
CA CYS A 184 -13.25 14.74 -9.33
C CYS A 184 -13.29 13.45 -8.53
N PHE A 185 -12.26 12.62 -8.71
CA PHE A 185 -12.18 11.31 -8.08
C PHE A 185 -10.90 11.23 -7.25
N MET A 186 -11.03 10.82 -6.00
CA MET A 186 -9.89 10.67 -5.10
C MET A 186 -9.42 9.22 -5.14
N LEU A 187 -8.13 9.02 -5.36
CA LEU A 187 -7.57 7.68 -5.39
C LEU A 187 -7.41 7.17 -3.97
N ASP A 188 -8.07 6.04 -3.67
CA ASP A 188 -7.89 5.36 -2.40
C ASP A 188 -6.77 4.33 -2.58
N PRO A 189 -5.57 4.61 -2.06
CA PRO A 189 -4.44 3.69 -2.28
C PRO A 189 -4.64 2.34 -1.63
N ALA A 190 -5.45 2.24 -0.57
CA ALA A 190 -5.63 0.97 0.11
C ALA A 190 -6.26 -0.07 -0.80
N ILE A 191 -7.09 0.37 -1.76
CA ILE A 191 -7.78 -0.53 -2.67
C ILE A 191 -7.55 -0.19 -4.12
N GLY A 192 -6.75 0.83 -4.43
CA GLY A 192 -6.52 1.20 -5.81
C GLY A 192 -7.78 1.61 -6.55
N GLU A 193 -8.63 2.40 -5.91
CA GLU A 193 -9.92 2.79 -6.47
C GLU A 193 -10.04 4.31 -6.44
N PHE A 194 -10.45 4.88 -7.57
CA PHE A 194 -10.79 6.30 -7.61
C PHE A 194 -12.21 6.49 -7.13
N ILE A 195 -12.39 7.26 -6.06
CA ILE A 195 -13.69 7.46 -5.44
C ILE A 195 -14.22 8.83 -5.82
N LEU A 196 -15.42 8.87 -6.37
CA LEU A 196 -16.05 10.15 -6.72
C LEU A 196 -16.32 10.95 -5.46
N VAL A 197 -15.72 12.13 -5.37
CA VAL A 197 -15.84 12.97 -4.18
C VAL A 197 -16.40 14.36 -4.48
N ASP A 198 -16.31 14.85 -5.72
CA ASP A 198 -16.88 16.14 -6.08
C ASP A 198 -17.56 15.98 -7.45
N LYS A 199 -18.88 16.18 -7.49
CA LYS A 199 -19.66 15.98 -8.70
C LYS A 199 -19.98 17.31 -9.37
N ASP A 200 -19.92 17.32 -10.69
CA ASP A 200 -20.36 18.44 -11.53
C ASP A 200 -19.85 19.76 -10.99
N VAL A 201 -18.54 19.84 -10.81
CA VAL A 201 -17.96 20.98 -10.10
C VAL A 201 -17.95 22.21 -10.99
N LYS A 202 -18.10 23.37 -10.36
CA LYS A 202 -18.13 24.65 -11.04
C LYS A 202 -17.17 25.60 -10.36
N ILE A 203 -16.42 26.36 -11.16
CA ILE A 203 -15.47 27.32 -10.62
C ILE A 203 -16.20 28.57 -10.14
N LYS A 204 -15.58 29.29 -9.21
CA LYS A 204 -16.15 30.54 -8.73
C LYS A 204 -16.23 31.56 -9.85
N LYS A 205 -17.22 32.45 -9.75
CA LYS A 205 -17.33 33.55 -10.70
C LYS A 205 -16.11 34.45 -10.63
N LYS A 206 -15.62 34.73 -9.42
CA LYS A 206 -14.45 35.56 -9.23
C LYS A 206 -13.63 35.02 -8.07
N GLY A 207 -12.31 34.99 -8.24
CA GLY A 207 -11.41 34.46 -7.25
C GLY A 207 -10.63 35.55 -6.52
N LYS A 208 -9.66 35.10 -5.73
CA LYS A 208 -8.82 36.01 -4.96
C LYS A 208 -7.35 35.62 -5.00
N ILE A 209 -6.94 34.81 -5.98
CA ILE A 209 -5.56 34.36 -6.12
C ILE A 209 -5.15 34.53 -7.58
N TYR A 210 -3.94 35.06 -7.79
CA TYR A 210 -3.33 35.10 -9.11
C TYR A 210 -2.08 34.23 -9.10
N SER A 211 -1.80 33.61 -10.25
CA SER A 211 -0.75 32.61 -10.34
C SER A 211 0.03 32.81 -11.63
N LEU A 212 1.31 33.20 -11.51
CA LEU A 212 2.23 33.29 -12.63
C LEU A 212 3.63 33.44 -12.08
N ASN A 213 4.63 33.20 -12.95
CA ASN A 213 6.03 33.32 -12.57
C ASN A 213 6.41 34.80 -12.64
N GLU A 214 6.39 35.47 -11.49
CA GLU A 214 6.76 36.88 -11.45
C GLU A 214 8.26 37.11 -11.60
N GLY A 215 9.07 36.04 -11.61
CA GLY A 215 10.48 36.20 -11.90
C GLY A 215 10.76 36.70 -13.29
N TYR A 216 9.79 36.60 -14.20
CA TYR A 216 9.92 37.10 -15.56
C TYR A 216 9.41 38.53 -15.72
N ALA A 217 9.28 39.27 -14.60
CA ALA A 217 8.63 40.57 -14.65
C ALA A 217 9.37 41.56 -15.55
N ARG A 218 10.70 41.43 -15.66
CA ARG A 218 11.45 42.35 -16.50
C ARG A 218 11.05 42.23 -17.96
N ASP A 219 10.67 41.04 -18.42
CA ASP A 219 10.25 40.82 -19.79
C ASP A 219 8.73 40.74 -19.93
N PHE A 220 7.99 41.17 -18.91
CA PHE A 220 6.53 41.08 -18.95
C PHE A 220 5.96 41.78 -20.17
N ASP A 221 4.95 41.18 -20.76
CA ASP A 221 4.09 41.89 -21.69
C ASP A 221 3.42 43.05 -20.96
N PRO A 222 3.25 44.21 -21.59
CA PRO A 222 2.70 45.37 -20.86
C PRO A 222 1.34 45.11 -20.25
N ALA A 223 0.49 44.30 -20.88
CA ALA A 223 -0.80 43.97 -20.30
C ALA A 223 -0.65 43.16 -19.02
N VAL A 224 0.32 42.24 -19.00
CA VAL A 224 0.57 41.45 -17.80
C VAL A 224 1.07 42.33 -16.66
N THR A 225 1.99 43.25 -16.96
CA THR A 225 2.47 44.17 -15.94
C THR A 225 1.34 44.96 -15.33
N GLU A 226 0.48 45.55 -16.16
CA GLU A 226 -0.64 46.35 -15.65
C GLU A 226 -1.61 45.49 -14.86
N TYR A 227 -1.97 44.32 -15.40
CA TYR A 227 -2.97 43.48 -14.73
C TYR A 227 -2.49 43.01 -13.37
N ILE A 228 -1.25 42.53 -13.30
CA ILE A 228 -0.72 42.06 -12.01
C ILE A 228 -0.57 43.24 -11.05
N GLN A 229 -0.22 44.42 -11.56
CA GLN A 229 -0.15 45.60 -10.72
C GLN A 229 -1.49 45.90 -10.04
N ARG A 230 -2.60 45.70 -10.77
CA ARG A 230 -3.91 45.92 -10.18
C ARG A 230 -4.25 44.86 -9.14
N LYS A 231 -3.78 43.63 -9.34
CA LYS A 231 -4.02 42.58 -8.34
C LYS A 231 -3.30 42.89 -7.04
N LYS A 232 -2.10 43.46 -7.12
CA LYS A 232 -1.31 43.77 -5.93
C LYS A 232 -1.62 45.14 -5.36
N PHE A 233 -1.99 46.11 -6.21
CA PHE A 233 -2.31 47.47 -5.80
C PHE A 233 -3.65 47.86 -6.40
N PRO A 234 -4.75 47.33 -5.87
CA PRO A 234 -6.06 47.63 -6.45
C PRO A 234 -6.42 49.10 -6.32
N PRO A 235 -6.91 49.72 -7.39
CA PRO A 235 -7.42 51.10 -7.28
C PRO A 235 -8.68 51.21 -6.43
N ASP A 236 -9.34 50.10 -6.14
CA ASP A 236 -10.51 50.10 -5.27
C ASP A 236 -10.06 50.26 -3.82
N ASN A 237 -10.99 50.05 -2.91
CA ASN A 237 -10.65 49.75 -1.51
C ASN A 237 -10.67 48.26 -1.25
N SER A 238 -10.43 47.44 -2.28
CA SER A 238 -10.47 45.99 -2.15
C SER A 238 -9.13 45.46 -1.69
N ALA A 239 -9.17 44.26 -1.12
CA ALA A 239 -7.95 43.61 -0.68
C ALA A 239 -7.14 43.14 -1.89
N PRO A 240 -5.81 43.21 -1.82
CA PRO A 240 -4.98 42.63 -2.88
C PRO A 240 -5.16 41.13 -2.95
N TYR A 241 -5.06 40.59 -4.16
CA TYR A 241 -5.10 39.15 -4.34
C TYR A 241 -3.88 38.49 -3.69
N GLY A 242 -4.10 37.30 -3.15
CA GLY A 242 -2.98 36.48 -2.75
C GLY A 242 -2.28 35.88 -3.94
N ALA A 243 -1.02 35.47 -3.73
CA ALA A 243 -0.19 34.93 -4.79
C ALA A 243 0.17 33.48 -4.49
N ARG A 244 0.10 32.64 -5.52
CA ARG A 244 0.50 31.24 -5.44
C ARG A 244 1.10 30.86 -6.78
N TYR A 245 2.27 30.20 -6.76
CA TYR A 245 2.82 29.67 -8.01
C TYR A 245 3.63 28.42 -7.66
N VAL A 246 2.97 27.26 -7.79
CA VAL A 246 3.60 26.00 -7.46
C VAL A 246 4.72 25.67 -8.45
N GLY A 247 4.54 26.03 -9.72
CA GLY A 247 5.49 25.70 -10.76
C GLY A 247 5.15 24.46 -11.55
N SER A 248 4.12 23.73 -11.17
CA SER A 248 3.56 22.64 -11.97
C SER A 248 2.17 23.05 -12.43
N MET A 249 1.93 22.97 -13.74
CA MET A 249 0.67 23.46 -14.29
C MET A 249 -0.52 22.75 -13.67
N VAL A 250 -0.42 21.43 -13.48
CA VAL A 250 -1.53 20.65 -12.93
C VAL A 250 -1.90 21.17 -11.55
N ALA A 251 -0.90 21.38 -10.69
CA ALA A 251 -1.18 21.84 -9.33
C ALA A 251 -1.75 23.24 -9.32
N ASP A 252 -1.17 24.15 -10.12
CA ASP A 252 -1.66 25.52 -10.14
C ASP A 252 -3.06 25.62 -10.75
N VAL A 253 -3.33 24.82 -11.78
CA VAL A 253 -4.65 24.84 -12.41
C VAL A 253 -5.68 24.21 -11.48
N HIS A 254 -5.33 23.11 -10.80
CA HIS A 254 -6.28 22.48 -9.90
C HIS A 254 -6.66 23.41 -8.75
N ARG A 255 -5.68 24.13 -8.19
CA ARG A 255 -5.99 25.11 -7.16
C ARG A 255 -6.91 26.19 -7.71
N THR A 256 -6.70 26.60 -8.97
CA THR A 256 -7.58 27.58 -9.59
C THR A 256 -9.00 27.06 -9.70
N LEU A 257 -9.16 25.78 -10.06
CA LEU A 257 -10.49 25.18 -10.11
C LEU A 257 -11.13 25.15 -8.73
N VAL A 258 -10.38 24.76 -7.71
CA VAL A 258 -10.94 24.55 -6.38
C VAL A 258 -11.25 25.89 -5.72
N TYR A 259 -10.34 26.85 -5.80
CA TYR A 259 -10.47 28.11 -5.07
C TYR A 259 -10.93 29.28 -5.92
N GLY A 260 -10.90 29.15 -7.24
CA GLY A 260 -11.12 30.31 -8.09
C GLY A 260 -9.85 31.11 -8.25
N GLY A 261 -9.94 32.14 -9.08
CA GLY A 261 -8.81 32.98 -9.37
C GLY A 261 -8.37 32.86 -10.82
N ILE A 262 -7.10 33.19 -11.04
CA ILE A 262 -6.55 33.27 -12.39
C ILE A 262 -5.17 32.63 -12.41
N PHE A 263 -4.89 31.89 -13.48
CA PHE A 263 -3.58 31.33 -13.74
C PHE A 263 -3.09 31.86 -15.08
N LEU A 264 -1.81 32.25 -15.14
CA LEU A 264 -1.25 32.82 -16.36
C LEU A 264 0.10 32.20 -16.66
N TYR A 265 0.28 31.75 -17.91
CA TYR A 265 1.59 31.61 -18.52
C TYR A 265 1.50 32.38 -19.84
N PRO A 266 1.69 33.68 -19.79
CA PRO A 266 1.39 34.53 -20.95
C PRO A 266 2.55 34.55 -21.95
N ALA A 267 2.31 35.23 -23.05
CA ALA A 267 3.37 35.51 -24.00
C ALA A 267 4.17 36.73 -23.54
N ASN A 268 5.40 36.82 -24.05
CA ASN A 268 6.20 38.03 -23.94
C ASN A 268 6.99 38.20 -25.23
N LYS A 269 7.84 39.22 -25.28
CA LYS A 269 8.54 39.52 -26.52
C LYS A 269 9.50 38.40 -26.89
N LYS A 270 10.17 37.81 -25.91
CA LYS A 270 11.08 36.69 -26.20
C LYS A 270 10.31 35.43 -26.55
N SER A 271 9.12 35.25 -25.99
CA SER A 271 8.30 34.06 -26.21
C SER A 271 6.92 34.49 -26.69
N PRO A 272 6.78 34.81 -27.98
CA PRO A 272 5.50 35.35 -28.47
C PRO A 272 4.33 34.38 -28.38
N ASN A 273 4.59 33.08 -28.27
CA ASN A 273 3.54 32.08 -28.11
C ASN A 273 3.53 31.47 -26.71
N GLY A 274 4.13 32.15 -25.73
CA GLY A 274 4.22 31.58 -24.41
C GLY A 274 5.14 30.37 -24.39
N LYS A 275 4.92 29.51 -23.39
CA LYS A 275 5.70 28.29 -23.24
C LYS A 275 4.85 27.03 -23.33
N LEU A 276 3.69 27.00 -22.69
CA LEU A 276 2.93 25.76 -22.56
C LEU A 276 2.37 25.32 -23.93
N ARG A 277 2.22 24.01 -24.08
CA ARG A 277 1.89 23.40 -25.36
C ARG A 277 0.38 23.27 -25.52
N LEU A 278 -0.10 23.57 -26.72
CA LEU A 278 -1.54 23.61 -26.97
C LEU A 278 -2.17 22.24 -26.82
N LEU A 279 -1.56 21.21 -27.42
CA LEU A 279 -2.24 19.93 -27.58
C LEU A 279 -2.49 19.24 -26.24
N TYR A 280 -1.48 19.17 -25.39
CA TYR A 280 -1.57 18.34 -24.20
C TYR A 280 -1.40 19.10 -22.89
N GLU A 281 -1.26 20.43 -22.92
CA GLU A 281 -1.33 21.22 -21.70
C GLU A 281 -2.47 22.22 -21.74
N CYS A 282 -2.52 23.09 -22.77
CA CYS A 282 -3.47 24.20 -22.75
C CYS A 282 -4.88 23.74 -23.08
N ASN A 283 -5.04 22.95 -24.15
CA ASN A 283 -6.37 22.48 -24.52
C ASN A 283 -7.03 21.65 -23.44
N PRO A 284 -6.39 20.65 -22.83
CA PRO A 284 -7.08 19.91 -21.76
C PRO A 284 -7.49 20.77 -20.59
N MET A 285 -6.64 21.71 -20.17
CA MET A 285 -6.98 22.58 -19.05
C MET A 285 -8.07 23.57 -19.44
N ALA A 286 -8.03 24.07 -20.68
CA ALA A 286 -9.09 24.94 -21.16
C ALA A 286 -10.43 24.20 -21.21
N TYR A 287 -10.40 22.94 -21.62
CA TYR A 287 -11.63 22.14 -21.67
C TYR A 287 -12.21 21.93 -20.29
N VAL A 288 -11.36 21.59 -19.30
CA VAL A 288 -11.83 21.45 -17.93
C VAL A 288 -12.40 22.77 -17.43
N MET A 289 -11.69 23.88 -17.69
CA MET A 289 -12.14 25.18 -17.21
C MET A 289 -13.50 25.54 -17.78
N GLU A 290 -13.67 25.36 -19.09
CA GLU A 290 -14.93 25.75 -19.73
C GLU A 290 -16.08 24.86 -19.29
N LYS A 291 -15.84 23.55 -19.13
CA LYS A 291 -16.88 22.68 -18.61
C LYS A 291 -17.23 23.00 -17.17
N ALA A 292 -16.33 23.65 -16.43
CA ALA A 292 -16.58 24.06 -15.06
C ALA A 292 -17.15 25.47 -14.97
N GLY A 293 -17.46 26.10 -16.10
CA GLY A 293 -17.94 27.47 -16.09
C GLY A 293 -16.86 28.52 -16.04
N GLY A 294 -15.60 28.14 -16.28
CA GLY A 294 -14.50 29.08 -16.35
C GLY A 294 -14.17 29.46 -17.78
N MET A 295 -13.05 30.18 -17.92
CA MET A 295 -12.58 30.62 -19.22
C MET A 295 -11.10 30.31 -19.37
N ALA A 296 -10.64 30.31 -20.62
CA ALA A 296 -9.23 30.10 -20.94
C ALA A 296 -8.96 30.75 -22.29
N THR A 297 -8.07 31.73 -22.31
CA THR A 297 -7.82 32.53 -23.50
C THR A 297 -6.32 32.64 -23.76
N THR A 298 -5.98 32.84 -25.03
CA THR A 298 -4.63 33.20 -25.43
C THR A 298 -4.44 34.71 -25.49
N GLY A 299 -5.46 35.47 -25.12
CA GLY A 299 -5.47 36.90 -25.39
C GLY A 299 -6.21 37.21 -26.68
N LYS A 300 -5.77 36.60 -27.78
CA LYS A 300 -6.43 36.84 -29.06
C LYS A 300 -7.74 36.05 -29.21
N GLU A 301 -7.81 34.87 -28.62
CA GLU A 301 -8.99 34.01 -28.80
C GLU A 301 -9.03 33.00 -27.68
N ALA A 302 -10.13 32.24 -27.63
CA ALA A 302 -10.22 31.13 -26.70
C ALA A 302 -9.22 30.05 -27.09
N VAL A 303 -8.64 29.40 -26.07
CA VAL A 303 -7.65 28.35 -26.32
C VAL A 303 -8.24 27.25 -27.18
N LEU A 304 -9.48 26.85 -26.89
CA LEU A 304 -10.11 25.74 -27.58
C LEU A 304 -10.43 26.03 -29.05
N ASP A 305 -10.40 27.30 -29.46
CA ASP A 305 -10.65 27.65 -30.85
C ASP A 305 -9.39 27.70 -31.71
N VAL A 306 -8.20 27.58 -31.10
CA VAL A 306 -6.98 27.60 -31.88
C VAL A 306 -6.89 26.32 -32.70
N ILE A 307 -6.64 26.47 -34.00
CA ILE A 307 -6.42 25.34 -34.90
C ILE A 307 -4.92 25.12 -35.01
N PRO A 308 -4.37 24.05 -34.46
CA PRO A 308 -2.91 23.88 -34.46
C PRO A 308 -2.38 23.40 -35.80
N THR A 309 -1.12 23.76 -36.06
CA THR A 309 -0.41 23.29 -37.24
C THR A 309 0.80 22.44 -36.91
N ASP A 310 1.21 22.38 -35.64
CA ASP A 310 2.33 21.56 -35.19
C ASP A 310 1.92 20.91 -33.87
N ILE A 311 2.27 19.64 -33.71
CA ILE A 311 1.82 18.88 -32.54
C ILE A 311 2.45 19.40 -31.25
N HIS A 312 3.58 20.08 -31.32
CA HIS A 312 4.24 20.63 -30.14
C HIS A 312 4.15 22.15 -30.08
N GLN A 313 3.22 22.75 -30.82
CA GLN A 313 3.14 24.20 -30.87
C GLN A 313 2.69 24.76 -29.52
N ARG A 314 3.23 25.93 -29.18
CA ARG A 314 2.97 26.55 -27.89
C ARG A 314 1.79 27.54 -28.01
N ALA A 315 1.25 27.89 -26.86
CA ALA A 315 0.17 28.85 -26.80
C ALA A 315 0.20 29.58 -25.47
N PRO A 316 0.02 30.90 -25.46
CA PRO A 316 -0.22 31.59 -24.19
C PRO A 316 -1.55 31.14 -23.61
N VAL A 317 -1.60 31.07 -22.28
CA VAL A 317 -2.83 30.62 -21.63
C VAL A 317 -3.09 31.51 -20.41
N ILE A 318 -4.29 32.08 -20.36
CA ILE A 318 -4.81 32.75 -19.18
C ILE A 318 -6.16 32.11 -18.88
N LEU A 319 -6.29 31.50 -17.71
CA LEU A 319 -7.48 30.72 -17.39
C LEU A 319 -7.89 30.95 -15.95
N GLY A 320 -9.12 30.57 -15.64
CA GLY A 320 -9.63 30.66 -14.30
C GLY A 320 -11.05 31.17 -14.20
N SER A 321 -11.35 31.88 -13.11
CA SER A 321 -12.69 32.40 -12.90
C SER A 321 -13.05 33.37 -14.03
N PRO A 322 -14.29 33.31 -14.54
CA PRO A 322 -14.63 34.14 -15.71
C PRO A 322 -14.47 35.64 -15.47
N ASP A 323 -14.79 36.15 -14.28
CA ASP A 323 -14.63 37.57 -14.03
C ASP A 323 -13.16 37.98 -14.05
N ASP A 324 -12.28 37.12 -13.54
CA ASP A 324 -10.86 37.43 -13.56
C ASP A 324 -10.30 37.39 -14.97
N VAL A 325 -10.68 36.37 -15.76
CA VAL A 325 -10.20 36.27 -17.14
C VAL A 325 -10.72 37.44 -17.96
N LEU A 326 -11.99 37.80 -17.80
CA LEU A 326 -12.55 38.94 -18.51
C LEU A 326 -11.87 40.24 -18.11
N GLU A 327 -11.50 40.36 -16.83
CA GLU A 327 -10.76 41.54 -16.40
C GLU A 327 -9.40 41.62 -17.06
N PHE A 328 -8.70 40.48 -17.17
CA PHE A 328 -7.41 40.49 -17.87
C PHE A 328 -7.59 40.87 -19.33
N LEU A 329 -8.61 40.33 -19.98
CA LEU A 329 -8.84 40.64 -21.39
C LEU A 329 -9.14 42.12 -21.58
N LYS A 330 -9.79 42.76 -20.60
CA LYS A 330 -9.97 44.21 -20.65
C LYS A 330 -8.63 44.92 -20.65
N VAL A 331 -7.72 44.52 -19.76
CA VAL A 331 -6.39 45.11 -19.74
C VAL A 331 -5.63 44.74 -21.00
N TYR A 332 -5.78 43.49 -21.46
CA TYR A 332 -5.13 43.06 -22.69
C TYR A 332 -5.57 43.91 -23.87
N GLU A 333 -6.88 44.17 -23.97
CA GLU A 333 -7.39 45.01 -25.06
C GLU A 333 -6.82 46.42 -24.98
N LYS A 334 -6.61 46.93 -23.77
CA LYS A 334 -6.10 48.29 -23.60
C LYS A 334 -4.74 48.45 -24.27
N HIS A 335 -3.89 47.43 -24.17
CA HIS A 335 -2.59 47.43 -24.84
C HIS A 335 -2.64 46.81 -26.23
N SER A 336 -3.83 46.67 -26.80
CA SER A 336 -4.03 46.03 -28.11
C SER A 336 -3.60 44.56 -28.06
N ASP B 10 26.01 0.54 1.57
CA ASP B 10 25.00 -0.22 2.32
C ASP B 10 23.71 0.56 2.46
N VAL B 11 22.59 -0.15 2.26
CA VAL B 11 21.28 0.46 2.52
C VAL B 11 21.19 0.85 3.99
N ASN B 12 20.61 2.02 4.24
CA ASN B 12 20.39 2.50 5.59
C ASN B 12 18.96 2.97 5.74
N THR B 13 18.36 2.68 6.87
CA THR B 13 17.01 3.11 7.19
C THR B 13 17.05 4.16 8.30
N LEU B 14 15.93 4.86 8.47
CA LEU B 14 15.83 5.82 9.56
C LEU B 14 16.00 5.14 10.92
N THR B 15 15.39 3.97 11.07
CA THR B 15 15.50 3.25 12.34
C THR B 15 16.94 2.86 12.64
N ARG B 16 17.66 2.32 11.63
CA ARG B 16 19.06 1.97 11.84
C ARG B 16 19.91 3.21 12.05
N PHE B 17 19.68 4.26 11.26
CA PHE B 17 20.48 5.48 11.37
C PHE B 17 20.33 6.11 12.74
N VAL B 18 19.09 6.26 13.21
CA VAL B 18 18.85 6.89 14.51
C VAL B 18 19.48 6.06 15.62
N MET B 19 19.33 4.74 15.55
CA MET B 19 19.88 3.87 16.58
C MET B 19 21.41 3.95 16.61
N GLU B 20 22.05 3.93 15.44
CA GLU B 20 23.51 4.01 15.39
C GLU B 20 24.02 5.33 15.94
N GLU B 21 23.34 6.43 15.60
CA GLU B 21 23.72 7.73 16.15
C GLU B 21 23.57 7.75 17.66
N GLY B 22 22.50 7.13 18.18
CA GLY B 22 22.33 7.04 19.62
C GLY B 22 23.43 6.22 20.28
N ARG B 23 23.86 5.14 19.63
CA ARG B 23 24.96 4.34 20.16
C ARG B 23 26.26 5.15 20.16
N LYS B 24 26.49 5.93 19.11
CA LYS B 24 27.68 6.78 19.06
C LYS B 24 27.66 7.80 20.20
N ALA B 25 26.51 8.43 20.43
CA ALA B 25 26.40 9.47 21.46
C ALA B 25 26.37 8.91 22.87
N ARG B 26 26.32 7.58 23.02
CA ARG B 26 26.21 6.93 24.32
C ARG B 26 24.99 7.43 25.09
N GLY B 27 23.88 7.62 24.36
CA GLY B 27 22.64 7.95 25.00
C GLY B 27 22.03 6.76 25.71
N THR B 28 21.10 7.05 26.61
CA THR B 28 20.39 6.00 27.32
C THR B 28 19.31 5.33 26.47
N GLY B 29 19.08 5.83 25.26
CA GLY B 29 18.04 5.32 24.40
C GLY B 29 16.73 6.09 24.46
N GLU B 30 16.64 7.12 25.30
CA GLU B 30 15.39 7.84 25.45
C GLU B 30 15.08 8.67 24.20
N LEU B 31 16.07 9.41 23.70
CA LEU B 31 15.86 10.18 22.48
C LEU B 31 15.65 9.27 21.28
N THR B 32 16.31 8.11 21.25
CA THR B 32 16.08 7.15 20.18
C THR B 32 14.63 6.66 20.17
N GLN B 33 14.08 6.39 21.35
CA GLN B 33 12.66 6.02 21.43
C GLN B 33 11.77 7.17 20.97
N LEU B 34 12.14 8.41 21.31
CA LEU B 34 11.40 9.58 20.84
CA LEU B 34 11.38 9.56 20.84
C LEU B 34 11.35 9.62 19.32
N LEU B 35 12.51 9.49 18.68
CA LEU B 35 12.57 9.58 17.22
C LEU B 35 11.86 8.40 16.57
N ASN B 36 11.97 7.20 17.14
CA ASN B 36 11.26 6.05 16.61
C ASN B 36 9.75 6.27 16.67
N SER B 37 9.25 6.79 17.80
CA SER B 37 7.82 7.08 17.92
C SER B 37 7.39 8.15 16.93
N LEU B 38 8.20 9.20 16.77
CA LEU B 38 7.85 10.26 15.83
C LEU B 38 7.83 9.73 14.39
N CYS B 39 8.78 8.85 14.06
CA CYS B 39 8.81 8.26 12.72
C CYS B 39 7.54 7.46 12.44
N THR B 40 7.08 6.70 13.44
CA THR B 40 5.85 5.92 13.26
C THR B 40 4.64 6.82 13.04
N ALA B 41 4.54 7.91 13.82
CA ALA B 41 3.42 8.83 13.66
C ALA B 41 3.43 9.48 12.27
N VAL B 42 4.62 9.83 11.78
CA VAL B 42 4.74 10.46 10.46
C VAL B 42 4.24 9.52 9.36
N LYS B 43 4.60 8.23 9.45
CA LYS B 43 4.08 7.26 8.50
C LYS B 43 2.56 7.16 8.58
N ALA B 44 2.01 7.23 9.79
CA ALA B 44 0.55 7.19 9.94
C ALA B 44 -0.09 8.44 9.35
N ILE B 45 0.54 9.61 9.54
CA ILE B 45 0.03 10.84 8.94
C ILE B 45 0.09 10.76 7.43
N SER B 46 1.21 10.26 6.89
CA SER B 46 1.36 10.14 5.45
C SER B 46 0.24 9.28 4.86
N SER B 47 -0.05 8.15 5.49
CA SER B 47 -1.12 7.28 5.01
C SER B 47 -2.47 8.01 5.02
N ALA B 48 -2.74 8.78 6.08
CA ALA B 48 -4.00 9.50 6.17
C ALA B 48 -4.05 10.66 5.18
N VAL B 49 -2.96 11.43 5.08
CA VAL B 49 -2.91 12.56 4.16
C VAL B 49 -3.18 12.11 2.74
N ARG B 50 -2.65 10.94 2.39
CA ARG B 50 -2.81 10.40 1.07
C ARG B 50 -4.16 9.67 0.88
N LYS B 51 -5.07 9.78 1.86
CA LYS B 51 -6.46 9.37 1.73
C LYS B 51 -6.65 7.86 1.67
N ALA B 52 -5.78 7.10 2.34
CA ALA B 52 -6.02 5.67 2.46
C ALA B 52 -7.30 5.42 3.24
N GLY B 53 -8.16 4.55 2.71
CA GLY B 53 -9.43 4.26 3.34
C GLY B 53 -10.52 5.28 3.13
N ILE B 54 -10.31 6.27 2.25
CA ILE B 54 -11.34 7.28 2.00
C ILE B 54 -12.60 6.66 1.42
N ALA B 55 -12.49 5.50 0.78
CA ALA B 55 -13.66 4.83 0.25
C ALA B 55 -14.67 4.50 1.34
N HIS B 56 -14.20 4.19 2.55
CA HIS B 56 -15.12 3.90 3.64
C HIS B 56 -15.85 5.16 4.12
N LEU B 57 -15.18 6.32 4.06
CA LEU B 57 -15.86 7.56 4.41
C LEU B 57 -16.98 7.88 3.44
N TYR B 58 -16.87 7.42 2.19
CA TYR B 58 -17.87 7.73 1.17
C TYR B 58 -18.85 6.57 0.95
N GLY B 59 -18.89 5.61 1.87
CA GLY B 59 -19.98 4.64 1.91
C GLY B 59 -19.75 3.35 1.14
N ILE B 60 -18.51 2.89 1.02
CA ILE B 60 -18.26 1.65 0.27
C ILE B 60 -18.88 0.45 0.98
N ALA B 61 -19.00 0.51 2.31
CA ALA B 61 -19.57 -0.58 3.10
C ALA B 61 -20.99 -0.31 3.54
N GLY B 62 -21.63 0.74 3.02
CA GLY B 62 -23.00 1.05 3.38
C GLY B 62 -23.17 2.38 4.09
N LYS B 72 -12.81 12.21 11.63
CA LYS B 72 -11.82 13.12 12.17
C LYS B 72 -11.13 13.91 11.06
N LYS B 73 -11.11 15.24 11.21
CA LYS B 73 -10.39 16.08 10.28
C LYS B 73 -8.90 15.73 10.32
N LEU B 74 -8.24 15.88 9.17
CA LEU B 74 -6.82 15.53 9.07
C LEU B 74 -5.99 16.28 10.10
N ASP B 75 -6.35 17.54 10.38
CA ASP B 75 -5.61 18.32 11.37
C ASP B 75 -5.67 17.66 12.74
N VAL B 76 -6.86 17.29 13.20
CA VAL B 76 -7.02 16.70 14.53
C VAL B 76 -6.35 15.32 14.58
N LEU B 77 -6.58 14.50 13.55
CA LEU B 77 -6.01 13.14 13.55
C LEU B 77 -4.49 13.19 13.55
N SER B 78 -3.91 14.09 12.76
CA SER B 78 -2.45 14.23 12.75
C SER B 78 -1.93 14.66 14.12
N ASN B 79 -2.64 15.58 14.77
CA ASN B 79 -2.26 15.99 16.12
C ASN B 79 -2.34 14.81 17.09
N ASP B 80 -3.41 14.02 17.00
CA ASP B 80 -3.57 12.88 17.90
C ASP B 80 -2.47 11.86 17.69
N LEU B 81 -2.08 11.62 16.44
CA LEU B 81 -1.02 10.65 16.16
C LEU B 81 0.29 11.09 16.77
N VAL B 82 0.68 12.35 16.57
CA VAL B 82 1.91 12.85 17.15
C VAL B 82 1.82 12.88 18.67
N MET B 83 0.71 13.40 19.20
CA MET B 83 0.53 13.48 20.65
C MET B 83 0.63 12.11 21.30
N ASN B 84 -0.12 11.13 20.78
CA ASN B 84 -0.16 9.82 21.41
C ASN B 84 1.17 9.09 21.27
N MET B 85 1.77 9.13 20.09
CA MET B 85 3.05 8.45 19.90
C MET B 85 4.14 9.05 20.78
N LEU B 86 4.13 10.38 20.93
CA LEU B 86 5.12 11.03 21.78
C LEU B 86 4.88 10.72 23.25
N LYS B 87 3.62 10.75 23.70
CA LYS B 87 3.32 10.42 25.09
C LYS B 87 3.74 8.99 25.42
N SER B 88 3.37 8.04 24.57
CA SER B 88 3.69 6.63 24.81
C SER B 88 5.17 6.34 24.65
N SER B 89 5.96 7.27 24.10
CA SER B 89 7.40 7.05 23.98
C SER B 89 8.11 7.08 25.32
N PHE B 90 7.48 7.64 26.36
CA PHE B 90 8.07 7.81 27.69
C PHE B 90 9.29 8.71 27.66
N ALA B 91 9.44 9.53 26.61
CA ALA B 91 10.61 10.35 26.42
C ALA B 91 10.33 11.85 26.53
N THR B 92 9.07 12.25 26.71
CA THR B 92 8.69 13.64 26.66
C THR B 92 7.99 14.07 27.95
N CYS B 93 8.00 15.37 28.21
CA CYS B 93 7.31 15.90 29.38
C CYS B 93 6.40 17.07 29.02
N VAL B 94 6.76 17.84 27.99
CA VAL B 94 5.96 18.98 27.54
C VAL B 94 5.86 18.92 26.02
N LEU B 95 4.64 19.09 25.51
CA LEU B 95 4.38 19.02 24.07
C LEU B 95 3.62 20.26 23.65
N VAL B 96 4.15 20.99 22.68
CA VAL B 96 3.52 22.19 22.13
C VAL B 96 3.12 21.90 20.70
N SER B 97 1.84 22.06 20.39
CA SER B 97 1.33 21.84 19.05
C SER B 97 0.56 23.07 18.58
N GLU B 98 0.64 23.33 17.27
CA GLU B 98 -0.16 24.39 16.67
C GLU B 98 -1.65 24.16 16.90
N GLU B 99 -2.07 22.90 17.02
CA GLU B 99 -3.48 22.58 17.17
C GLU B 99 -4.00 22.81 18.58
N ASP B 100 -3.12 22.94 19.57
CA ASP B 100 -3.52 23.05 20.96
C ASP B 100 -3.20 24.45 21.48
N LYS B 101 -4.20 25.08 22.11
CA LYS B 101 -4.04 26.43 22.62
C LYS B 101 -2.92 26.50 23.67
N HIS B 102 -2.92 25.54 24.60
CA HIS B 102 -1.93 25.50 25.67
C HIS B 102 -1.04 24.26 25.51
N ALA B 103 0.13 24.33 26.14
CA ALA B 103 1.04 23.20 26.10
C ALA B 103 0.43 21.99 26.81
N ILE B 104 0.65 20.81 26.24
CA ILE B 104 0.21 19.56 26.83
C ILE B 104 1.29 19.08 27.79
N ILE B 105 0.90 18.80 29.03
CA ILE B 105 1.81 18.30 30.05
C ILE B 105 1.61 16.79 30.16
N VAL B 106 2.67 16.04 29.88
CA VAL B 106 2.58 14.59 29.93
C VAL B 106 2.33 14.13 31.36
N GLU B 107 1.49 13.13 31.53
CA GLU B 107 1.20 12.61 32.86
C GLU B 107 2.49 12.07 33.48
N PRO B 108 2.66 12.21 34.80
CA PRO B 108 3.98 11.91 35.40
C PRO B 108 4.49 10.51 35.15
N GLU B 109 3.59 9.53 35.02
CA GLU B 109 4.03 8.15 34.81
C GLU B 109 4.74 7.95 33.48
N LYS B 110 4.49 8.83 32.51
CA LYS B 110 5.04 8.68 31.17
C LYS B 110 6.05 9.76 30.80
N ARG B 111 6.57 10.49 31.80
CA ARG B 111 7.37 11.66 31.52
C ARG B 111 8.82 11.31 31.22
N GLY B 112 9.36 11.94 30.18
CA GLY B 112 10.77 11.89 29.87
C GLY B 112 11.40 13.26 29.96
N LYS B 113 12.62 13.41 29.44
CA LYS B 113 13.37 14.65 29.59
C LYS B 113 13.09 15.68 28.50
N TYR B 114 12.39 15.32 27.43
CA TYR B 114 12.39 16.14 26.23
C TYR B 114 11.11 16.93 26.06
N VAL B 115 11.26 18.10 25.43
CA VAL B 115 10.15 18.98 25.07
C VAL B 115 10.08 19.02 23.55
N VAL B 116 8.88 18.78 23.01
CA VAL B 116 8.69 18.71 21.57
C VAL B 116 7.67 19.77 21.16
N CYS B 117 8.06 20.62 20.22
CA CYS B 117 7.16 21.61 19.62
C CYS B 117 6.97 21.22 18.16
N PHE B 118 5.72 21.11 17.73
CA PHE B 118 5.47 20.62 16.38
C PHE B 118 4.23 21.25 15.78
N ASP B 119 4.22 21.36 14.45
CA ASP B 119 3.02 21.56 13.67
C ASP B 119 2.65 20.22 13.07
N PRO B 120 1.58 19.56 13.53
CA PRO B 120 1.29 18.20 13.02
C PRO B 120 0.97 18.16 11.54
N LEU B 121 0.38 19.21 10.98
CA LEU B 121 0.08 19.25 9.55
C LEU B 121 0.20 20.71 9.09
N ASP B 122 1.38 21.06 8.60
CA ASP B 122 1.62 22.41 8.10
C ASP B 122 1.13 22.52 6.66
N GLY B 123 0.55 23.67 6.33
CA GLY B 123 -0.03 23.88 5.03
C GLY B 123 -1.45 23.35 4.87
N SER B 124 -2.04 22.79 5.93
CA SER B 124 -3.40 22.28 5.86
C SER B 124 -4.43 23.38 5.65
N SER B 125 -4.04 24.65 5.80
CA SER B 125 -4.96 25.75 5.54
C SER B 125 -5.41 25.79 4.08
N ASN B 126 -4.69 25.09 3.20
CA ASN B 126 -5.08 24.95 1.80
C ASN B 126 -4.99 23.49 1.38
N ILE B 127 -5.41 22.57 2.25
CA ILE B 127 -5.38 21.14 1.94
C ILE B 127 -6.46 20.77 0.94
N ASP B 128 -7.48 21.60 0.76
CA ASP B 128 -8.58 21.29 -0.15
C ASP B 128 -8.16 21.25 -1.61
N CYS B 129 -7.03 21.87 -1.95
CA CYS B 129 -6.51 21.82 -3.31
C CYS B 129 -5.36 20.82 -3.44
N LEU B 130 -5.18 19.95 -2.45
CA LEU B 130 -4.21 18.85 -2.49
C LEU B 130 -2.78 19.34 -2.63
N VAL B 131 -2.52 20.55 -2.12
CA VAL B 131 -1.14 21.04 -2.09
C VAL B 131 -0.33 20.23 -1.09
N SER B 132 0.98 20.23 -1.27
CA SER B 132 1.87 19.54 -0.34
C SER B 132 1.67 20.07 1.07
N VAL B 133 1.63 19.15 2.03
CA VAL B 133 1.57 19.47 3.44
C VAL B 133 2.70 18.75 4.15
N GLY B 134 2.85 19.00 5.44
CA GLY B 134 3.94 18.36 6.15
C GLY B 134 3.83 18.53 7.65
N THR B 135 4.69 17.79 8.35
CA THR B 135 4.85 17.88 9.78
C THR B 135 6.19 18.51 10.10
N ILE B 136 6.19 19.53 10.95
CA ILE B 136 7.42 20.21 11.38
C ILE B 136 7.58 19.97 12.88
N PHE B 137 8.81 19.70 13.31
CA PHE B 137 9.04 19.39 14.71
C PHE B 137 10.38 19.94 15.16
N GLY B 138 10.43 20.31 16.44
CA GLY B 138 11.67 20.69 17.11
C GLY B 138 11.75 20.04 18.48
N ILE B 139 12.90 19.49 18.84
CA ILE B 139 13.06 18.72 20.06
C ILE B 139 14.05 19.42 20.97
N TYR B 140 13.65 19.63 22.22
CA TYR B 140 14.48 20.27 23.23
C TYR B 140 14.65 19.36 24.44
N ARG B 141 15.81 19.50 25.09
CA ARG B 141 15.99 18.98 26.44
C ARG B 141 15.32 19.95 27.41
N LYS B 142 14.59 19.39 28.39
CA LYS B 142 14.01 20.23 29.43
C LYS B 142 15.12 20.94 30.20
N LYS B 143 15.05 22.26 30.27
CA LYS B 143 16.12 23.07 30.81
C LYS B 143 16.00 23.27 32.32
N SER B 144 14.82 23.66 32.79
CA SER B 144 14.62 23.95 34.20
C SER B 144 14.27 22.66 34.97
N THR B 145 14.50 22.72 36.28
CA THR B 145 14.15 21.62 37.18
C THR B 145 12.80 21.80 37.83
N ASP B 146 12.04 22.83 37.45
CA ASP B 146 10.70 23.01 37.97
C ASP B 146 9.77 21.92 37.44
N GLU B 147 8.58 21.85 38.02
CA GLU B 147 7.57 20.95 37.51
C GLU B 147 7.24 21.33 36.06
N PRO B 148 7.05 20.35 35.18
CA PRO B 148 6.90 20.68 33.75
C PRO B 148 5.72 21.60 33.49
N SER B 149 5.94 22.58 32.62
CA SER B 149 4.93 23.59 32.35
C SER B 149 5.20 24.17 30.96
N GLU B 150 4.36 25.14 30.58
CA GLU B 150 4.51 25.80 29.29
C GLU B 150 5.88 26.46 29.14
N LYS B 151 6.41 27.03 30.22
CA LYS B 151 7.65 27.77 30.14
C LYS B 151 8.83 26.90 29.73
N ASP B 152 8.72 25.58 29.86
CA ASP B 152 9.78 24.69 29.40
C ASP B 152 9.95 24.70 27.90
N ALA B 153 8.94 25.15 27.15
CA ALA B 153 9.05 25.24 25.70
C ALA B 153 9.56 26.60 25.24
N LEU B 154 9.79 27.54 26.15
CA LEU B 154 10.25 28.87 25.79
C LEU B 154 11.77 28.94 25.71
N GLN B 155 12.37 28.02 24.98
CA GLN B 155 13.80 28.05 24.78
C GLN B 155 14.12 28.56 23.39
N PRO B 156 15.26 29.23 23.21
CA PRO B 156 15.67 29.66 21.87
C PRO B 156 16.03 28.46 21.00
N GLY B 157 15.92 28.67 19.68
CA GLY B 157 16.25 27.61 18.74
C GLY B 157 17.69 27.16 18.82
N ARG B 158 18.57 27.96 19.44
CA ARG B 158 19.96 27.56 19.65
C ARG B 158 20.06 26.27 20.45
N ASN B 159 19.09 26.01 21.33
CA ASN B 159 19.13 24.87 22.24
C ASN B 159 18.57 23.59 21.65
N LEU B 160 18.14 23.61 20.39
CA LEU B 160 17.55 22.42 19.79
C LEU B 160 18.53 21.25 19.80
N VAL B 161 18.03 20.07 20.17
CA VAL B 161 18.80 18.85 20.07
C VAL B 161 18.59 18.18 18.72
N ALA B 162 17.36 18.22 18.22
CA ALA B 162 17.03 17.68 16.92
C ALA B 162 15.82 18.44 16.37
N ALA B 163 15.77 18.57 15.05
CA ALA B 163 14.65 19.23 14.40
C ALA B 163 14.58 18.76 12.95
N GLY B 164 13.45 19.03 12.32
CA GLY B 164 13.28 18.66 10.93
C GLY B 164 11.82 18.68 10.55
N TYR B 165 11.52 17.93 9.49
CA TYR B 165 10.15 17.91 8.98
C TYR B 165 9.94 16.65 8.15
N ALA B 166 8.67 16.29 8.00
CA ALA B 166 8.24 15.27 7.07
C ALA B 166 7.39 15.95 6.00
N LEU B 167 7.79 15.82 4.74
CA LEU B 167 7.10 16.45 3.63
C LEU B 167 6.21 15.41 2.96
N TYR B 168 4.91 15.68 2.93
CA TYR B 168 3.95 14.83 2.22
C TYR B 168 3.66 15.50 0.88
N GLY B 169 4.60 15.37 -0.04
CA GLY B 169 4.49 15.94 -1.38
C GLY B 169 4.19 14.88 -2.42
N SER B 170 4.81 15.02 -3.58
CA SER B 170 4.68 13.98 -4.60
C SER B 170 5.19 12.64 -4.07
N ALA B 171 6.18 12.68 -3.18
CA ALA B 171 6.56 11.55 -2.35
C ALA B 171 6.68 12.05 -0.92
N THR B 172 6.80 11.12 0.02
CA THR B 172 6.95 11.46 1.43
C THR B 172 8.42 11.34 1.82
N MET B 173 8.97 12.40 2.40
CA MET B 173 10.35 12.41 2.84
C MET B 173 10.46 13.05 4.21
N LEU B 174 11.27 12.44 5.07
CA LEU B 174 11.60 13.02 6.36
C LEU B 174 13.01 13.60 6.30
N VAL B 175 13.13 14.87 6.68
CA VAL B 175 14.42 15.54 6.78
C VAL B 175 14.72 15.71 8.26
N LEU B 176 15.83 15.13 8.70
CA LEU B 176 16.20 15.13 10.12
C LEU B 176 17.54 15.84 10.27
N ALA B 177 17.55 16.91 11.07
CA ALA B 177 18.76 17.67 11.34
C ALA B 177 19.16 17.47 12.80
N MET B 178 20.43 17.17 13.03
CA MET B 178 20.99 17.05 14.36
C MET B 178 22.39 17.64 14.35
N ASP B 179 23.15 17.37 15.41
CA ASP B 179 24.53 17.84 15.48
C ASP B 179 25.37 17.28 14.34
N CYS B 180 25.08 16.04 13.91
CA CYS B 180 25.86 15.40 12.87
C CYS B 180 25.57 15.97 11.49
N GLY B 181 24.51 16.76 11.32
CA GLY B 181 24.17 17.33 10.04
C GLY B 181 22.73 17.04 9.67
N VAL B 182 22.44 17.18 8.38
CA VAL B 182 21.08 17.02 7.85
C VAL B 182 21.05 15.79 6.96
N ASN B 183 20.08 14.90 7.20
CA ASN B 183 19.94 13.68 6.42
C ASN B 183 18.50 13.54 5.96
N CYS B 184 18.32 13.09 4.72
CA CYS B 184 17.01 13.01 4.09
C CYS B 184 16.65 11.56 3.81
N PHE B 185 15.45 11.17 4.25
CA PHE B 185 14.98 9.79 4.14
C PHE B 185 13.69 9.76 3.32
N MET B 186 13.67 8.93 2.30
CA MET B 186 12.47 8.73 1.49
C MET B 186 11.65 7.58 2.08
N LEU B 187 10.36 7.83 2.27
CA LEU B 187 9.45 6.77 2.70
C LEU B 187 9.15 5.85 1.53
N ASP B 188 9.51 4.58 1.65
CA ASP B 188 9.09 3.59 0.67
C ASP B 188 7.73 3.07 1.11
N PRO B 189 6.65 3.49 0.47
CA PRO B 189 5.31 3.09 0.93
C PRO B 189 5.03 1.61 0.75
N ALA B 190 5.81 0.91 -0.09
CA ALA B 190 5.61 -0.52 -0.26
C ALA B 190 5.91 -1.29 1.02
N ILE B 191 6.88 -0.83 1.82
CA ILE B 191 7.29 -1.50 3.03
C ILE B 191 7.18 -0.62 4.27
N GLY B 192 6.80 0.64 4.12
CA GLY B 192 6.70 1.54 5.25
C GLY B 192 8.04 1.76 5.93
N GLU B 193 9.07 2.01 5.14
CA GLU B 193 10.42 2.19 5.63
C GLU B 193 11.00 3.48 5.07
N PHE B 194 11.58 4.30 5.95
CA PHE B 194 12.31 5.49 5.52
C PHE B 194 13.72 5.09 5.11
N ILE B 195 14.08 5.38 3.86
CA ILE B 195 15.35 4.98 3.29
C ILE B 195 16.24 6.22 3.17
N LEU B 196 17.45 6.15 3.73
CA LEU B 196 18.40 7.23 3.61
C LEU B 196 18.79 7.41 2.15
N VAL B 197 18.47 8.57 1.58
CA VAL B 197 18.76 8.84 0.18
C VAL B 197 19.69 10.03 -0.02
N ASP B 198 19.83 10.93 0.96
CA ASP B 198 20.76 12.05 0.87
C ASP B 198 21.42 12.25 2.22
N LYS B 199 22.73 12.05 2.29
CA LYS B 199 23.48 12.09 3.53
C LYS B 199 24.20 13.42 3.69
N ASP B 200 24.13 13.99 4.89
CA ASP B 200 24.91 15.17 5.28
C ASP B 200 24.77 16.28 4.23
N VAL B 201 23.52 16.61 3.91
CA VAL B 201 23.26 17.50 2.78
C VAL B 201 23.65 18.93 3.15
N LYS B 202 24.11 19.66 2.14
CA LYS B 202 24.48 21.07 2.27
C LYS B 202 23.76 21.86 1.19
N ILE B 203 23.28 23.04 1.56
CA ILE B 203 22.56 23.90 0.62
C ILE B 203 23.55 24.57 -0.32
N LYS B 204 23.08 24.93 -1.51
CA LYS B 204 23.90 25.70 -2.44
C LYS B 204 24.31 27.02 -1.82
N LYS B 205 25.55 27.43 -2.11
CA LYS B 205 26.02 28.73 -1.61
C LYS B 205 25.14 29.86 -2.10
N LYS B 206 24.67 29.77 -3.35
CA LYS B 206 23.79 30.79 -3.91
C LYS B 206 22.81 30.12 -4.86
N GLY B 207 21.55 30.53 -4.78
CA GLY B 207 20.49 29.95 -5.57
C GLY B 207 20.01 30.84 -6.69
N LYS B 208 18.93 30.39 -7.36
CA LYS B 208 18.35 31.11 -8.49
C LYS B 208 16.83 31.21 -8.37
N ILE B 209 16.28 30.96 -7.18
CA ILE B 209 14.84 31.00 -6.95
C ILE B 209 14.57 31.83 -5.70
N TYR B 210 13.58 32.71 -5.77
CA TYR B 210 13.08 33.45 -4.62
C TYR B 210 11.62 33.08 -4.39
N SER B 211 11.22 33.05 -3.12
CA SER B 211 9.93 32.48 -2.73
C SER B 211 9.29 33.35 -1.66
N LEU B 212 8.15 33.95 -1.99
CA LEU B 212 7.36 34.70 -1.02
C LEU B 212 6.03 35.06 -1.66
N ASN B 213 5.05 35.39 -0.81
CA ASN B 213 3.73 35.82 -1.26
C ASN B 213 3.81 37.29 -1.64
N GLU B 214 3.87 37.55 -2.95
CA GLU B 214 3.93 38.93 -3.44
C GLU B 214 2.58 39.62 -3.43
N GLY B 215 1.52 38.93 -3.01
CA GLY B 215 0.25 39.59 -2.78
C GLY B 215 0.29 40.63 -1.68
N TYR B 216 1.31 40.57 -0.82
CA TYR B 216 1.52 41.58 0.22
C TYR B 216 2.52 42.65 -0.21
N ALA B 217 2.72 42.81 -1.53
CA ALA B 217 3.67 43.81 -2.01
C ALA B 217 3.33 45.21 -1.50
N ARG B 218 2.04 45.52 -1.35
CA ARG B 218 1.64 46.83 -0.86
C ARG B 218 2.12 47.06 0.57
N ASP B 219 2.32 45.99 1.33
CA ASP B 219 2.70 46.07 2.74
C ASP B 219 4.20 45.95 2.98
N PHE B 220 4.98 45.51 1.99
CA PHE B 220 6.38 45.21 2.21
C PHE B 220 7.14 46.43 2.71
N ASP B 221 8.04 46.20 3.67
CA ASP B 221 8.96 47.25 4.09
C ASP B 221 9.95 47.53 2.96
N PRO B 222 10.55 48.72 2.94
CA PRO B 222 11.40 49.09 1.79
C PRO B 222 12.56 48.14 1.54
N ALA B 223 13.07 47.46 2.57
CA ALA B 223 14.15 46.51 2.36
C ALA B 223 13.69 45.30 1.56
N VAL B 224 12.52 44.76 1.90
CA VAL B 224 11.97 43.64 1.14
C VAL B 224 11.67 44.05 -0.28
N THR B 225 11.10 45.25 -0.46
CA THR B 225 10.77 45.73 -1.79
C THR B 225 12.01 45.88 -2.66
N GLU B 226 13.10 46.42 -2.10
CA GLU B 226 14.33 46.54 -2.87
C GLU B 226 14.93 45.18 -3.22
N TYR B 227 14.97 44.27 -2.24
CA TYR B 227 15.59 42.97 -2.49
C TYR B 227 14.86 42.20 -3.59
N ILE B 228 13.52 42.20 -3.53
CA ILE B 228 12.74 41.52 -4.56
C ILE B 228 12.94 42.19 -5.91
N GLN B 229 13.01 43.53 -5.93
CA GLN B 229 13.29 44.24 -7.17
C GLN B 229 14.65 43.84 -7.75
N ARG B 230 15.63 43.56 -6.89
CA ARG B 230 16.93 43.11 -7.38
C ARG B 230 16.85 41.71 -7.99
N LYS B 231 15.92 40.88 -7.51
CA LYS B 231 15.79 39.54 -8.07
C LYS B 231 15.11 39.58 -9.43
N LYS B 232 14.14 40.48 -9.61
CA LYS B 232 13.47 40.60 -10.90
C LYS B 232 14.24 41.49 -11.87
N PHE B 233 14.87 42.54 -11.35
CA PHE B 233 15.63 43.50 -12.15
C PHE B 233 17.04 43.59 -11.59
N PRO B 234 17.87 42.58 -11.86
CA PRO B 234 19.23 42.56 -11.31
C PRO B 234 20.02 43.75 -11.84
N PRO B 235 20.51 44.62 -10.94
CA PRO B 235 21.23 45.81 -11.39
C PRO B 235 22.53 45.51 -12.11
N ASP B 236 23.00 44.26 -12.09
CA ASP B 236 24.27 43.87 -12.69
C ASP B 236 24.11 43.10 -13.99
N ASN B 237 22.91 43.05 -14.56
CA ASN B 237 22.61 42.42 -15.85
C ASN B 237 22.69 40.89 -15.78
N SER B 238 22.75 40.31 -14.59
CA SER B 238 22.71 38.86 -14.48
C SER B 238 21.28 38.36 -14.76
N ALA B 239 21.10 37.05 -14.72
CA ALA B 239 19.80 36.47 -15.00
C ALA B 239 18.85 36.73 -13.84
N PRO B 240 17.62 37.17 -14.10
CA PRO B 240 16.65 37.31 -13.01
C PRO B 240 16.35 35.96 -12.37
N TYR B 241 16.09 35.99 -11.06
CA TYR B 241 15.69 34.79 -10.35
C TYR B 241 14.31 34.32 -10.81
N GLY B 242 14.09 33.01 -10.72
CA GLY B 242 12.76 32.47 -10.90
C GLY B 242 11.95 32.54 -9.61
N ALA B 243 10.64 32.55 -9.77
CA ALA B 243 9.72 32.67 -8.64
C ALA B 243 8.98 31.36 -8.44
N ARG B 244 8.92 30.91 -7.18
CA ARG B 244 8.13 29.76 -6.79
C ARG B 244 7.51 30.07 -5.44
N TYR B 245 6.21 29.82 -5.28
CA TYR B 245 5.59 29.97 -3.97
C TYR B 245 4.44 28.96 -3.88
N VAL B 246 4.72 27.82 -3.25
CA VAL B 246 3.72 26.77 -3.10
C VAL B 246 2.60 27.23 -2.17
N GLY B 247 2.92 28.02 -1.16
CA GLY B 247 1.97 28.40 -0.14
C GLY B 247 1.96 27.51 1.08
N SER B 248 2.80 26.48 1.10
CA SER B 248 2.99 25.63 2.27
C SER B 248 4.45 25.70 2.66
N MET B 249 4.71 26.06 3.93
CA MET B 249 6.07 26.38 4.33
C MET B 249 7.01 25.19 4.17
N VAL B 250 6.54 23.98 4.52
CA VAL B 250 7.39 22.80 4.38
C VAL B 250 7.81 22.60 2.93
N ALA B 251 6.88 22.75 1.99
CA ALA B 251 7.20 22.53 0.59
C ALA B 251 8.16 23.61 0.08
N ASP B 252 7.91 24.87 0.41
CA ASP B 252 8.77 25.94 -0.07
C ASP B 252 10.16 25.86 0.56
N VAL B 253 10.25 25.52 1.84
CA VAL B 253 11.54 25.44 2.50
C VAL B 253 12.33 24.23 1.97
N HIS B 254 11.67 23.10 1.77
CA HIS B 254 12.38 21.93 1.26
C HIS B 254 12.94 22.18 -0.13
N ARG B 255 12.17 22.85 -1.01
CA ARG B 255 12.71 23.23 -2.30
C ARG B 255 13.92 24.13 -2.14
N THR B 256 13.86 25.06 -1.19
CA THR B 256 15.00 25.93 -0.91
C THR B 256 16.21 25.13 -0.46
N LEU B 257 15.99 24.13 0.40
CA LEU B 257 17.09 23.28 0.84
C LEU B 257 17.69 22.50 -0.33
N VAL B 258 16.85 21.96 -1.19
CA VAL B 258 17.29 21.03 -2.23
C VAL B 258 17.78 21.76 -3.48
N TYR B 259 17.13 22.88 -3.84
CA TYR B 259 17.52 23.63 -5.03
C TYR B 259 18.35 24.87 -4.75
N GLY B 260 18.40 25.32 -3.51
CA GLY B 260 19.00 26.60 -3.19
C GLY B 260 18.04 27.75 -3.41
N GLY B 261 18.47 28.94 -3.02
CA GLY B 261 17.64 30.11 -3.18
C GLY B 261 17.22 30.73 -1.85
N ILE B 262 16.09 31.45 -1.84
CA ILE B 262 15.68 32.19 -0.65
C ILE B 262 14.17 32.07 -0.47
N PHE B 263 13.73 31.99 0.78
CA PHE B 263 12.32 31.96 1.14
C PHE B 263 12.07 33.09 2.13
N LEU B 264 10.96 33.81 1.95
CA LEU B 264 10.66 34.96 2.79
C LEU B 264 9.20 34.94 3.21
N TYR B 265 8.96 35.13 4.51
CA TYR B 265 7.66 35.58 5.00
C TYR B 265 7.93 36.73 5.97
N PRO B 266 8.05 37.95 5.45
CA PRO B 266 8.26 39.11 6.32
C PRO B 266 6.95 39.59 6.93
N ALA B 267 7.08 40.55 7.84
CA ALA B 267 5.91 41.12 8.48
C ALA B 267 5.09 41.95 7.49
N ASN B 268 3.81 42.08 7.78
CA ASN B 268 2.91 42.91 6.99
C ASN B 268 1.84 43.48 7.92
N LYS B 269 0.88 44.20 7.33
CA LYS B 269 -0.14 44.87 8.13
C LYS B 269 -1.00 43.86 8.89
N LYS B 270 -1.35 42.74 8.24
CA LYS B 270 -2.11 41.72 8.93
C LYS B 270 -1.26 40.95 9.94
N SER B 271 0.05 40.90 9.73
CA SER B 271 0.96 40.12 10.57
C SER B 271 2.16 40.97 10.96
N PRO B 272 1.96 41.96 11.86
CA PRO B 272 3.06 42.88 12.20
C PRO B 272 4.25 42.20 12.87
N ASN B 273 4.06 41.04 13.50
CA ASN B 273 5.16 40.26 14.05
C ASN B 273 5.53 39.09 13.15
N GLY B 274 5.16 39.15 11.87
CA GLY B 274 5.26 38.01 10.99
C GLY B 274 4.06 37.09 11.15
N LYS B 275 3.99 36.09 10.28
CA LYS B 275 2.91 35.11 10.32
C LYS B 275 3.35 33.76 10.86
N LEU B 276 4.49 33.25 10.41
CA LEU B 276 4.91 31.91 10.79
C LEU B 276 5.31 31.86 12.27
N ARG B 277 5.13 30.68 12.87
CA ARG B 277 5.31 30.49 14.30
C ARG B 277 6.76 30.19 14.62
N LEU B 278 7.30 30.87 15.63
CA LEU B 278 8.70 30.70 16.00
C LEU B 278 8.99 29.30 16.49
N LEU B 279 8.17 28.79 17.42
CA LEU B 279 8.52 27.57 18.15
C LEU B 279 8.58 26.36 17.23
N TYR B 280 7.57 26.16 16.40
CA TYR B 280 7.43 24.92 15.65
C TYR B 280 7.39 25.11 14.14
N GLU B 281 7.57 26.33 13.64
CA GLU B 281 7.77 26.53 12.21
C GLU B 281 9.12 27.17 11.88
N CYS B 282 9.43 28.33 12.47
CA CYS B 282 10.65 29.04 12.09
C CYS B 282 11.90 28.37 12.67
N ASN B 283 11.88 28.05 13.97
CA ASN B 283 13.07 27.48 14.59
C ASN B 283 13.47 26.13 13.98
N PRO B 284 12.57 25.15 13.81
CA PRO B 284 13.01 23.90 13.17
C PRO B 284 13.58 24.12 11.77
N MET B 285 12.97 25.01 10.99
CA MET B 285 13.48 25.26 9.65
C MET B 285 14.80 26.03 9.71
N ALA B 286 14.93 26.96 10.66
CA ALA B 286 16.20 27.66 10.85
C ALA B 286 17.31 26.70 11.25
N TYR B 287 16.99 25.74 12.12
CA TYR B 287 17.97 24.76 12.55
C TYR B 287 18.42 23.87 11.40
N VAL B 288 17.48 23.43 10.56
CA VAL B 288 17.83 22.63 9.40
C VAL B 288 18.73 23.42 8.45
N MET B 289 18.37 24.69 8.20
CA MET B 289 19.16 25.51 7.29
C MET B 289 20.58 25.69 7.80
N GLU B 290 20.73 26.09 9.06
CA GLU B 290 22.08 26.34 9.59
C GLU B 290 22.91 25.07 9.61
N LYS B 291 22.30 23.94 9.98
CA LYS B 291 23.01 22.67 9.93
C LYS B 291 23.40 22.30 8.50
N ALA B 292 22.67 22.81 7.51
CA ALA B 292 22.95 22.56 6.10
C ALA B 292 23.87 23.61 5.49
N GLY B 293 24.42 24.51 6.30
CA GLY B 293 25.22 25.60 5.78
C GLY B 293 24.45 26.80 5.29
N GLY B 294 23.14 26.85 5.56
CA GLY B 294 22.32 27.98 5.19
C GLY B 294 22.17 28.99 6.32
N MET B 295 21.25 29.93 6.12
CA MET B 295 21.02 30.99 7.08
C MET B 295 19.51 31.18 7.26
N ALA B 296 19.14 31.73 8.41
CA ALA B 296 17.76 32.06 8.70
C ALA B 296 17.74 33.23 9.66
N THR B 297 17.15 34.34 9.23
CA THR B 297 17.16 35.58 9.99
C THR B 297 15.76 36.16 10.06
N THR B 298 15.51 36.94 11.11
CA THR B 298 14.31 37.77 11.20
C THR B 298 14.50 39.11 10.49
N GLY B 299 15.71 39.42 10.06
CA GLY B 299 16.07 40.74 9.61
C GLY B 299 16.95 41.44 10.63
N LYS B 300 16.61 41.27 11.90
CA LYS B 300 17.39 41.85 12.99
C LYS B 300 18.38 40.88 13.62
N GLU B 301 18.04 39.60 13.67
CA GLU B 301 18.89 38.62 14.33
C GLU B 301 18.61 37.24 13.74
N ALA B 302 19.48 36.29 14.04
CA ALA B 302 19.23 34.90 13.67
C ALA B 302 17.97 34.41 14.35
N VAL B 303 17.18 33.62 13.61
CA VAL B 303 15.93 33.09 14.16
C VAL B 303 16.21 32.27 15.41
N LEU B 304 17.30 31.49 15.40
CA LEU B 304 17.60 30.59 16.50
C LEU B 304 18.00 31.33 17.78
N ASP B 305 18.32 32.62 17.69
CA ASP B 305 18.70 33.40 18.86
C ASP B 305 17.52 34.12 19.51
N VAL B 306 16.35 34.16 18.86
CA VAL B 306 15.19 34.81 19.46
C VAL B 306 14.75 34.01 20.67
N ILE B 307 14.54 34.70 21.79
CA ILE B 307 14.11 34.07 23.04
C ILE B 307 12.59 34.21 23.12
N PRO B 308 11.83 33.12 22.96
CA PRO B 308 10.37 33.24 22.98
C PRO B 308 9.84 33.57 24.35
N THR B 309 8.70 34.27 24.38
CA THR B 309 7.94 34.50 25.59
C THR B 309 6.55 33.88 25.55
N ASP B 310 6.07 33.47 24.38
CA ASP B 310 4.77 32.83 24.22
C ASP B 310 4.91 31.72 23.20
N ILE B 311 4.29 30.57 23.49
CA ILE B 311 4.55 29.36 22.71
C ILE B 311 4.03 29.49 21.29
N HIS B 312 3.02 30.32 21.06
CA HIS B 312 2.45 30.50 19.72
C HIS B 312 2.88 31.80 19.07
N GLN B 313 3.90 32.47 19.61
CA GLN B 313 4.30 33.77 19.08
C GLN B 313 4.88 33.61 17.67
N ARG B 314 4.69 34.66 16.88
CA ARG B 314 5.08 34.67 15.48
C ARG B 314 6.41 35.37 15.30
N ALA B 315 7.04 35.13 14.15
CA ALA B 315 8.30 35.76 13.82
C ALA B 315 8.39 35.92 12.31
N PRO B 316 8.89 37.06 11.82
CA PRO B 316 9.27 37.14 10.42
C PRO B 316 10.52 36.31 10.16
N VAL B 317 10.62 35.76 8.97
CA VAL B 317 11.73 34.86 8.65
C VAL B 317 12.17 35.05 7.21
N ILE B 318 13.49 35.10 7.02
CA ILE B 318 14.14 35.05 5.72
C ILE B 318 15.23 33.99 5.81
N LEU B 319 15.18 32.98 4.96
CA LEU B 319 16.06 31.84 5.08
C LEU B 319 16.45 31.31 3.70
N GLY B 320 17.54 30.55 3.67
CA GLY B 320 17.98 29.92 2.43
C GLY B 320 19.48 29.91 2.22
N SER B 321 19.88 30.00 0.96
CA SER B 321 21.30 29.97 0.62
C SER B 321 22.02 31.13 1.31
N PRO B 322 23.23 30.89 1.84
CA PRO B 322 23.91 31.94 2.60
C PRO B 322 24.13 33.23 1.82
N ASP B 323 24.52 33.13 0.55
CA ASP B 323 24.76 34.33 -0.24
C ASP B 323 23.48 35.13 -0.45
N ASP B 324 22.36 34.44 -0.67
CA ASP B 324 21.10 35.14 -0.88
C ASP B 324 20.62 35.83 0.39
N VAL B 325 20.71 35.14 1.53
CA VAL B 325 20.33 35.76 2.80
C VAL B 325 21.26 36.91 3.13
N LEU B 326 22.56 36.75 2.87
CA LEU B 326 23.51 37.84 3.12
C LEU B 326 23.20 39.05 2.25
N GLU B 327 22.84 38.82 0.98
CA GLU B 327 22.51 39.94 0.10
C GLU B 327 21.27 40.67 0.59
N PHE B 328 20.27 39.93 1.09
CA PHE B 328 19.11 40.58 1.71
C PHE B 328 19.53 41.40 2.92
N LEU B 329 20.45 40.87 3.74
CA LEU B 329 20.82 41.56 4.97
C LEU B 329 21.60 42.84 4.68
N LYS B 330 22.37 42.88 3.59
CA LYS B 330 22.99 44.13 3.19
C LYS B 330 21.94 45.16 2.84
N VAL B 331 20.93 44.75 2.06
CA VAL B 331 19.84 45.65 1.70
C VAL B 331 19.09 46.08 2.95
N TYR B 332 18.86 45.15 3.87
CA TYR B 332 18.21 45.50 5.13
C TYR B 332 19.04 46.52 5.91
N GLU B 333 20.36 46.31 5.97
CA GLU B 333 21.23 47.26 6.66
C GLU B 333 21.21 48.62 5.97
N LYS B 334 21.13 48.63 4.64
CA LYS B 334 21.06 49.88 3.90
C LYS B 334 19.86 50.72 4.33
N HIS B 335 18.74 50.06 4.65
CA HIS B 335 17.54 50.72 5.12
C HIS B 335 17.46 50.79 6.63
N SER B 336 18.56 50.51 7.34
CA SER B 336 18.59 50.44 8.79
C SER B 336 17.61 49.40 9.31
N ASP C 10 1.14 -8.68 -24.00
CA ASP C 10 0.22 -7.58 -23.74
C ASP C 10 -0.50 -7.74 -22.41
N VAL C 11 -0.35 -6.75 -21.53
CA VAL C 11 -0.95 -6.83 -20.21
C VAL C 11 -2.46 -6.68 -20.32
N ASN C 12 -3.17 -7.39 -19.44
CA ASN C 12 -4.62 -7.26 -19.32
C ASN C 12 -5.00 -7.16 -17.85
N THR C 13 -6.12 -6.50 -17.60
CA THR C 13 -6.65 -6.33 -16.26
C THR C 13 -8.05 -6.94 -16.19
N LEU C 14 -8.51 -7.18 -14.96
CA LEU C 14 -9.87 -7.70 -14.78
C LEU C 14 -10.91 -6.74 -15.36
N THR C 15 -10.71 -5.44 -15.15
CA THR C 15 -11.65 -4.45 -15.68
C THR C 15 -11.72 -4.52 -17.20
N ARG C 16 -10.56 -4.54 -17.86
CA ARG C 16 -10.54 -4.54 -19.32
C ARG C 16 -11.00 -5.88 -19.88
N PHE C 17 -10.63 -6.98 -19.22
CA PHE C 17 -11.05 -8.31 -19.66
C PHE C 17 -12.56 -8.47 -19.55
N VAL C 18 -13.13 -8.09 -18.41
CA VAL C 18 -14.57 -8.22 -18.21
C VAL C 18 -15.33 -7.35 -19.21
N MET C 19 -14.87 -6.12 -19.40
CA MET C 19 -15.52 -5.23 -20.36
C MET C 19 -15.45 -5.78 -21.77
N GLU C 20 -14.30 -6.33 -22.15
CA GLU C 20 -14.14 -6.89 -23.49
C GLU C 20 -15.07 -8.08 -23.70
N GLU C 21 -15.18 -8.97 -22.70
CA GLU C 21 -16.09 -10.09 -22.83
C GLU C 21 -17.55 -9.63 -22.89
N GLY C 22 -17.88 -8.55 -22.19
CA GLY C 22 -19.22 -8.00 -22.30
C GLY C 22 -19.51 -7.45 -23.67
N ARG C 23 -18.52 -6.79 -24.30
CA ARG C 23 -18.70 -6.29 -25.65
C ARG C 23 -18.89 -7.43 -26.64
N LYS C 24 -18.13 -8.51 -26.47
CA LYS C 24 -18.27 -9.67 -27.35
C LYS C 24 -19.68 -10.24 -27.29
N ALA C 25 -20.21 -10.39 -26.07
CA ALA C 25 -21.53 -10.98 -25.85
C ALA C 25 -22.67 -10.04 -26.20
N ARG C 26 -22.37 -8.80 -26.58
CA ARG C 26 -23.38 -7.78 -26.89
C ARG C 26 -24.29 -7.54 -25.69
N GLY C 27 -23.71 -7.57 -24.49
CA GLY C 27 -24.46 -7.25 -23.30
C GLY C 27 -24.80 -5.78 -23.20
N THR C 28 -25.84 -5.49 -22.42
CA THR C 28 -26.23 -4.10 -22.17
C THR C 28 -25.28 -3.40 -21.21
N GLY C 29 -24.35 -4.13 -20.60
CA GLY C 29 -23.46 -3.57 -19.61
C GLY C 29 -23.83 -3.86 -18.17
N GLU C 30 -24.97 -4.51 -17.94
CA GLU C 30 -25.42 -4.74 -16.57
C GLU C 30 -24.54 -5.75 -15.85
N LEU C 31 -24.27 -6.88 -16.50
CA LEU C 31 -23.40 -7.88 -15.88
C LEU C 31 -21.98 -7.34 -15.69
N THR C 32 -21.51 -6.51 -16.63
CA THR C 32 -20.20 -5.89 -16.49
C THR C 32 -20.14 -5.02 -15.24
N GLN C 33 -21.19 -4.25 -14.98
CA GLN C 33 -21.22 -3.40 -13.79
C GLN C 33 -21.25 -4.25 -12.52
N LEU C 34 -21.97 -5.38 -12.56
CA LEU C 34 -21.98 -6.28 -11.41
C LEU C 34 -20.57 -6.79 -11.10
N LEU C 35 -19.85 -7.20 -12.14
CA LEU C 35 -18.50 -7.73 -11.93
C LEU C 35 -17.54 -6.64 -11.49
N ASN C 36 -17.66 -5.43 -12.05
CA ASN C 36 -16.84 -4.32 -11.58
C ASN C 36 -17.09 -4.04 -10.11
N SER C 37 -18.36 -4.00 -9.71
CA SER C 37 -18.69 -3.75 -8.32
C SER C 37 -18.17 -4.86 -7.41
N LEU C 38 -18.29 -6.11 -7.85
CA LEU C 38 -17.76 -7.22 -7.08
C LEU C 38 -16.24 -7.12 -6.96
N CYS C 39 -15.57 -6.72 -8.05
CA CYS C 39 -14.12 -6.58 -8.03
C CYS C 39 -13.69 -5.54 -7.00
N THR C 40 -14.41 -4.41 -6.93
CA THR C 40 -14.07 -3.39 -5.94
C THR C 40 -14.27 -3.90 -4.53
N ALA C 41 -15.39 -4.59 -4.28
CA ALA C 41 -15.65 -5.12 -2.95
C ALA C 41 -14.57 -6.11 -2.52
N VAL C 42 -14.09 -6.93 -3.47
CA VAL C 42 -13.07 -7.91 -3.16
C VAL C 42 -11.76 -7.23 -2.77
N LYS C 43 -11.39 -6.16 -3.48
CA LYS C 43 -10.19 -5.42 -3.13
C LYS C 43 -10.31 -4.81 -1.72
N ALA C 44 -11.50 -4.32 -1.37
CA ALA C 44 -11.72 -3.77 -0.04
C ALA C 44 -11.65 -4.86 1.02
N ILE C 45 -12.17 -6.04 0.71
CA ILE C 45 -12.07 -7.17 1.66
C ILE C 45 -10.62 -7.57 1.84
N SER C 46 -9.86 -7.63 0.74
CA SER C 46 -8.44 -7.98 0.83
C SER C 46 -7.68 -7.01 1.73
N SER C 47 -7.95 -5.71 1.59
CA SER C 47 -7.27 -4.72 2.42
C SER C 47 -7.57 -4.93 3.90
N ALA C 48 -8.83 -5.24 4.22
CA ALA C 48 -9.22 -5.44 5.62
C ALA C 48 -8.72 -6.78 6.15
N VAL C 49 -8.80 -7.84 5.35
CA VAL C 49 -8.30 -9.15 5.77
C VAL C 49 -6.82 -9.06 6.10
N ARG C 50 -6.09 -8.27 5.33
CA ARG C 50 -4.66 -8.10 5.54
C ARG C 50 -4.34 -7.05 6.61
N LYS C 51 -5.36 -6.56 7.33
CA LYS C 51 -5.20 -5.76 8.53
C LYS C 51 -4.62 -4.36 8.27
N ALA C 52 -4.94 -3.77 7.12
CA ALA C 52 -4.61 -2.37 6.92
C ALA C 52 -5.39 -1.52 7.91
N GLY C 53 -4.69 -0.61 8.59
CA GLY C 53 -5.31 0.23 9.58
C GLY C 53 -5.49 -0.38 10.95
N ILE C 54 -4.93 -1.58 11.18
CA ILE C 54 -5.10 -2.24 12.47
C ILE C 54 -4.45 -1.44 13.59
N ALA C 55 -3.45 -0.61 13.27
CA ALA C 55 -2.82 0.22 14.29
C ALA C 55 -3.81 1.16 14.95
N HIS C 56 -4.82 1.62 14.21
CA HIS C 56 -5.83 2.50 14.78
C HIS C 56 -6.73 1.75 15.76
N LEU C 57 -6.95 0.46 15.54
CA LEU C 57 -7.71 -0.33 16.50
C LEU C 57 -6.98 -0.47 17.82
N TYR C 58 -5.64 -0.48 17.79
CA TYR C 58 -4.84 -0.66 18.98
C TYR C 58 -4.31 0.66 19.54
N GLY C 59 -4.90 1.78 19.14
CA GLY C 59 -4.70 3.03 19.83
C GLY C 59 -3.54 3.90 19.38
N ILE C 60 -3.14 3.82 18.11
CA ILE C 60 -2.02 4.64 17.65
C ILE C 60 -2.36 6.12 17.74
N ALA C 61 -3.63 6.47 17.59
CA ALA C 61 -4.09 7.85 17.70
C ALA C 61 -4.74 8.14 19.04
N GLY C 62 -4.53 7.28 20.03
CA GLY C 62 -5.09 7.47 21.36
C GLY C 62 -6.52 6.97 21.47
N VAL C 71 -14.11 -1.48 14.35
CA VAL C 71 -14.86 -2.17 15.40
C VAL C 71 -15.53 -3.41 14.81
N LYS C 72 -15.71 -3.41 13.49
CA LYS C 72 -16.50 -4.45 12.83
C LYS C 72 -15.67 -5.72 12.63
N LYS C 73 -16.24 -6.85 13.03
CA LYS C 73 -15.67 -8.15 12.69
C LYS C 73 -15.56 -8.30 11.18
N LEU C 74 -14.55 -9.06 10.74
CA LEU C 74 -14.31 -9.21 9.31
C LEU C 74 -15.52 -9.83 8.61
N ASP C 75 -16.21 -10.76 9.28
CA ASP C 75 -17.39 -11.38 8.69
C ASP C 75 -18.44 -10.33 8.33
N VAL C 76 -18.72 -9.42 9.26
CA VAL C 76 -19.76 -8.41 9.04
C VAL C 76 -19.30 -7.40 7.99
N LEU C 77 -18.06 -6.93 8.09
CA LEU C 77 -17.56 -5.94 7.15
C LEU C 77 -17.52 -6.50 5.73
N SER C 78 -17.07 -7.75 5.57
CA SER C 78 -17.03 -8.36 4.26
C SER C 78 -18.43 -8.50 3.67
N ASN C 79 -19.39 -8.91 4.50
CA ASN C 79 -20.77 -8.98 4.03
C ASN C 79 -21.28 -7.60 3.63
N ASP C 80 -21.00 -6.58 4.45
CA ASP C 80 -21.45 -5.23 4.13
C ASP C 80 -20.84 -4.73 2.84
N LEU C 81 -19.56 -5.02 2.61
CA LEU C 81 -18.89 -4.57 1.39
C LEU C 81 -19.54 -5.19 0.16
N VAL C 82 -19.75 -6.51 0.17
CA VAL C 82 -20.34 -7.18 -0.97
C VAL C 82 -21.79 -6.75 -1.15
N MET C 83 -22.54 -6.69 -0.04
CA MET C 83 -23.95 -6.31 -0.13
C MET C 83 -24.12 -4.92 -0.72
N ASN C 84 -23.33 -3.96 -0.24
CA ASN C 84 -23.50 -2.58 -0.67
C ASN C 84 -23.05 -2.36 -2.10
N MET C 85 -21.90 -2.94 -2.49
CA MET C 85 -21.43 -2.75 -3.85
C MET C 85 -22.35 -3.42 -4.86
N LEU C 86 -22.87 -4.60 -4.53
CA LEU C 86 -23.82 -5.26 -5.45
C LEU C 86 -25.12 -4.48 -5.56
N LYS C 87 -25.63 -3.97 -4.43
CA LYS C 87 -26.83 -3.15 -4.48
C LYS C 87 -26.61 -1.90 -5.33
N SER C 88 -25.48 -1.21 -5.12
CA SER C 88 -25.22 0.03 -5.84
C SER C 88 -24.84 -0.20 -7.29
N SER C 89 -24.64 -1.45 -7.71
CA SER C 89 -24.35 -1.76 -9.11
C SER C 89 -25.57 -1.64 -10.01
N PHE C 90 -26.78 -1.60 -9.44
CA PHE C 90 -28.03 -1.55 -10.20
C PHE C 90 -28.20 -2.79 -11.08
N ALA C 91 -27.55 -3.89 -10.73
CA ALA C 91 -27.54 -5.09 -11.55
C ALA C 91 -28.19 -6.31 -10.88
N THR C 92 -28.56 -6.21 -9.60
CA THR C 92 -29.00 -7.36 -8.84
C THR C 92 -30.42 -7.13 -8.31
N CYS C 93 -31.10 -8.23 -8.00
CA CYS C 93 -32.44 -8.16 -7.43
C CYS C 93 -32.56 -9.01 -6.17
N VAL C 94 -31.84 -10.12 -6.11
CA VAL C 94 -31.87 -11.04 -4.97
C VAL C 94 -30.44 -11.36 -4.57
N LEU C 95 -30.13 -11.20 -3.28
CA LEU C 95 -28.78 -11.44 -2.77
C LEU C 95 -28.85 -12.44 -1.64
N VAL C 96 -28.22 -13.59 -1.81
CA VAL C 96 -28.13 -14.63 -0.80
C VAL C 96 -26.72 -14.66 -0.26
N SER C 97 -26.59 -14.56 1.06
CA SER C 97 -25.28 -14.58 1.71
C SER C 97 -25.30 -15.58 2.85
N GLU C 98 -24.13 -16.15 3.11
CA GLU C 98 -23.96 -17.05 4.27
C GLU C 98 -24.27 -16.34 5.57
N GLU C 99 -24.15 -15.01 5.61
CA GLU C 99 -24.32 -14.23 6.82
C GLU C 99 -25.78 -13.88 7.13
N ASP C 100 -26.70 -14.12 6.20
CA ASP C 100 -28.08 -13.68 6.35
C ASP C 100 -29.02 -14.89 6.31
N LYS C 101 -29.96 -14.95 7.26
CA LYS C 101 -30.89 -16.06 7.32
C LYS C 101 -31.75 -16.14 6.06
N HIS C 102 -32.25 -15.00 5.59
CA HIS C 102 -33.09 -14.95 4.41
C HIS C 102 -32.39 -14.17 3.31
N ALA C 103 -32.85 -14.37 2.09
CA ALA C 103 -32.32 -13.61 0.96
C ALA C 103 -32.66 -12.14 1.09
N ILE C 104 -31.73 -11.29 0.67
CA ILE C 104 -31.94 -9.85 0.70
C ILE C 104 -32.55 -9.44 -0.63
N ILE C 105 -33.69 -8.75 -0.58
CA ILE C 105 -34.38 -8.28 -1.77
C ILE C 105 -33.95 -6.83 -2.01
N VAL C 106 -33.35 -6.58 -3.18
CA VAL C 106 -32.90 -5.22 -3.51
C VAL C 106 -34.13 -4.35 -3.77
N GLU C 107 -34.07 -3.11 -3.31
CA GLU C 107 -35.18 -2.20 -3.48
C GLU C 107 -35.39 -1.91 -4.97
N PRO C 108 -36.63 -1.62 -5.38
CA PRO C 108 -36.91 -1.51 -6.82
C PRO C 108 -36.06 -0.50 -7.55
N GLU C 109 -35.71 0.62 -6.90
CA GLU C 109 -34.93 1.66 -7.57
C GLU C 109 -33.51 1.22 -7.91
N LYS C 110 -32.99 0.18 -7.25
CA LYS C 110 -31.64 -0.31 -7.48
C LYS C 110 -31.62 -1.68 -8.14
N ARG C 111 -32.73 -2.11 -8.72
CA ARG C 111 -32.95 -3.51 -9.06
C ARG C 111 -32.46 -3.83 -10.46
N GLY C 112 -31.72 -4.93 -10.58
CA GLY C 112 -31.29 -5.47 -11.85
C GLY C 112 -31.77 -6.90 -12.05
N LYS C 113 -31.23 -7.59 -13.06
CA LYS C 113 -31.73 -8.91 -13.44
C LYS C 113 -31.09 -10.06 -12.68
N TYR C 114 -30.01 -9.84 -11.95
CA TYR C 114 -29.15 -10.94 -11.55
C TYR C 114 -29.33 -11.31 -10.08
N VAL C 115 -29.20 -12.61 -9.81
CA VAL C 115 -29.25 -13.17 -8.47
C VAL C 115 -27.85 -13.61 -8.10
N VAL C 116 -27.33 -13.09 -6.98
CA VAL C 116 -25.97 -13.37 -6.54
C VAL C 116 -26.04 -14.09 -5.21
N CYS C 117 -25.41 -15.26 -5.15
CA CYS C 117 -25.23 -16.02 -3.91
C CYS C 117 -23.75 -16.03 -3.59
N PHE C 118 -23.41 -15.69 -2.34
CA PHE C 118 -21.99 -15.55 -2.03
C PHE C 118 -21.73 -15.90 -0.56
N ASP C 119 -20.50 -16.36 -0.32
CA ASP C 119 -19.94 -16.40 1.02
C ASP C 119 -18.96 -15.26 1.13
N PRO C 120 -19.27 -14.17 1.86
CA PRO C 120 -18.37 -13.02 1.87
C PRO C 120 -16.99 -13.31 2.42
N LEU C 121 -16.87 -14.24 3.37
CA LEU C 121 -15.58 -14.59 3.94
C LEU C 121 -15.62 -16.07 4.33
N ASP C 122 -15.05 -16.92 3.47
CA ASP C 122 -14.99 -18.35 3.72
C ASP C 122 -13.74 -18.68 4.53
N GLY C 123 -13.87 -19.65 5.45
CA GLY C 123 -12.75 -20.02 6.30
C GLY C 123 -12.82 -19.54 7.74
N SER C 124 -13.98 -19.72 8.40
CA SER C 124 -14.22 -19.15 9.72
C SER C 124 -13.29 -19.72 10.79
N SER C 125 -12.95 -21.00 10.70
CA SER C 125 -12.04 -21.55 11.70
C SER C 125 -10.65 -20.95 11.59
N ASN C 126 -10.35 -20.29 10.47
CA ASN C 126 -8.99 -19.94 10.12
C ASN C 126 -8.63 -18.44 10.26
N ILE C 127 -9.58 -17.53 10.56
CA ILE C 127 -9.19 -16.12 10.63
C ILE C 127 -8.20 -15.88 11.78
N ASP C 128 -8.50 -16.42 12.97
CA ASP C 128 -7.69 -16.10 14.13
C ASP C 128 -6.27 -16.67 14.03
N CYS C 129 -6.07 -17.73 13.25
CA CYS C 129 -4.74 -18.28 13.04
C CYS C 129 -4.11 -17.81 11.73
N LEU C 130 -4.74 -16.84 11.06
CA LEU C 130 -4.16 -16.17 9.89
C LEU C 130 -3.94 -17.12 8.72
N VAL C 131 -4.76 -18.16 8.62
CA VAL C 131 -4.71 -19.05 7.48
C VAL C 131 -5.58 -18.47 6.37
N SER C 132 -5.26 -18.81 5.12
CA SER C 132 -5.95 -18.29 3.94
C SER C 132 -7.45 -18.30 4.12
N VAL C 133 -8.09 -17.19 3.70
CA VAL C 133 -9.53 -17.07 3.63
C VAL C 133 -9.89 -16.54 2.24
N GLY C 134 -11.19 -16.43 1.97
CA GLY C 134 -11.57 -15.98 0.65
C GLY C 134 -13.05 -15.66 0.58
N THR C 135 -13.46 -15.19 -0.61
CA THR C 135 -14.85 -14.89 -0.92
C THR C 135 -15.26 -15.76 -2.09
N ILE C 136 -16.45 -16.38 -2.00
CA ILE C 136 -17.00 -17.22 -3.05
C ILE C 136 -18.29 -16.60 -3.54
N PHE C 137 -18.53 -16.65 -4.85
CA PHE C 137 -19.72 -16.04 -5.41
C PHE C 137 -20.23 -16.86 -6.59
N GLY C 138 -21.56 -16.84 -6.75
CA GLY C 138 -22.21 -17.40 -7.92
C GLY C 138 -23.29 -16.46 -8.42
N ILE C 139 -23.38 -16.27 -9.74
CA ILE C 139 -24.28 -15.28 -10.33
C ILE C 139 -25.27 -16.01 -11.23
N TYR C 140 -26.56 -15.86 -10.92
CA TYR C 140 -27.63 -16.39 -11.74
C TYR C 140 -28.45 -15.26 -12.36
N ARG C 141 -29.20 -15.61 -13.39
CA ARG C 141 -30.12 -14.69 -14.05
C ARG C 141 -31.54 -14.97 -13.57
N LYS C 142 -32.26 -13.93 -13.18
CA LYS C 142 -33.64 -14.11 -12.74
C LYS C 142 -34.52 -14.47 -13.92
N LYS C 143 -35.23 -15.58 -13.81
CA LYS C 143 -35.96 -16.15 -14.94
C LYS C 143 -37.42 -15.73 -14.99
N SER C 144 -37.95 -15.12 -13.94
CA SER C 144 -39.36 -14.79 -13.86
C SER C 144 -39.57 -13.28 -14.01
N THR C 145 -40.80 -12.92 -14.36
CA THR C 145 -41.24 -11.53 -14.35
C THR C 145 -41.90 -11.13 -13.04
N ASP C 146 -42.04 -12.08 -12.11
CA ASP C 146 -42.64 -11.79 -10.81
C ASP C 146 -41.73 -10.86 -10.00
N GLU C 147 -42.30 -10.33 -8.93
CA GLU C 147 -41.49 -9.58 -7.97
C GLU C 147 -40.41 -10.50 -7.42
N PRO C 148 -39.16 -10.05 -7.36
CA PRO C 148 -38.08 -10.94 -6.92
C PRO C 148 -38.30 -11.44 -5.49
N SER C 149 -37.88 -12.68 -5.25
CA SER C 149 -38.06 -13.30 -3.95
C SER C 149 -36.95 -14.31 -3.73
N GLU C 150 -36.93 -14.86 -2.51
CA GLU C 150 -35.94 -15.89 -2.16
C GLU C 150 -36.02 -17.08 -3.11
N LYS C 151 -37.21 -17.38 -3.62
CA LYS C 151 -37.37 -18.53 -4.51
C LYS C 151 -36.56 -18.39 -5.79
N ASP C 152 -36.29 -17.15 -6.21
CA ASP C 152 -35.48 -16.94 -7.42
C ASP C 152 -34.05 -17.43 -7.25
N ALA C 153 -33.57 -17.56 -6.01
CA ALA C 153 -32.23 -18.07 -5.76
C ALA C 153 -32.17 -19.59 -5.83
N LEU C 154 -33.31 -20.28 -5.81
CA LEU C 154 -33.34 -21.73 -5.85
C LEU C 154 -33.24 -22.18 -7.30
N GLN C 155 -32.00 -22.22 -7.80
CA GLN C 155 -31.70 -22.68 -9.14
C GLN C 155 -30.54 -23.67 -9.08
N PRO C 156 -30.52 -24.66 -9.98
CA PRO C 156 -29.36 -25.53 -10.08
C PRO C 156 -28.15 -24.76 -10.61
N GLY C 157 -26.97 -25.28 -10.27
CA GLY C 157 -25.74 -24.63 -10.72
C GLY C 157 -25.59 -24.58 -12.22
N ARG C 158 -26.33 -25.43 -12.95
CA ARG C 158 -26.32 -25.38 -14.42
C ARG C 158 -26.76 -24.02 -14.93
N ASN C 159 -27.54 -23.28 -14.15
CA ASN C 159 -28.06 -21.99 -14.55
C ASN C 159 -27.10 -20.84 -14.28
N LEU C 160 -25.92 -21.13 -13.72
CA LEU C 160 -24.96 -20.08 -13.40
C LEU C 160 -24.50 -19.34 -14.65
N VAL C 161 -24.48 -18.02 -14.58
CA VAL C 161 -23.93 -17.20 -15.65
C VAL C 161 -22.44 -16.97 -15.44
N ALA C 162 -22.02 -16.78 -14.19
CA ALA C 162 -20.62 -16.63 -13.85
C ALA C 162 -20.43 -17.04 -12.40
N ALA C 163 -19.22 -17.46 -12.07
CA ALA C 163 -18.90 -17.87 -10.71
C ALA C 163 -17.40 -17.81 -10.53
N GLY C 164 -16.97 -17.87 -9.28
CA GLY C 164 -15.55 -17.85 -8.98
C GLY C 164 -15.33 -17.47 -7.53
N TYR C 165 -14.09 -17.04 -7.26
CA TYR C 165 -13.72 -16.75 -5.89
C TYR C 165 -12.51 -15.82 -5.89
N ALA C 166 -12.37 -15.10 -4.78
CA ALA C 166 -11.15 -14.37 -4.46
C ALA C 166 -10.46 -15.08 -3.31
N LEU C 167 -9.17 -15.36 -3.49
CA LEU C 167 -8.38 -16.03 -2.46
C LEU C 167 -7.45 -15.02 -1.82
N TYR C 168 -7.59 -14.81 -0.51
CA TYR C 168 -6.69 -13.95 0.25
C TYR C 168 -5.68 -14.85 0.95
N GLY C 169 -4.73 -15.36 0.18
CA GLY C 169 -3.66 -16.21 0.67
C GLY C 169 -2.37 -15.43 0.85
N SER C 170 -1.26 -16.07 0.46
CA SER C 170 0.02 -15.36 0.46
C SER C 170 -0.03 -14.15 -0.46
N ALA C 171 -0.78 -14.24 -1.54
CA ALA C 171 -1.19 -13.10 -2.35
C ALA C 171 -2.69 -13.20 -2.59
N THR C 172 -3.28 -12.14 -3.10
CA THR C 172 -4.70 -12.12 -3.41
C THR C 172 -4.90 -12.37 -4.90
N MET C 173 -5.72 -13.36 -5.23
CA MET C 173 -6.02 -13.71 -6.61
C MET C 173 -7.51 -13.93 -6.77
N LEU C 174 -8.07 -13.41 -7.86
CA LEU C 174 -9.46 -13.62 -8.21
C LEU C 174 -9.53 -14.61 -9.36
N VAL C 175 -10.33 -15.66 -9.17
CA VAL C 175 -10.56 -16.67 -10.20
C VAL C 175 -11.99 -16.48 -10.69
N LEU C 176 -12.14 -16.24 -11.99
CA LEU C 176 -13.44 -15.94 -12.58
C LEU C 176 -13.73 -16.98 -13.67
N ALA C 177 -14.86 -17.68 -13.53
CA ALA C 177 -15.28 -18.69 -14.48
C ALA C 177 -16.57 -18.23 -15.16
N MET C 178 -16.58 -18.29 -16.48
CA MET C 178 -17.75 -17.97 -17.29
C MET C 178 -17.82 -18.97 -18.45
N ASP C 179 -18.67 -18.67 -19.43
CA ASP C 179 -18.79 -19.52 -20.60
C ASP C 179 -17.45 -19.63 -21.33
N CYS C 180 -16.70 -18.53 -21.40
CA CYS C 180 -15.43 -18.49 -22.11
C CYS C 180 -14.33 -19.27 -21.40
N GLY C 181 -14.56 -19.73 -20.17
CA GLY C 181 -13.56 -20.50 -19.46
C GLY C 181 -13.21 -19.90 -18.11
N VAL C 182 -12.07 -20.32 -17.55
CA VAL C 182 -11.61 -19.87 -16.24
C VAL C 182 -10.38 -19.00 -16.44
N ASN C 183 -10.33 -17.88 -15.72
CA ASN C 183 -9.21 -16.94 -15.81
C ASN C 183 -8.84 -16.46 -14.43
N CYS C 184 -7.54 -16.39 -14.17
CA CYS C 184 -7.00 -16.06 -12.85
C CYS C 184 -6.30 -14.70 -12.89
N PHE C 185 -6.63 -13.83 -11.95
CA PHE C 185 -6.10 -12.48 -11.89
C PHE C 185 -5.42 -12.27 -10.55
N MET C 186 -4.17 -11.79 -10.59
CA MET C 186 -3.43 -11.49 -9.38
C MET C 186 -3.63 -10.02 -9.02
N LEU C 187 -3.93 -9.77 -7.75
CA LEU C 187 -4.07 -8.41 -7.27
C LEU C 187 -2.69 -7.81 -7.04
N ASP C 188 -2.38 -6.74 -7.78
CA ASP C 188 -1.16 -5.98 -7.51
C ASP C 188 -1.50 -4.92 -6.49
N PRO C 189 -1.14 -5.11 -5.22
CA PRO C 189 -1.54 -4.15 -4.19
C PRO C 189 -0.90 -2.77 -4.35
N ALA C 190 0.20 -2.66 -5.10
CA ALA C 190 0.83 -1.36 -5.29
C ALA C 190 -0.08 -0.41 -6.07
N ILE C 191 -0.88 -0.94 -7.00
CA ILE C 191 -1.76 -0.12 -7.83
C ILE C 191 -3.22 -0.52 -7.72
N GLY C 192 -3.56 -1.47 -6.85
CA GLY C 192 -4.94 -1.88 -6.69
C GLY C 192 -5.58 -2.40 -7.96
N GLU C 193 -4.86 -3.23 -8.71
CA GLU C 193 -5.32 -3.70 -10.01
C GLU C 193 -5.18 -5.21 -10.08
N PHE C 194 -6.25 -5.88 -10.53
CA PHE C 194 -6.20 -7.31 -10.80
C PHE C 194 -5.56 -7.53 -12.17
N ILE C 195 -4.48 -8.30 -12.20
CA ILE C 195 -3.69 -8.51 -13.42
C ILE C 195 -3.91 -9.93 -13.89
N LEU C 196 -4.30 -10.08 -15.16
CA LEU C 196 -4.49 -11.40 -15.75
C LEU C 196 -3.16 -12.13 -15.85
N VAL C 197 -3.04 -13.24 -15.14
CA VAL C 197 -1.80 -14.02 -15.11
C VAL C 197 -1.97 -15.44 -15.63
N ASP C 198 -3.19 -15.99 -15.65
CA ASP C 198 -3.43 -17.35 -16.13
C ASP C 198 -4.69 -17.33 -16.98
N LYS C 199 -4.54 -17.54 -18.28
CA LYS C 199 -5.65 -17.49 -19.23
C LYS C 199 -6.17 -18.90 -19.51
N ASP C 200 -7.49 -19.04 -19.55
CA ASP C 200 -8.16 -20.25 -20.02
C ASP C 200 -7.61 -21.49 -19.34
N VAL C 201 -7.55 -21.44 -18.01
CA VAL C 201 -6.84 -22.48 -17.25
C VAL C 201 -7.61 -23.79 -17.32
N LYS C 202 -6.87 -24.90 -17.33
CA LYS C 202 -7.43 -26.23 -17.30
C LYS C 202 -6.75 -27.03 -16.20
N ILE C 203 -7.54 -27.77 -15.43
CA ILE C 203 -7.00 -28.57 -14.36
C ILE C 203 -6.26 -29.77 -14.93
N LYS C 204 -5.26 -30.25 -14.21
CA LYS C 204 -4.57 -31.48 -14.60
C LYS C 204 -5.57 -32.63 -14.71
N LYS C 205 -5.31 -33.52 -15.66
CA LYS C 205 -6.17 -34.69 -15.81
C LYS C 205 -6.14 -35.56 -14.55
N LYS C 206 -4.97 -35.68 -13.93
CA LYS C 206 -4.83 -36.45 -12.70
C LYS C 206 -3.80 -35.76 -11.81
N GLY C 207 -4.10 -35.71 -10.51
CA GLY C 207 -3.23 -35.08 -9.54
C GLY C 207 -2.55 -36.09 -8.63
N LYS C 208 -1.87 -35.54 -7.62
CA LYS C 208 -1.12 -36.36 -6.66
C LYS C 208 -1.37 -35.92 -5.22
N ILE C 209 -2.45 -35.17 -4.97
CA ILE C 209 -2.79 -34.67 -3.65
C ILE C 209 -4.26 -34.92 -3.38
N TYR C 210 -4.58 -35.40 -2.17
CA TYR C 210 -5.95 -35.53 -1.72
C TYR C 210 -6.18 -34.63 -0.51
N SER C 211 -7.38 -34.06 -0.42
CA SER C 211 -7.67 -33.02 0.57
C SER C 211 -9.01 -33.30 1.23
N LEU C 212 -8.99 -33.62 2.52
CA LEU C 212 -10.20 -33.76 3.32
C LEU C 212 -9.81 -33.82 4.79
N ASN C 213 -10.79 -33.60 5.66
CA ASN C 213 -10.58 -33.66 7.10
C ASN C 213 -10.66 -35.12 7.53
N GLU C 214 -9.50 -35.74 7.76
CA GLU C 214 -9.46 -37.14 8.18
C GLU C 214 -9.78 -37.31 9.66
N GLY C 215 -10.04 -36.23 10.39
CA GLY C 215 -10.51 -36.35 11.76
C GLY C 215 -11.87 -37.00 11.88
N TYR C 216 -12.64 -37.04 10.79
CA TYR C 216 -13.95 -37.69 10.76
C TYR C 216 -13.85 -39.13 10.26
N ALA C 217 -12.68 -39.75 10.35
CA ALA C 217 -12.50 -41.10 9.79
C ALA C 217 -13.45 -42.11 10.42
N ARG C 218 -13.78 -41.92 11.70
CA ARG C 218 -14.68 -42.86 12.37
C ARG C 218 -16.08 -42.82 11.78
N ASP C 219 -16.48 -41.68 11.23
CA ASP C 219 -17.83 -41.51 10.71
C ASP C 219 -17.88 -41.48 9.18
N PHE C 220 -16.79 -41.84 8.51
CA PHE C 220 -16.74 -41.74 7.06
C PHE C 220 -17.67 -42.74 6.40
N ASP C 221 -18.15 -42.36 5.22
CA ASP C 221 -18.80 -43.31 4.33
C ASP C 221 -17.82 -44.44 4.01
N PRO C 222 -18.29 -45.69 3.91
CA PRO C 222 -17.37 -46.77 3.52
C PRO C 222 -16.69 -46.51 2.19
N ALA C 223 -17.37 -45.85 1.24
CA ALA C 223 -16.72 -45.48 -0.01
C ALA C 223 -15.59 -44.49 0.23
N VAL C 224 -15.81 -43.51 1.12
CA VAL C 224 -14.75 -42.55 1.44
C VAL C 224 -13.56 -43.25 2.07
N THR C 225 -13.81 -44.17 3.01
CA THR C 225 -12.72 -44.89 3.66
C THR C 225 -11.91 -45.69 2.65
N GLU C 226 -12.58 -46.36 1.72
CA GLU C 226 -11.85 -47.15 0.73
C GLU C 226 -11.06 -46.27 -0.22
N TYR C 227 -11.64 -45.15 -0.67
CA TYR C 227 -10.94 -44.29 -1.60
C TYR C 227 -9.67 -43.71 -0.97
N ILE C 228 -9.76 -43.25 0.28
CA ILE C 228 -8.59 -42.72 0.96
C ILE C 228 -7.54 -43.80 1.14
N GLN C 229 -7.97 -45.04 1.40
CA GLN C 229 -7.04 -46.15 1.53
C GLN C 229 -6.27 -46.37 0.23
N ARG C 230 -6.93 -46.19 -0.92
CA ARG C 230 -6.23 -46.31 -2.19
C ARG C 230 -5.20 -45.20 -2.38
N LYS C 231 -5.46 -44.01 -1.83
CA LYS C 231 -4.49 -42.93 -1.92
C LYS C 231 -3.24 -43.22 -1.09
N LYS C 232 -3.40 -43.90 0.05
CA LYS C 232 -2.26 -44.24 0.90
C LYS C 232 -1.60 -45.55 0.48
N PHE C 233 -2.36 -46.49 -0.07
CA PHE C 233 -1.85 -47.80 -0.47
C PHE C 233 -2.32 -48.06 -1.90
N PRO C 234 -1.62 -47.51 -2.89
CA PRO C 234 -2.09 -47.60 -4.29
C PRO C 234 -2.11 -49.03 -4.78
N PRO C 235 -3.27 -49.50 -5.28
CA PRO C 235 -3.35 -50.89 -5.76
C PRO C 235 -2.56 -51.16 -7.03
N ASP C 236 -2.22 -50.13 -7.81
CA ASP C 236 -1.43 -50.29 -9.02
C ASP C 236 0.05 -50.03 -8.79
N ASN C 237 0.47 -49.94 -7.53
CA ASN C 237 1.87 -49.69 -7.16
C ASN C 237 2.38 -48.37 -7.68
N SER C 238 1.51 -47.36 -7.77
CA SER C 238 1.96 -46.00 -7.99
C SER C 238 2.41 -45.39 -6.67
N ALA C 239 2.93 -44.18 -6.72
CA ALA C 239 3.34 -43.50 -5.50
C ALA C 239 2.12 -43.04 -4.71
N PRO C 240 2.14 -43.17 -3.39
CA PRO C 240 1.01 -42.66 -2.59
C PRO C 240 0.85 -41.16 -2.75
N TYR C 241 -0.40 -40.71 -2.71
CA TYR C 241 -0.70 -39.28 -2.79
C TYR C 241 -0.21 -38.57 -1.53
N GLY C 242 0.16 -37.31 -1.68
CA GLY C 242 0.34 -36.45 -0.54
C GLY C 242 -0.99 -35.93 -0.02
N ALA C 243 -0.99 -35.52 1.24
CA ALA C 243 -2.18 -34.99 1.89
C ALA C 243 -1.99 -33.51 2.18
N ARG C 244 -3.05 -32.73 1.93
CA ARG C 244 -3.07 -31.31 2.25
C ARG C 244 -4.49 -30.95 2.65
N TYR C 245 -4.67 -30.34 3.82
CA TYR C 245 -5.98 -29.84 4.24
C TYR C 245 -5.78 -28.52 4.97
N VAL C 246 -5.92 -27.43 4.21
CA VAL C 246 -5.74 -26.09 4.77
C VAL C 246 -6.86 -25.78 5.77
N GLY C 247 -8.07 -26.26 5.49
CA GLY C 247 -9.21 -25.99 6.35
C GLY C 247 -10.09 -24.85 5.90
N SER C 248 -9.71 -24.14 4.84
CA SER C 248 -10.56 -23.16 4.19
C SER C 248 -10.84 -23.67 2.78
N MET C 249 -12.12 -23.70 2.41
CA MET C 249 -12.49 -24.33 1.13
C MET C 249 -11.82 -23.63 -0.04
N VAL C 250 -11.76 -22.30 -0.01
CA VAL C 250 -11.18 -21.55 -1.12
C VAL C 250 -9.72 -21.93 -1.34
N ALA C 251 -8.96 -22.06 -0.24
CA ALA C 251 -7.55 -22.41 -0.37
C ALA C 251 -7.37 -23.83 -0.86
N ASP C 252 -8.11 -24.78 -0.29
CA ASP C 252 -7.99 -26.17 -0.71
C ASP C 252 -8.45 -26.35 -2.15
N VAL C 253 -9.54 -25.69 -2.54
CA VAL C 253 -10.03 -25.79 -3.91
C VAL C 253 -9.04 -25.14 -4.88
N HIS C 254 -8.50 -23.97 -4.53
CA HIS C 254 -7.59 -23.29 -5.45
C HIS C 254 -6.33 -24.11 -5.68
N ARG C 255 -5.79 -24.73 -4.63
CA ARG C 255 -4.65 -25.63 -4.82
C ARG C 255 -5.02 -26.78 -5.75
N THR C 256 -6.23 -27.33 -5.58
CA THR C 256 -6.68 -28.40 -6.45
C THR C 256 -6.74 -27.94 -7.91
N LEU C 257 -7.20 -26.71 -8.14
CA LEU C 257 -7.22 -26.17 -9.49
C LEU C 257 -5.81 -26.03 -10.06
N VAL C 258 -4.88 -25.54 -9.24
CA VAL C 258 -3.55 -25.18 -9.75
C VAL C 258 -2.63 -26.40 -9.81
N TYR C 259 -2.71 -27.27 -8.80
CA TYR C 259 -1.83 -28.44 -8.73
C TYR C 259 -2.48 -29.73 -9.21
N GLY C 260 -3.80 -29.77 -9.33
CA GLY C 260 -4.50 -31.01 -9.57
C GLY C 260 -4.73 -31.78 -8.28
N GLY C 261 -5.52 -32.85 -8.40
CA GLY C 261 -5.84 -33.68 -7.26
C GLY C 261 -7.33 -33.67 -6.97
N ILE C 262 -7.66 -33.93 -5.71
CA ILE C 262 -9.05 -34.12 -5.31
C ILE C 262 -9.29 -33.42 -3.97
N PHE C 263 -10.46 -32.81 -3.83
CA PHE C 263 -10.92 -32.22 -2.59
C PHE C 263 -12.24 -32.87 -2.21
N LEU C 264 -12.38 -33.23 -0.94
CA LEU C 264 -13.58 -33.90 -0.45
C LEU C 264 -14.06 -33.25 0.83
N TYR C 265 -15.35 -32.95 0.88
CA TYR C 265 -16.07 -32.79 2.15
C TYR C 265 -17.32 -33.67 2.02
N PRO C 266 -17.18 -34.96 2.27
CA PRO C 266 -18.30 -35.88 2.09
C PRO C 266 -19.22 -35.83 3.30
N ALA C 267 -20.29 -36.62 3.23
CA ALA C 267 -21.17 -36.79 4.38
C ALA C 267 -20.42 -37.47 5.51
N ASN C 268 -20.63 -36.94 6.72
CA ASN C 268 -20.18 -37.56 7.96
C ASN C 268 -21.43 -37.70 8.82
N LYS C 269 -21.28 -37.99 10.11
CA LYS C 269 -22.48 -38.12 10.91
C LYS C 269 -22.96 -36.81 11.50
N LYS C 270 -22.04 -35.89 11.84
CA LYS C 270 -22.46 -34.54 12.22
C LYS C 270 -23.01 -33.74 11.03
N SER C 271 -22.75 -34.20 9.80
CA SER C 271 -23.24 -33.54 8.59
C SER C 271 -23.70 -34.61 7.61
N PRO C 272 -24.89 -35.19 7.83
CA PRO C 272 -25.36 -36.25 6.94
C PRO C 272 -25.55 -35.80 5.50
N ASN C 273 -25.71 -34.50 5.25
CA ASN C 273 -25.75 -33.95 3.91
C ASN C 273 -24.49 -33.16 3.58
N GLY C 274 -23.39 -33.44 4.27
CA GLY C 274 -22.20 -32.62 4.16
C GLY C 274 -22.33 -31.32 4.93
N LYS C 275 -21.24 -30.58 4.99
CA LYS C 275 -21.22 -29.30 5.69
C LYS C 275 -21.33 -28.11 4.74
N LEU C 276 -20.66 -28.18 3.59
CA LEU C 276 -20.57 -27.01 2.71
C LEU C 276 -21.90 -26.72 2.04
N ARG C 277 -22.13 -25.45 1.74
CA ARG C 277 -23.42 -24.97 1.28
C ARG C 277 -23.50 -25.03 -0.24
N LEU C 278 -24.63 -25.53 -0.76
CA LEU C 278 -24.78 -25.74 -2.19
C LEU C 278 -24.73 -24.43 -2.96
N LEU C 279 -25.54 -23.45 -2.56
CA LEU C 279 -25.76 -22.29 -3.42
C LEU C 279 -24.51 -21.43 -3.57
N TYR C 280 -23.79 -21.18 -2.48
CA TYR C 280 -22.69 -20.23 -2.51
C TYR C 280 -21.33 -20.80 -2.18
N GLU C 281 -21.22 -22.10 -1.90
CA GLU C 281 -19.92 -22.73 -1.77
C GLU C 281 -19.71 -23.85 -2.78
N CYS C 282 -20.61 -24.82 -2.85
CA CYS C 282 -20.40 -25.99 -3.70
C CYS C 282 -20.65 -25.66 -5.18
N ASN C 283 -21.78 -25.01 -5.48
CA ASN C 283 -22.09 -24.68 -6.87
C ASN C 283 -21.02 -23.80 -7.51
N PRO C 284 -20.57 -22.69 -6.90
CA PRO C 284 -19.51 -21.90 -7.55
C PRO C 284 -18.23 -22.67 -7.78
N MET C 285 -17.82 -23.50 -6.82
CA MET C 285 -16.59 -24.27 -7.00
C MET C 285 -16.79 -25.35 -8.05
N ALA C 286 -17.97 -25.97 -8.08
CA ALA C 286 -18.28 -26.95 -9.11
C ALA C 286 -18.26 -26.32 -10.49
N TYR C 287 -18.81 -25.10 -10.61
CA TYR C 287 -18.82 -24.41 -11.89
C TYR C 287 -17.41 -24.09 -12.36
N VAL C 288 -16.54 -23.62 -11.45
CA VAL C 288 -15.16 -23.33 -11.83
C VAL C 288 -14.47 -24.60 -12.28
N MET C 289 -14.65 -25.70 -11.55
CA MET C 289 -13.99 -26.95 -11.89
C MET C 289 -14.41 -27.44 -13.27
N GLU C 290 -15.71 -27.45 -13.55
CA GLU C 290 -16.19 -27.98 -14.82
C GLU C 290 -15.73 -27.11 -15.99
N LYS C 291 -15.71 -25.78 -15.81
CA LYS C 291 -15.18 -24.91 -16.84
C LYS C 291 -13.68 -25.09 -17.04
N ALA C 292 -12.99 -25.63 -16.04
CA ALA C 292 -11.57 -25.92 -16.14
C ALA C 292 -11.27 -27.35 -16.56
N GLY C 293 -12.30 -28.11 -16.96
CA GLY C 293 -12.10 -29.50 -17.33
C GLY C 293 -12.06 -30.47 -16.18
N GLY C 294 -12.45 -30.05 -14.98
CA GLY C 294 -12.54 -30.93 -13.84
C GLY C 294 -13.95 -31.45 -13.62
N MET C 295 -14.16 -32.03 -12.44
CA MET C 295 -15.44 -32.59 -12.08
C MET C 295 -15.78 -32.20 -10.65
N ALA C 296 -17.06 -32.30 -10.32
CA ALA C 296 -17.54 -32.03 -8.97
C ALA C 296 -18.83 -32.79 -8.76
N THR C 297 -18.83 -33.72 -7.81
CA THR C 297 -19.96 -34.62 -7.58
C THR C 297 -20.34 -34.63 -6.11
N THR C 298 -21.60 -34.94 -5.84
CA THR C 298 -22.05 -35.28 -4.50
C THR C 298 -21.90 -36.77 -4.21
N GLY C 299 -21.52 -37.55 -5.20
CA GLY C 299 -21.50 -39.01 -5.10
C GLY C 299 -22.64 -39.60 -5.88
N LYS C 300 -23.81 -38.98 -5.78
CA LYS C 300 -24.99 -39.43 -6.51
C LYS C 300 -25.17 -38.72 -7.84
N GLU C 301 -24.74 -37.47 -7.94
CA GLU C 301 -24.98 -36.66 -9.13
C GLU C 301 -23.99 -35.51 -9.14
N ALA C 302 -23.91 -34.84 -10.28
CA ALA C 302 -23.11 -33.63 -10.38
C ALA C 302 -23.68 -32.55 -9.46
N VAL C 303 -22.78 -31.81 -8.80
CA VAL C 303 -23.22 -30.75 -7.89
C VAL C 303 -24.08 -29.75 -8.63
N LEU C 304 -23.71 -29.40 -9.86
CA LEU C 304 -24.43 -28.39 -10.63
C LEU C 304 -25.84 -28.81 -11.02
N ASP C 305 -26.18 -30.10 -10.88
CA ASP C 305 -27.49 -30.59 -11.24
C ASP C 305 -28.46 -30.68 -10.06
N VAL C 306 -27.98 -30.51 -8.83
CA VAL C 306 -28.86 -30.57 -7.68
C VAL C 306 -29.82 -29.39 -7.72
N ILE C 307 -31.11 -29.68 -7.54
CA ILE C 307 -32.14 -28.65 -7.53
C ILE C 307 -32.43 -28.31 -6.07
N PRO C 308 -32.03 -27.15 -5.58
CA PRO C 308 -32.17 -26.85 -4.15
C PRO C 308 -33.58 -26.43 -3.78
N THR C 309 -33.93 -26.71 -2.51
CA THR C 309 -35.19 -26.26 -1.92
C THR C 309 -34.97 -25.29 -0.77
N ASP C 310 -33.72 -25.05 -0.36
CA ASP C 310 -33.38 -24.16 0.74
C ASP C 310 -32.11 -23.43 0.35
N ILE C 311 -32.10 -22.10 0.49
CA ILE C 311 -30.94 -21.33 0.05
C ILE C 311 -29.70 -21.65 0.88
N HIS C 312 -29.88 -22.22 2.07
CA HIS C 312 -28.77 -22.57 2.94
C HIS C 312 -28.56 -24.08 3.04
N GLN C 313 -29.13 -24.85 2.13
CA GLN C 313 -29.00 -26.30 2.22
C GLN C 313 -27.57 -26.74 1.88
N ARG C 314 -27.14 -27.80 2.54
CA ARG C 314 -25.78 -28.30 2.40
C ARG C 314 -25.75 -29.45 1.39
N ALA C 315 -24.54 -29.75 0.91
CA ALA C 315 -24.36 -30.82 -0.04
C ALA C 315 -22.98 -31.43 0.14
N PRO C 316 -22.85 -32.75 0.07
CA PRO C 316 -21.52 -33.35 -0.04
C PRO C 316 -20.89 -32.95 -1.36
N VAL C 317 -19.57 -32.77 -1.35
CA VAL C 317 -18.86 -32.32 -2.53
C VAL C 317 -17.55 -33.09 -2.66
N ILE C 318 -17.29 -33.61 -3.85
CA ILE C 318 -16.03 -34.26 -4.21
C ILE C 318 -15.65 -33.70 -5.58
N LEU C 319 -14.57 -32.92 -5.62
CA LEU C 319 -14.21 -32.21 -6.84
C LEU C 319 -12.71 -32.30 -7.08
N GLY C 320 -12.31 -31.98 -8.31
CA GLY C 320 -10.91 -31.93 -8.65
C GLY C 320 -10.59 -32.48 -10.03
N SER C 321 -9.42 -33.08 -10.16
CA SER C 321 -8.99 -33.62 -11.45
C SER C 321 -9.95 -34.71 -11.91
N PRO C 322 -10.30 -34.75 -13.21
CA PRO C 322 -11.33 -35.70 -13.66
C PRO C 322 -10.98 -37.15 -13.40
N ASP C 323 -9.71 -37.55 -13.55
CA ASP C 323 -9.34 -38.93 -13.28
C ASP C 323 -9.45 -39.25 -11.80
N ASP C 324 -9.20 -38.28 -10.93
CA ASP C 324 -9.32 -38.54 -9.50
C ASP C 324 -10.78 -38.61 -9.07
N VAL C 325 -11.63 -37.74 -9.60
CA VAL C 325 -13.05 -37.79 -9.26
C VAL C 325 -13.69 -39.05 -9.79
N LEU C 326 -13.37 -39.43 -11.02
CA LEU C 326 -13.91 -40.66 -11.59
C LEU C 326 -13.48 -41.88 -10.77
N GLU C 327 -12.25 -41.87 -10.26
CA GLU C 327 -11.79 -42.97 -9.42
C GLU C 327 -12.60 -43.05 -8.13
N PHE C 328 -12.88 -41.91 -7.50
CA PHE C 328 -13.75 -41.92 -6.32
C PHE C 328 -15.14 -42.41 -6.67
N LEU C 329 -15.66 -41.98 -7.82
CA LEU C 329 -17.00 -42.40 -8.21
C LEU C 329 -17.07 -43.91 -8.39
N LYS C 330 -16.04 -44.51 -9.01
CA LYS C 330 -16.01 -45.95 -9.17
C LYS C 330 -16.07 -46.66 -7.82
N VAL C 331 -15.31 -46.15 -6.84
CA VAL C 331 -15.39 -46.71 -5.49
C VAL C 331 -16.78 -46.51 -4.91
N TYR C 332 -17.37 -45.34 -5.12
CA TYR C 332 -18.70 -45.06 -4.59
C TYR C 332 -19.74 -45.99 -5.21
N GLU C 333 -19.66 -46.23 -6.52
CA GLU C 333 -20.61 -47.12 -7.18
C GLU C 333 -20.49 -48.54 -6.67
N LYS C 334 -19.25 -48.99 -6.36
CA LYS C 334 -19.06 -50.33 -5.85
C LYS C 334 -19.79 -50.51 -4.51
N HIS C 335 -19.89 -49.45 -3.72
CA HIS C 335 -20.62 -49.48 -2.46
C HIS C 335 -22.09 -49.09 -2.62
N SER C 336 -22.53 -48.83 -3.84
CA SER C 336 -23.90 -48.39 -4.12
C SER C 336 -24.23 -47.10 -3.35
N ASP D 10 -1.49 1.41 26.09
CA ASP D 10 -0.71 2.15 25.09
C ASP D 10 -0.36 1.27 23.89
N VAL D 11 -0.47 1.85 22.70
CA VAL D 11 -0.03 1.14 21.49
C VAL D 11 1.46 0.85 21.60
N ASN D 12 1.86 -0.29 21.07
CA ASN D 12 3.27 -0.68 21.07
C ASN D 12 3.63 -1.26 19.71
N THR D 13 4.78 -0.85 19.20
CA THR D 13 5.30 -1.35 17.94
C THR D 13 6.47 -2.29 18.21
N LEU D 14 6.81 -3.08 17.20
CA LEU D 14 7.94 -3.99 17.33
C LEU D 14 9.24 -3.22 17.55
N THR D 15 9.41 -2.11 16.83
CA THR D 15 10.59 -1.28 17.02
C THR D 15 10.67 -0.76 18.46
N ARG D 16 9.56 -0.22 18.96
CA ARG D 16 9.53 0.28 20.33
C ARG D 16 9.75 -0.86 21.34
N PHE D 17 9.08 -2.00 21.12
CA PHE D 17 9.19 -3.12 22.04
C PHE D 17 10.62 -3.64 22.11
N VAL D 18 11.25 -3.85 20.95
CA VAL D 18 12.60 -4.40 20.92
C VAL D 18 13.58 -3.43 21.58
N MET D 19 13.44 -2.14 21.28
CA MET D 19 14.31 -1.14 21.89
C MET D 19 14.19 -1.14 23.41
N GLU D 20 12.96 -1.18 23.92
CA GLU D 20 12.75 -1.15 25.36
C GLU D 20 13.33 -2.39 26.03
N GLU D 21 13.17 -3.56 25.42
CA GLU D 21 13.76 -4.77 25.97
C GLU D 21 15.28 -4.68 25.97
N GLY D 22 15.86 -4.08 24.93
CA GLY D 22 17.29 -3.84 24.95
C GLY D 22 17.72 -2.90 26.06
N ARG D 23 16.92 -1.85 26.31
CA ARG D 23 17.23 -0.94 27.40
C ARG D 23 17.17 -1.66 28.75
N LYS D 24 16.16 -2.50 28.95
CA LYS D 24 16.05 -3.25 30.20
C LYS D 24 17.25 -4.17 30.41
N ALA D 25 17.66 -4.86 29.35
CA ALA D 25 18.75 -5.81 29.42
C ALA D 25 20.12 -5.13 29.45
N ARG D 26 20.18 -3.81 29.31
CA ARG D 26 21.43 -3.05 29.30
C ARG D 26 22.36 -3.50 28.17
N GLY D 27 21.78 -3.88 27.03
CA GLY D 27 22.58 -4.24 25.89
C GLY D 27 23.28 -3.05 25.27
N THR D 28 24.29 -3.34 24.46
CA THR D 28 25.01 -2.30 23.74
C THR D 28 24.25 -1.79 22.52
N GLY D 29 23.12 -2.42 22.18
CA GLY D 29 22.36 -2.06 21.00
C GLY D 29 22.63 -2.92 19.80
N GLU D 30 23.59 -3.86 19.88
CA GLU D 30 23.92 -4.69 18.74
C GLU D 30 22.79 -5.64 18.39
N LEU D 31 22.24 -6.34 19.39
CA LEU D 31 21.11 -7.23 19.14
C LEU D 31 19.88 -6.45 18.71
N THR D 32 19.69 -5.25 19.26
CA THR D 32 18.58 -4.41 18.83
C THR D 32 18.68 -4.06 17.34
N GLN D 33 19.90 -3.74 16.87
CA GLN D 33 20.09 -3.47 15.45
C GLN D 33 19.84 -4.72 14.61
N LEU D 34 20.26 -5.89 15.11
CA LEU D 34 19.99 -7.13 14.39
C LEU D 34 18.49 -7.33 14.20
N LEU D 35 17.72 -7.18 15.27
CA LEU D 35 16.27 -7.38 15.18
C LEU D 35 15.63 -6.33 14.28
N ASN D 36 16.08 -5.07 14.37
CA ASN D 36 15.57 -4.03 13.49
C ASN D 36 15.78 -4.39 12.03
N SER D 37 16.97 -4.87 11.68
CA SER D 37 17.25 -5.25 10.30
C SER D 37 16.39 -6.43 9.87
N LEU D 38 16.18 -7.40 10.77
CA LEU D 38 15.33 -8.54 10.46
C LEU D 38 13.89 -8.09 10.18
N CYS D 39 13.38 -7.16 10.99
CA CYS D 39 12.02 -6.68 10.80
CA CYS D 39 12.02 -6.69 10.79
C CYS D 39 11.87 -5.99 9.44
N THR D 40 12.87 -5.19 9.05
CA THR D 40 12.82 -4.54 7.75
C THR D 40 12.84 -5.56 6.62
N ALA D 41 13.69 -6.59 6.74
CA ALA D 41 13.72 -7.64 5.72
C ALA D 41 12.40 -8.38 5.65
N VAL D 42 11.78 -8.63 6.80
CA VAL D 42 10.48 -9.32 6.82
C VAL D 42 9.42 -8.49 6.11
N LYS D 43 9.43 -7.17 6.33
CA LYS D 43 8.50 -6.30 5.62
C LYS D 43 8.75 -6.35 4.12
N ALA D 44 10.01 -6.37 3.69
CA ALA D 44 10.32 -6.41 2.27
C ALA D 44 9.90 -7.74 1.65
N ILE D 45 10.16 -8.86 2.35
CA ILE D 45 9.74 -10.17 1.86
C ILE D 45 8.22 -10.21 1.75
N SER D 46 7.55 -9.69 2.77
CA SER D 46 6.09 -9.71 2.81
C SER D 46 5.51 -8.95 1.62
N SER D 47 6.07 -7.78 1.31
CA SER D 47 5.61 -6.99 0.17
C SER D 47 5.75 -7.77 -1.14
N ALA D 48 6.87 -8.47 -1.32
CA ALA D 48 7.07 -9.26 -2.53
C ALA D 48 6.14 -10.47 -2.56
N VAL D 49 5.89 -11.09 -1.40
CA VAL D 49 5.03 -12.26 -1.35
C VAL D 49 3.60 -11.90 -1.77
N ARG D 50 3.11 -10.74 -1.33
CA ARG D 50 1.79 -10.27 -1.73
C ARG D 50 1.77 -9.72 -3.16
N LYS D 51 2.89 -9.82 -3.87
CA LYS D 51 2.96 -9.56 -5.32
C LYS D 51 2.83 -8.08 -5.65
N ALA D 52 3.40 -7.22 -4.82
CA ALA D 52 3.50 -5.81 -5.16
C ALA D 52 4.35 -5.64 -6.42
N GLY D 53 3.85 -4.86 -7.38
CA GLY D 53 4.57 -4.62 -8.60
C GLY D 53 4.51 -5.74 -9.62
N ILE D 54 3.65 -6.74 -9.42
CA ILE D 54 3.56 -7.84 -10.38
C ILE D 54 3.10 -7.35 -11.74
N ALA D 55 2.37 -6.23 -11.79
CA ALA D 55 1.92 -5.68 -13.05
C ALA D 55 3.08 -5.37 -13.99
N HIS D 56 4.21 -4.93 -13.44
CA HIS D 56 5.38 -4.65 -14.27
C HIS D 56 5.95 -5.93 -14.87
N LEU D 57 5.91 -7.03 -14.11
CA LEU D 57 6.36 -8.32 -14.63
C LEU D 57 5.52 -8.75 -15.82
N TYR D 58 4.26 -8.36 -15.86
CA TYR D 58 3.35 -8.79 -16.93
C TYR D 58 3.15 -7.69 -17.98
N GLY D 59 4.01 -6.68 -17.99
CA GLY D 59 4.10 -5.78 -19.13
C GLY D 59 3.23 -4.54 -19.08
N ILE D 60 2.89 -4.04 -17.89
CA ILE D 60 2.06 -2.85 -17.81
C ILE D 60 2.76 -1.66 -18.45
N ALA D 61 4.09 -1.60 -18.36
CA ALA D 61 4.88 -0.55 -18.99
C ALA D 61 5.61 -1.03 -20.24
N GLY D 62 5.20 -2.17 -20.78
CA GLY D 62 5.93 -2.78 -21.87
C GLY D 62 7.17 -3.49 -21.38
N SER D 63 8.00 -3.91 -22.34
CA SER D 63 9.25 -4.62 -22.04
C SER D 63 10.34 -3.58 -21.75
N THR D 64 10.23 -2.96 -20.57
CA THR D 64 11.14 -1.91 -20.09
C THR D 64 11.52 -0.91 -21.17
N GLN D 70 13.23 -8.86 -8.63
CA GLN D 70 12.38 -8.36 -9.70
C GLN D 70 11.86 -9.53 -10.54
N VAL D 71 12.72 -10.07 -11.40
CA VAL D 71 12.43 -11.34 -12.05
C VAL D 71 12.79 -12.50 -11.13
N LYS D 72 13.59 -12.23 -10.09
CA LYS D 72 14.04 -13.26 -9.18
C LYS D 72 12.84 -13.96 -8.52
N LYS D 73 12.96 -15.27 -8.34
CA LYS D 73 11.94 -16.00 -7.61
C LYS D 73 11.94 -15.58 -6.14
N LEU D 74 10.79 -15.79 -5.50
CA LEU D 74 10.62 -15.33 -4.11
C LEU D 74 11.65 -15.95 -3.18
N ASP D 75 11.99 -17.23 -3.39
CA ASP D 75 12.99 -17.87 -2.55
C ASP D 75 14.34 -17.19 -2.68
N VAL D 76 14.75 -16.84 -3.89
CA VAL D 76 16.02 -16.14 -4.08
C VAL D 76 15.96 -14.74 -3.48
N LEU D 77 14.89 -14.00 -3.78
CA LEU D 77 14.78 -12.63 -3.30
C LEU D 77 14.72 -12.58 -1.78
N SER D 78 13.97 -13.51 -1.16
CA SER D 78 13.88 -13.55 0.29
C SER D 78 15.24 -13.81 0.92
N ASN D 79 16.00 -14.74 0.35
CA ASN D 79 17.34 -15.01 0.86
C ASN D 79 18.24 -13.78 0.73
N ASP D 80 18.16 -13.10 -0.42
CA ASP D 80 18.95 -11.89 -0.62
C ASP D 80 18.58 -10.81 0.38
N LEU D 81 17.29 -10.65 0.67
CA LEU D 81 16.86 -9.63 1.61
C LEU D 81 17.39 -9.90 3.01
N VAL D 82 17.21 -11.12 3.51
CA VAL D 82 17.66 -11.45 4.87
C VAL D 82 19.18 -11.36 4.97
N MET D 83 19.88 -11.90 3.97
CA MET D 83 21.35 -11.83 3.96
C MET D 83 21.84 -10.38 4.01
N ASN D 84 21.35 -9.54 3.11
CA ASN D 84 21.86 -8.18 3.03
C ASN D 84 21.53 -7.37 4.28
N MET D 85 20.30 -7.50 4.79
CA MET D 85 19.94 -6.73 5.98
C MET D 85 20.71 -7.19 7.21
N LEU D 86 20.89 -8.50 7.37
CA LEU D 86 21.65 -9.00 8.52
C LEU D 86 23.11 -8.56 8.44
N LYS D 87 23.72 -8.64 7.25
CA LYS D 87 25.09 -8.19 7.10
C LYS D 87 25.22 -6.70 7.41
N SER D 88 24.30 -5.90 6.88
CA SER D 88 24.34 -4.46 7.07
C SER D 88 23.99 -4.03 8.49
N SER D 89 23.53 -4.95 9.33
CA SER D 89 23.24 -4.63 10.72
C SER D 89 24.50 -4.48 11.57
N PHE D 90 25.65 -4.97 11.09
CA PHE D 90 26.91 -4.97 11.83
C PHE D 90 26.83 -5.79 13.11
N ALA D 91 25.87 -6.71 13.19
CA ALA D 91 25.60 -7.46 14.40
C ALA D 91 25.89 -8.96 14.30
N THR D 92 26.27 -9.44 13.12
CA THR D 92 26.43 -10.87 12.89
C THR D 92 27.83 -11.19 12.40
N CYS D 93 28.22 -12.46 12.56
CA CYS D 93 29.51 -12.94 12.10
C CYS D 93 29.37 -14.20 11.24
N VAL D 94 28.37 -15.02 11.54
CA VAL D 94 28.14 -16.27 10.82
C VAL D 94 26.65 -16.37 10.51
N LEU D 95 26.33 -16.63 9.24
CA LEU D 95 24.95 -16.73 8.78
C LEU D 95 24.73 -18.07 8.12
N VAL D 96 23.68 -18.78 8.54
CA VAL D 96 23.31 -20.08 7.99
C VAL D 96 21.94 -19.95 7.37
N SER D 97 21.84 -20.29 6.08
CA SER D 97 20.58 -20.26 5.35
C SER D 97 20.32 -21.61 4.71
N GLU D 98 19.03 -21.93 4.55
CA GLU D 98 18.66 -23.14 3.83
C GLU D 98 19.13 -23.09 2.38
N GLU D 99 19.31 -21.88 1.84
CA GLU D 99 19.66 -21.72 0.43
C GLU D 99 21.15 -21.93 0.15
N ASP D 100 22.01 -21.96 1.17
CA ASP D 100 23.45 -22.02 0.97
C ASP D 100 24.01 -23.23 1.70
N LYS D 101 24.84 -24.01 1.00
CA LYS D 101 25.40 -25.22 1.58
C LYS D 101 26.30 -24.91 2.76
N HIS D 102 27.13 -23.88 2.64
CA HIS D 102 28.08 -23.49 3.69
C HIS D 102 27.60 -22.22 4.36
N ALA D 103 27.98 -22.05 5.63
CA ALA D 103 27.64 -20.83 6.33
C ALA D 103 28.40 -19.64 5.74
N ILE D 104 27.73 -18.51 5.65
CA ILE D 104 28.35 -17.28 5.17
C ILE D 104 29.08 -16.64 6.34
N ILE D 105 30.36 -16.33 6.14
CA ILE D 105 31.16 -15.63 7.14
C ILE D 105 31.13 -14.15 6.80
N VAL D 106 30.60 -13.35 7.72
CA VAL D 106 30.48 -11.91 7.49
C VAL D 106 31.87 -11.30 7.42
N GLU D 107 32.06 -10.38 6.47
CA GLU D 107 33.35 -9.74 6.31
C GLU D 107 33.73 -8.97 7.58
N PRO D 108 35.03 -8.85 7.87
CA PRO D 108 35.44 -8.29 9.17
C PRO D 108 34.88 -6.90 9.45
N GLU D 109 34.74 -6.06 8.43
CA GLU D 109 34.28 -4.69 8.65
C GLU D 109 32.87 -4.66 9.22
N LYS D 110 32.03 -5.66 8.90
CA LYS D 110 30.63 -5.67 9.29
C LYS D 110 30.33 -6.74 10.34
N ARG D 111 31.33 -7.14 11.11
CA ARG D 111 31.22 -8.32 11.97
C ARG D 111 30.68 -7.96 13.34
N GLY D 112 29.65 -8.69 13.77
CA GLY D 112 29.11 -8.59 15.11
C GLY D 112 29.20 -9.91 15.85
N LYS D 113 28.57 -9.99 17.02
CA LYS D 113 28.74 -11.17 17.89
C LYS D 113 27.86 -12.35 17.51
N TYR D 114 26.83 -12.15 16.71
CA TYR D 114 25.72 -13.09 16.66
C TYR D 114 25.76 -14.00 15.45
N VAL D 115 25.25 -15.22 15.63
CA VAL D 115 25.11 -16.22 14.58
C VAL D 115 23.63 -16.40 14.32
N VAL D 116 23.21 -16.24 13.07
CA VAL D 116 21.80 -16.32 12.70
C VAL D 116 21.62 -17.48 11.73
N CYS D 117 20.71 -18.38 12.07
CA CYS D 117 20.27 -19.44 11.18
C CYS D 117 18.82 -19.16 10.79
N PHE D 118 18.54 -19.15 9.49
CA PHE D 118 17.21 -18.76 9.05
C PHE D 118 16.79 -19.55 7.83
N ASP D 119 15.47 -19.73 7.70
CA ASP D 119 14.84 -20.18 6.46
C ASP D 119 14.16 -18.97 5.86
N PRO D 120 14.71 -18.38 4.80
CA PRO D 120 14.15 -17.10 4.29
C PRO D 120 12.71 -17.22 3.80
N LEU D 121 12.31 -18.36 3.27
CA LEU D 121 10.94 -18.53 2.77
C LEU D 121 10.56 -20.00 2.96
N ASP D 122 9.85 -20.30 4.05
CA ASP D 122 9.44 -21.66 4.35
C ASP D 122 8.11 -21.98 3.68
N GLY D 123 8.00 -23.21 3.17
CA GLY D 123 6.79 -23.67 2.51
C GLY D 123 6.84 -23.55 1.01
N SER D 124 7.92 -24.07 0.41
CA SER D 124 8.17 -23.85 -1.01
C SER D 124 7.08 -24.47 -1.89
N SER D 125 6.61 -25.67 -1.53
CA SER D 125 5.60 -26.34 -2.34
C SER D 125 4.29 -25.57 -2.39
N ASN D 126 4.08 -24.63 -1.46
CA ASN D 126 2.84 -23.87 -1.38
C ASN D 126 2.91 -22.51 -2.06
N ILE D 127 4.07 -22.16 -2.67
CA ILE D 127 4.22 -20.82 -3.23
C ILE D 127 3.27 -20.62 -4.41
N ASP D 128 3.26 -21.56 -5.35
CA ASP D 128 2.50 -21.37 -6.58
C ASP D 128 0.99 -21.50 -6.39
N CYS D 129 0.55 -22.13 -5.30
CA CYS D 129 -0.87 -22.23 -5.00
C CYS D 129 -1.34 -21.17 -4.00
N LEU D 130 -0.48 -20.18 -3.71
CA LEU D 130 -0.84 -19.00 -2.91
C LEU D 130 -1.25 -19.37 -1.48
N VAL D 131 -0.71 -20.47 -0.97
CA VAL D 131 -0.95 -20.85 0.41
C VAL D 131 0.10 -20.16 1.28
N SER D 132 -0.23 -19.96 2.55
CA SER D 132 0.64 -19.25 3.48
C SER D 132 2.06 -19.79 3.44
N VAL D 133 3.03 -18.87 3.47
CA VAL D 133 4.44 -19.17 3.62
C VAL D 133 5.00 -18.30 4.72
N GLY D 134 6.29 -18.41 4.99
CA GLY D 134 6.84 -17.63 6.07
C GLY D 134 8.36 -17.68 6.10
N THR D 135 8.90 -16.99 7.10
CA THR D 135 10.33 -16.91 7.37
C THR D 135 10.58 -17.36 8.80
N ILE D 136 11.63 -18.16 9.00
CA ILE D 136 11.98 -18.69 10.32
C ILE D 136 13.40 -18.25 10.64
N PHE D 137 13.65 -17.93 11.91
CA PHE D 137 14.99 -17.48 12.28
C PHE D 137 15.31 -17.91 13.71
N GLY D 138 16.59 -18.18 13.94
CA GLY D 138 17.11 -18.41 15.28
C GLY D 138 18.42 -17.67 15.46
N ILE D 139 18.60 -17.01 16.61
CA ILE D 139 19.75 -16.13 16.83
C ILE D 139 20.59 -16.71 17.97
N TYR D 140 21.87 -16.93 17.69
CA TYR D 140 22.83 -17.41 18.67
C TYR D 140 23.91 -16.36 18.90
N ARG D 141 24.53 -16.43 20.07
CA ARG D 141 25.73 -15.65 20.36
C ARG D 141 26.95 -16.53 20.14
N LYS D 142 27.95 -16.00 19.45
CA LYS D 142 29.18 -16.75 19.22
C LYS D 142 29.86 -17.05 20.55
N LYS D 143 30.28 -18.30 20.71
CA LYS D 143 30.81 -18.77 21.99
C LYS D 143 32.33 -18.92 22.00
N SER D 144 32.95 -19.20 20.86
CA SER D 144 34.38 -19.37 20.79
C SER D 144 35.08 -18.04 20.49
N THR D 145 36.39 -18.03 20.70
CA THR D 145 37.22 -16.89 20.34
C THR D 145 38.00 -17.11 19.05
N ASP D 146 37.85 -18.27 18.42
CA ASP D 146 38.48 -18.51 17.13
C ASP D 146 37.90 -17.56 16.07
N GLU D 147 38.52 -17.56 14.91
CA GLU D 147 37.93 -16.87 13.77
C GLU D 147 36.54 -17.45 13.50
N PRO D 148 35.56 -16.61 13.17
CA PRO D 148 34.21 -17.15 12.93
C PRO D 148 34.20 -18.14 11.78
N SER D 149 33.43 -19.21 11.96
CA SER D 149 33.38 -20.29 10.97
C SER D 149 32.08 -21.05 11.14
N GLU D 150 31.91 -22.10 10.34
CA GLU D 150 30.67 -22.88 10.36
C GLU D 150 30.40 -23.47 11.74
N LYS D 151 31.45 -23.91 12.44
CA LYS D 151 31.27 -24.59 13.72
C LYS D 151 30.58 -23.71 14.75
N ASP D 152 30.62 -22.38 14.59
CA ASP D 152 29.93 -21.49 15.51
C ASP D 152 28.42 -21.60 15.41
N ALA D 153 27.89 -22.18 14.33
CA ALA D 153 26.47 -22.41 14.19
C ALA D 153 26.02 -23.76 14.73
N LEU D 154 26.96 -24.59 15.19
CA LEU D 154 26.63 -25.93 15.67
C LEU D 154 26.36 -25.95 17.17
N GLN D 155 25.44 -25.09 17.60
CA GLN D 155 25.03 -25.02 18.99
C GLN D 155 23.65 -25.66 19.17
N PRO D 156 23.38 -26.27 20.31
CA PRO D 156 22.03 -26.77 20.58
C PRO D 156 21.06 -25.60 20.77
N GLY D 157 19.78 -25.91 20.55
CA GLY D 157 18.75 -24.89 20.66
C GLY D 157 18.67 -24.24 22.02
N ARG D 158 19.20 -24.90 23.06
CA ARG D 158 19.21 -24.32 24.40
C ARG D 158 19.96 -22.99 24.43
N ASN D 159 20.91 -22.80 23.52
CA ASN D 159 21.74 -21.60 23.50
C ASN D 159 21.08 -20.42 22.78
N LEU D 160 19.87 -20.60 22.28
CA LEU D 160 19.21 -19.54 21.50
C LEU D 160 19.00 -18.29 22.36
N VAL D 161 19.35 -17.14 21.80
CA VAL D 161 19.08 -15.87 22.44
C VAL D 161 17.71 -15.33 22.03
N ALA D 162 17.35 -15.50 20.76
CA ALA D 162 16.05 -15.11 20.26
C ALA D 162 15.69 -16.00 19.08
N ALA D 163 14.39 -16.23 18.90
CA ALA D 163 13.91 -17.03 17.78
C ALA D 163 12.47 -16.66 17.51
N GLY D 164 12.00 -17.04 16.34
CA GLY D 164 10.62 -16.79 15.97
C GLY D 164 10.43 -16.94 14.48
N TYR D 165 9.33 -16.36 14.00
CA TYR D 165 9.01 -16.49 12.59
C TYR D 165 8.12 -15.34 12.16
N ALA D 166 8.09 -15.10 10.85
CA ALA D 166 7.11 -14.25 10.22
C ALA D 166 6.20 -15.15 9.37
N LEU D 167 4.90 -14.97 9.51
CA LEU D 167 3.92 -15.74 8.75
C LEU D 167 3.24 -14.82 7.75
N TYR D 168 3.36 -15.15 6.46
CA TYR D 168 2.69 -14.40 5.40
C TYR D 168 1.43 -15.18 5.02
N GLY D 169 0.39 -15.02 5.84
CA GLY D 169 -0.88 -15.67 5.59
C GLY D 169 -1.94 -14.70 5.12
N SER D 170 -3.16 -14.83 5.64
CA SER D 170 -4.19 -13.84 5.33
C SER D 170 -3.78 -12.45 5.79
N ALA D 171 -3.00 -12.38 6.87
CA ALA D 171 -2.26 -11.18 7.25
C ALA D 171 -0.85 -11.61 7.62
N THR D 172 0.04 -10.64 7.76
CA THR D 172 1.44 -10.92 8.07
C THR D 172 1.70 -10.66 9.55
N MET D 173 2.23 -11.65 10.24
CA MET D 173 2.49 -11.57 11.66
C MET D 173 3.92 -12.00 11.96
N LEU D 174 4.61 -11.21 12.78
CA LEU D 174 5.92 -11.56 13.29
C LEU D 174 5.73 -12.09 14.71
N VAL D 175 6.16 -13.33 14.95
CA VAL D 175 6.15 -13.94 16.27
C VAL D 175 7.59 -13.96 16.77
N LEU D 176 7.84 -13.30 17.89
CA LEU D 176 9.18 -13.16 18.44
C LEU D 176 9.22 -13.81 19.82
N ALA D 177 10.15 -14.74 20.01
CA ALA D 177 10.33 -15.43 21.28
C ALA D 177 11.69 -15.08 21.86
N MET D 178 11.71 -14.70 23.13
CA MET D 178 12.94 -14.38 23.83
C MET D 178 12.81 -14.89 25.25
N ASP D 179 13.76 -14.52 26.11
CA ASP D 179 13.69 -14.93 27.51
C ASP D 179 12.43 -14.39 28.19
N CYS D 180 11.97 -13.21 27.77
CA CYS D 180 10.78 -12.61 28.35
C CYS D 180 9.49 -13.28 27.90
N GLY D 181 9.55 -14.22 26.96
CA GLY D 181 8.37 -14.90 26.50
C GLY D 181 8.14 -14.73 25.00
N VAL D 182 6.92 -15.02 24.56
CA VAL D 182 6.56 -14.97 23.14
C VAL D 182 5.57 -13.84 22.93
N ASN D 183 5.86 -12.99 21.95
CA ASN D 183 5.00 -11.85 21.63
C ASN D 183 4.72 -11.83 20.13
N CYS D 184 3.49 -11.50 19.78
CA CYS D 184 3.03 -11.53 18.40
C CYS D 184 2.74 -10.12 17.93
N PHE D 185 3.21 -9.78 16.73
CA PHE D 185 3.05 -8.45 16.15
C PHE D 185 2.38 -8.57 14.79
N MET D 186 1.31 -7.78 14.60
CA MET D 186 0.61 -7.73 13.32
C MET D 186 1.18 -6.61 12.48
N LEU D 187 1.54 -6.91 11.24
CA LEU D 187 2.03 -5.88 10.34
C LEU D 187 0.86 -5.09 9.77
N ASP D 188 0.85 -3.79 10.03
CA ASP D 188 -0.14 -2.90 9.43
C ASP D 188 0.43 -2.41 8.11
N PRO D 189 -0.06 -2.95 6.99
CA PRO D 189 0.52 -2.57 5.68
C PRO D 189 0.31 -1.11 5.32
N ALA D 190 -0.69 -0.45 5.90
CA ALA D 190 -0.93 0.95 5.58
C ALA D 190 0.24 1.83 6.01
N ILE D 191 0.96 1.43 7.06
CA ILE D 191 2.03 2.24 7.62
C ILE D 191 3.34 1.48 7.73
N GLY D 192 3.37 0.19 7.41
CA GLY D 192 4.59 -0.58 7.51
C GLY D 192 5.10 -0.69 8.93
N GLU D 193 4.19 -0.98 9.86
CA GLU D 193 4.53 -1.07 11.28
C GLU D 193 3.99 -2.38 11.84
N PHE D 194 4.85 -3.10 12.54
CA PHE D 194 4.41 -4.27 13.30
C PHE D 194 3.81 -3.81 14.61
N ILE D 195 2.56 -4.19 14.86
CA ILE D 195 1.82 -3.75 16.04
C ILE D 195 1.66 -4.91 16.99
N LEU D 196 2.03 -4.70 18.26
CA LEU D 196 1.89 -5.74 19.26
C LEU D 196 0.41 -5.99 19.54
N VAL D 197 -0.05 -7.21 19.26
CA VAL D 197 -1.46 -7.55 19.41
C VAL D 197 -1.70 -8.69 20.39
N ASP D 198 -0.69 -9.48 20.73
CA ASP D 198 -0.82 -10.53 21.76
C ASP D 198 0.46 -10.59 22.56
N LYS D 199 0.37 -10.30 23.85
CA LYS D 199 1.53 -10.25 24.74
C LYS D 199 1.67 -11.57 25.51
N ASP D 200 2.92 -12.01 25.67
CA ASP D 200 3.28 -13.13 26.54
C ASP D 200 2.35 -14.33 26.32
N VAL D 201 2.25 -14.75 25.06
CA VAL D 201 1.26 -15.77 24.71
C VAL D 201 1.66 -17.11 25.32
N LYS D 202 0.65 -17.88 25.72
CA LYS D 202 0.85 -19.23 26.25
C LYS D 202 -0.06 -20.18 25.49
N ILE D 203 0.47 -21.34 25.14
CA ILE D 203 -0.30 -22.33 24.37
C ILE D 203 -1.26 -23.06 25.30
N LYS D 204 -2.34 -23.57 24.72
CA LYS D 204 -3.30 -24.35 25.49
C LYS D 204 -2.62 -25.58 26.07
N LYS D 205 -3.09 -26.00 27.25
CA LYS D 205 -2.56 -27.21 27.87
C LYS D 205 -2.85 -28.43 26.99
N LYS D 206 -4.03 -28.48 26.39
CA LYS D 206 -4.40 -29.57 25.48
C LYS D 206 -5.26 -28.99 24.37
N GLY D 207 -5.05 -29.51 23.16
CA GLY D 207 -5.77 -29.06 21.98
C GLY D 207 -6.68 -30.15 21.42
N LYS D 208 -7.30 -29.81 20.28
CA LYS D 208 -8.22 -30.72 19.60
C LYS D 208 -7.91 -30.86 18.12
N ILE D 209 -6.69 -30.53 17.71
CA ILE D 209 -6.27 -30.60 16.31
C ILE D 209 -4.94 -31.33 16.23
N TYR D 210 -4.83 -32.26 15.28
CA TYR D 210 -3.57 -32.92 14.96
C TYR D 210 -3.18 -32.59 13.52
N SER D 211 -1.88 -32.48 13.28
CA SER D 211 -1.37 -31.93 12.03
C SER D 211 -0.17 -32.75 11.54
N LEU D 212 -0.36 -33.49 10.45
CA LEU D 212 0.74 -34.18 9.79
C LEU D 212 0.26 -34.64 8.41
N ASN D 213 1.23 -35.01 7.57
CA ASN D 213 0.93 -35.51 6.23
C ASN D 213 0.57 -36.98 6.34
N GLU D 214 -0.73 -37.28 6.29
CA GLU D 214 -1.18 -38.66 6.38
C GLU D 214 -1.03 -39.43 5.08
N GLY D 215 -0.61 -38.78 4.00
CA GLY D 215 -0.32 -39.50 2.78
C GLY D 215 0.82 -40.48 2.92
N TYR D 216 1.70 -40.27 3.90
CA TYR D 216 2.82 -41.17 4.18
C TYR D 216 2.44 -42.34 5.08
N ALA D 217 1.14 -42.65 5.19
CA ALA D 217 0.68 -43.61 6.19
C ALA D 217 1.34 -44.98 6.01
N ARG D 218 1.59 -45.37 4.76
CA ARG D 218 2.20 -46.68 4.51
C ARG D 218 3.58 -46.78 5.13
N ASP D 219 4.31 -45.67 5.21
CA ASP D 219 5.65 -45.66 5.76
C ASP D 219 5.70 -45.14 7.19
N PHE D 220 4.55 -45.03 7.86
CA PHE D 220 4.50 -44.48 9.20
C PHE D 220 5.31 -45.31 10.19
N ASP D 221 6.01 -44.62 11.08
CA ASP D 221 6.55 -45.27 12.27
C ASP D 221 5.39 -45.84 13.08
N PRO D 222 5.55 -47.03 13.66
CA PRO D 222 4.40 -47.65 14.38
C PRO D 222 3.86 -46.80 15.51
N ALA D 223 4.70 -46.01 16.18
CA ALA D 223 4.20 -45.11 17.21
C ALA D 223 3.29 -44.04 16.62
N VAL D 224 3.64 -43.51 15.45
CA VAL D 224 2.80 -42.53 14.80
C VAL D 224 1.47 -43.14 14.38
N THR D 225 1.50 -44.37 13.86
CA THR D 225 0.27 -45.03 13.43
C THR D 225 -0.70 -45.18 14.60
N GLU D 226 -0.20 -45.62 15.75
CA GLU D 226 -1.07 -45.78 16.91
C GLU D 226 -1.59 -44.44 17.40
N TYR D 227 -0.71 -43.45 17.52
CA TYR D 227 -1.11 -42.15 18.06
C TYR D 227 -2.18 -41.49 17.20
N ILE D 228 -2.02 -41.54 15.88
CA ILE D 228 -3.03 -40.97 14.99
C ILE D 228 -4.33 -41.75 15.11
N GLN D 229 -4.24 -43.07 15.28
CA GLN D 229 -5.44 -43.87 15.51
C GLN D 229 -6.17 -43.43 16.77
N ARG D 230 -5.41 -43.04 17.81
CA ARG D 230 -6.04 -42.53 19.03
C ARG D 230 -6.80 -41.25 18.77
N LYS D 231 -6.33 -40.42 17.84
CA LYS D 231 -7.00 -39.14 17.57
C LYS D 231 -8.28 -39.35 16.77
N LYS D 232 -8.28 -40.30 15.82
CA LYS D 232 -9.46 -40.56 15.03
C LYS D 232 -10.46 -41.46 15.76
N PHE D 233 -9.95 -42.41 16.55
CA PHE D 233 -10.78 -43.38 17.27
C PHE D 233 -10.36 -43.35 18.73
N PRO D 234 -10.77 -42.32 19.48
CA PRO D 234 -10.36 -42.21 20.87
C PRO D 234 -10.93 -43.35 21.69
N PRO D 235 -10.06 -44.10 22.40
CA PRO D 235 -10.56 -45.24 23.18
C PRO D 235 -11.36 -44.85 24.41
N ASP D 236 -11.31 -43.58 24.83
CA ASP D 236 -11.96 -43.13 26.05
C ASP D 236 -13.33 -42.52 25.81
N ASN D 237 -13.89 -42.68 24.61
CA ASN D 237 -15.20 -42.16 24.23
C ASN D 237 -15.24 -40.63 24.18
N SER D 238 -14.10 -39.98 24.08
CA SER D 238 -14.07 -38.53 23.91
C SER D 238 -14.24 -38.19 22.42
N ALA D 239 -14.25 -36.90 22.12
CA ALA D 239 -14.48 -36.45 20.75
C ALA D 239 -13.21 -36.64 19.91
N PRO D 240 -13.30 -37.19 18.70
CA PRO D 240 -12.13 -37.29 17.84
C PRO D 240 -11.60 -35.90 17.48
N TYR D 241 -10.27 -35.82 17.36
CA TYR D 241 -9.62 -34.57 17.01
C TYR D 241 -9.92 -34.19 15.56
N GLY D 242 -9.92 -32.87 15.31
CA GLY D 242 -9.93 -32.40 13.94
C GLY D 242 -8.54 -32.47 13.32
N ALA D 243 -8.51 -32.45 11.99
CA ALA D 243 -7.27 -32.54 11.24
C ALA D 243 -7.04 -31.27 10.42
N ARG D 244 -5.80 -30.79 10.42
CA ARG D 244 -5.39 -29.63 9.65
C ARG D 244 -3.95 -29.85 9.19
N TYR D 245 -3.70 -29.71 7.89
CA TYR D 245 -2.32 -29.79 7.40
C TYR D 245 -2.19 -28.82 6.22
N VAL D 246 -1.73 -27.60 6.53
CA VAL D 246 -1.56 -26.58 5.51
C VAL D 246 -0.45 -26.98 4.54
N GLY D 247 0.61 -27.59 5.05
CA GLY D 247 1.75 -27.96 4.23
C GLY D 247 2.92 -27.00 4.33
N SER D 248 2.74 -25.87 5.00
CA SER D 248 3.83 -24.97 5.34
C SER D 248 4.03 -25.02 6.84
N MET D 249 5.27 -25.27 7.27
CA MET D 249 5.54 -25.45 8.69
C MET D 249 5.17 -24.21 9.48
N VAL D 250 5.44 -23.02 8.95
CA VAL D 250 5.15 -21.79 9.67
C VAL D 250 3.65 -21.67 9.94
N ALA D 251 2.83 -21.96 8.93
CA ALA D 251 1.39 -21.84 9.10
C ALA D 251 0.86 -22.91 10.08
N ASP D 252 1.31 -24.15 9.92
CA ASP D 252 0.86 -25.22 10.80
C ASP D 252 1.32 -25.00 12.24
N VAL D 253 2.56 -24.53 12.41
CA VAL D 253 3.05 -24.27 13.76
C VAL D 253 2.30 -23.11 14.40
N HIS D 254 2.04 -22.04 13.63
CA HIS D 254 1.35 -20.89 14.20
C HIS D 254 -0.07 -21.24 14.64
N ARG D 255 -0.78 -22.04 13.83
CA ARG D 255 -2.10 -22.50 14.24
C ARG D 255 -2.02 -23.34 15.51
N THR D 256 -0.99 -24.18 15.62
CA THR D 256 -0.78 -24.95 16.83
C THR D 256 -0.57 -24.04 18.04
N LEU D 257 0.23 -22.98 17.86
CA LEU D 257 0.43 -22.02 18.93
C LEU D 257 -0.88 -21.34 19.32
N VAL D 258 -1.69 -20.97 18.33
CA VAL D 258 -2.84 -20.12 18.60
C VAL D 258 -4.05 -20.94 19.07
N TYR D 259 -4.27 -22.11 18.48
CA TYR D 259 -5.41 -22.96 18.81
C TYR D 259 -5.07 -24.13 19.71
N GLY D 260 -3.79 -24.40 19.96
CA GLY D 260 -3.40 -25.61 20.67
C GLY D 260 -3.40 -26.81 19.74
N GLY D 261 -2.99 -27.95 20.29
CA GLY D 261 -2.95 -29.17 19.50
C GLY D 261 -1.55 -29.71 19.30
N ILE D 262 -1.34 -30.48 18.23
CA ILE D 262 -0.08 -31.16 18.00
C ILE D 262 0.29 -31.08 16.53
N PHE D 263 1.57 -30.89 16.26
CA PHE D 263 2.11 -30.90 14.90
C PHE D 263 3.22 -31.93 14.83
N LEU D 264 3.21 -32.75 13.78
CA LEU D 264 4.19 -33.82 13.63
C LEU D 264 4.78 -33.79 12.24
N TYR D 265 6.11 -33.81 12.17
CA TYR D 265 6.84 -34.31 11.00
C TYR D 265 7.83 -35.33 11.54
N PRO D 266 7.37 -36.55 11.81
CA PRO D 266 8.22 -37.54 12.46
C PRO D 266 9.14 -38.24 11.47
N ALA D 267 10.06 -39.01 12.02
CA ALA D 267 10.79 -39.97 11.21
C ALA D 267 9.84 -41.04 10.69
N ASN D 268 10.14 -41.55 9.49
CA ASN D 268 9.37 -42.64 8.92
C ASN D 268 10.34 -43.73 8.44
N LYS D 269 9.80 -44.76 7.82
CA LYS D 269 10.62 -45.88 7.38
C LYS D 269 11.66 -45.46 6.35
N LYS D 270 11.36 -44.43 5.56
CA LYS D 270 12.28 -43.96 4.54
C LYS D 270 13.13 -42.76 4.97
N SER D 271 12.66 -42.00 5.96
CA SER D 271 13.38 -40.82 6.45
C SER D 271 13.69 -41.04 7.93
N PRO D 272 14.83 -41.66 8.25
CA PRO D 272 15.15 -41.94 9.66
C PRO D 272 15.30 -40.70 10.52
N ASN D 273 15.62 -39.55 9.92
CA ASN D 273 15.81 -38.32 10.68
C ASN D 273 14.75 -37.27 10.35
N GLY D 274 13.61 -37.69 9.79
CA GLY D 274 12.60 -36.73 9.40
C GLY D 274 13.03 -35.95 8.16
N LYS D 275 12.30 -34.87 7.91
CA LYS D 275 12.58 -33.98 6.80
C LYS D 275 13.04 -32.59 7.22
N LEU D 276 12.43 -32.03 8.27
CA LEU D 276 12.69 -30.64 8.61
C LEU D 276 14.09 -30.47 9.20
N ARG D 277 14.65 -29.29 9.00
CA ARG D 277 16.04 -29.01 9.35
C ARG D 277 16.13 -28.53 10.79
N LEU D 278 17.11 -29.07 11.53
CA LEU D 278 17.23 -28.76 12.95
C LEU D 278 17.54 -27.29 13.19
N LEU D 279 18.51 -26.75 12.45
CA LEU D 279 19.09 -25.46 12.83
C LEU D 279 18.12 -24.31 12.62
N TYR D 280 17.42 -24.28 11.48
CA TYR D 280 16.63 -23.12 11.11
C TYR D 280 15.15 -23.41 10.92
N GLU D 281 14.71 -24.65 11.11
CA GLU D 281 13.29 -24.95 11.12
C GLU D 281 12.83 -25.52 12.46
N CYS D 282 13.44 -26.61 12.93
CA CYS D 282 12.96 -27.27 14.14
C CYS D 282 13.30 -26.48 15.39
N ASN D 283 14.56 -26.03 15.51
CA ASN D 283 14.99 -25.35 16.73
C ASN D 283 14.23 -24.05 16.99
N PRO D 284 14.09 -23.13 16.02
CA PRO D 284 13.32 -21.90 16.32
C PRO D 284 11.87 -22.19 16.71
N MET D 285 11.22 -23.13 16.04
CA MET D 285 9.86 -23.50 16.41
C MET D 285 9.82 -24.15 17.79
N ALA D 286 10.82 -24.98 18.11
CA ALA D 286 10.90 -25.58 19.44
C ALA D 286 11.09 -24.52 20.51
N TYR D 287 11.92 -23.52 20.24
CA TYR D 287 12.15 -22.46 21.22
C TYR D 287 10.89 -21.64 21.45
N VAL D 288 10.16 -21.31 20.37
CA VAL D 288 8.91 -20.58 20.53
C VAL D 288 7.91 -21.40 21.33
N MET D 289 7.81 -22.70 21.03
CA MET D 289 6.87 -23.56 21.73
C MET D 289 7.17 -23.64 23.22
N GLU D 290 8.45 -23.82 23.56
CA GLU D 290 8.81 -23.97 24.98
C GLU D 290 8.62 -22.67 25.74
N LYS D 291 8.95 -21.53 25.11
CA LYS D 291 8.72 -20.25 25.77
C LYS D 291 7.23 -19.95 25.95
N ALA D 292 6.37 -20.57 25.15
CA ALA D 292 4.93 -20.41 25.27
C ALA D 292 4.29 -21.48 26.15
N GLY D 293 5.10 -22.28 26.84
CA GLY D 293 4.55 -23.33 27.68
C GLY D 293 4.24 -24.62 26.95
N GLY D 294 4.74 -24.79 25.72
CA GLY D 294 4.53 -26.01 24.97
C GLY D 294 5.74 -26.93 25.01
N MET D 295 5.69 -27.96 24.18
CA MET D 295 6.76 -28.95 24.09
C MET D 295 7.14 -29.17 22.64
N ALA D 296 8.36 -29.66 22.45
CA ALA D 296 8.87 -30.00 21.12
C ALA D 296 9.94 -31.05 21.28
N THR D 297 9.68 -32.24 20.74
CA THR D 297 10.56 -33.39 20.91
C THR D 297 10.81 -34.06 19.56
N THR D 298 11.94 -34.76 19.49
CA THR D 298 12.23 -35.66 18.38
C THR D 298 11.70 -37.07 18.65
N GLY D 299 11.02 -37.27 19.76
CA GLY D 299 10.68 -38.60 20.25
C GLY D 299 11.68 -39.12 21.25
N LYS D 300 12.97 -39.02 20.93
CA LYS D 300 14.02 -39.48 21.83
C LYS D 300 14.48 -38.40 22.81
N GLU D 301 14.44 -37.13 22.41
CA GLU D 301 14.86 -36.04 23.28
C GLU D 301 14.15 -34.77 22.87
N ALA D 302 14.26 -33.75 23.71
CA ALA D 302 13.80 -32.43 23.34
C ALA D 302 14.60 -31.92 22.14
N VAL D 303 13.91 -31.22 21.24
CA VAL D 303 14.56 -30.72 20.03
C VAL D 303 15.70 -29.78 20.40
N LEU D 304 15.50 -28.94 21.43
CA LEU D 304 16.48 -27.95 21.81
C LEU D 304 17.76 -28.56 22.35
N ASP D 305 17.72 -29.83 22.79
CA ASP D 305 18.90 -30.47 23.37
C ASP D 305 19.76 -31.20 22.35
N VAL D 306 19.31 -31.33 21.11
CA VAL D 306 20.11 -32.02 20.10
C VAL D 306 21.32 -31.17 19.77
N ILE D 307 22.51 -31.77 19.86
CA ILE D 307 23.76 -31.08 19.54
C ILE D 307 24.10 -31.40 18.08
N PRO D 308 23.94 -30.45 17.16
CA PRO D 308 24.14 -30.76 15.75
C PRO D 308 25.61 -30.94 15.40
N THR D 309 25.85 -31.74 14.36
CA THR D 309 27.16 -31.87 13.76
C THR D 309 27.20 -31.35 12.32
N ASP D 310 26.05 -31.02 11.75
CA ASP D 310 25.95 -30.50 10.39
C ASP D 310 24.88 -29.42 10.36
N ILE D 311 25.19 -28.28 9.74
CA ILE D 311 24.28 -27.14 9.77
C ILE D 311 22.97 -27.43 9.03
N HIS D 312 22.97 -28.43 8.14
CA HIS D 312 21.78 -28.78 7.38
C HIS D 312 21.19 -30.13 7.80
N GLN D 313 21.56 -30.64 8.96
CA GLN D 313 21.07 -31.94 9.37
C GLN D 313 19.59 -31.87 9.72
N ARG D 314 18.87 -32.96 9.44
CA ARG D 314 17.44 -33.04 9.66
C ARG D 314 17.16 -33.59 11.06
N ALA D 315 15.92 -33.35 11.51
CA ALA D 315 15.48 -33.83 12.80
C ALA D 315 13.98 -34.08 12.75
N PRO D 316 13.50 -35.20 13.31
CA PRO D 316 12.06 -35.36 13.50
C PRO D 316 11.56 -34.36 14.54
N VAL D 317 10.31 -33.92 14.37
CA VAL D 317 9.75 -32.91 15.26
C VAL D 317 8.30 -33.26 15.58
N ILE D 318 7.97 -33.29 16.87
CA ILE D 318 6.61 -33.39 17.36
C ILE D 318 6.44 -32.28 18.40
N LEU D 319 5.51 -31.37 18.17
CA LEU D 319 5.40 -30.19 19.02
C LEU D 319 3.94 -29.79 19.17
N GLY D 320 3.68 -28.97 20.19
CA GLY D 320 2.35 -28.47 20.44
C GLY D 320 2.00 -28.38 21.92
N SER D 321 0.73 -28.60 22.23
CA SER D 321 0.28 -28.53 23.61
C SER D 321 0.96 -29.61 24.45
N PRO D 322 1.38 -29.29 25.68
CA PRO D 322 2.15 -30.28 26.47
C PRO D 322 1.44 -31.59 26.69
N ASP D 323 0.12 -31.55 26.96
CA ASP D 323 -0.62 -32.80 27.16
C ASP D 323 -0.60 -33.67 25.91
N ASP D 324 -0.78 -33.05 24.74
CA ASP D 324 -0.78 -33.80 23.49
C ASP D 324 0.60 -34.38 23.19
N VAL D 325 1.66 -33.59 23.39
CA VAL D 325 3.02 -34.08 23.14
C VAL D 325 3.36 -35.21 24.10
N LEU D 326 2.98 -35.06 25.37
CA LEU D 326 3.22 -36.11 26.35
C LEU D 326 2.46 -37.38 25.98
N GLU D 327 1.23 -37.23 25.49
CA GLU D 327 0.46 -38.41 25.08
C GLU D 327 1.14 -39.15 23.93
N PHE D 328 1.71 -38.41 22.98
CA PHE D 328 2.48 -39.05 21.92
C PHE D 328 3.71 -39.77 22.49
N LEU D 329 4.42 -39.10 23.41
CA LEU D 329 5.62 -39.70 23.97
C LEU D 329 5.29 -40.96 24.77
N LYS D 330 4.11 -41.00 25.40
CA LYS D 330 3.65 -42.23 26.04
C LYS D 330 3.55 -43.36 25.03
N VAL D 331 2.90 -43.11 23.89
CA VAL D 331 2.79 -44.12 22.84
C VAL D 331 4.17 -44.45 22.28
N TYR D 332 5.03 -43.45 22.15
CA TYR D 332 6.37 -43.67 21.62
C TYR D 332 7.18 -44.59 22.54
N GLU D 333 7.09 -44.39 23.85
CA GLU D 333 7.82 -45.25 24.78
C GLU D 333 7.27 -46.67 24.79
N LYS D 334 5.96 -46.83 24.58
CA LYS D 334 5.37 -48.17 24.49
C LYS D 334 5.99 -48.96 23.35
N HIS D 335 6.26 -48.31 22.23
CA HIS D 335 6.99 -48.90 21.12
C HIS D 335 8.51 -48.78 21.28
N SER D 336 8.96 -48.26 22.43
CA SER D 336 10.39 -48.12 22.74
C SER D 336 11.09 -47.23 21.74
P1 FBP E . 6.85 20.04 -18.08
O1P FBP E . 7.51 20.04 -16.72
O2P FBP E . 6.23 18.69 -18.34
O3P FBP E . 7.87 20.35 -19.15
O1 FBP E . 5.66 21.20 -18.10
C1 FBP E . 6.04 22.57 -18.32
C2 FBP E . 6.04 23.34 -16.97
O2 FBP E . 6.87 22.69 -16.02
C3 FBP E . 4.58 23.50 -16.39
O3 FBP E . 4.23 22.40 -15.66
C4 FBP E . 4.72 24.71 -15.53
O4 FBP E . 3.39 25.35 -15.35
C5 FBP E . 5.55 25.51 -16.21
O5 FBP E . 6.45 24.55 -17.15
C6 FBP E . 6.47 26.29 -15.31
O6 FBP E . 7.48 26.89 -16.11
P2 FBP E . 8.38 28.12 -15.50
O4P FBP E . 7.51 29.02 -14.65
O5P FBP E . 8.98 28.93 -16.62
O6P FBP E . 9.51 27.57 -14.64
MG MG F . 3.92 19.78 -18.84
MG MG G . 6.17 16.68 -19.02
P AMP H . -17.64 4.53 -28.54
O1P AMP H . -16.53 5.13 -29.37
O2P AMP H . -18.61 3.70 -29.33
O3P AMP H . -17.19 3.90 -27.25
O5' AMP H . -18.51 5.78 -28.08
C5' AMP H . -18.89 6.79 -29.01
C4' AMP H . -19.18 8.10 -28.32
O4' AMP H . -20.10 7.88 -27.21
C3' AMP H . -17.99 8.78 -27.68
O3' AMP H . -17.21 9.52 -28.61
C2' AMP H . -18.65 9.65 -26.61
O2' AMP H . -19.26 10.80 -27.19
C1' AMP H . -19.75 8.71 -26.13
N9 AMP H . -19.27 7.85 -25.03
C8 AMP H . -18.95 6.55 -25.15
N7 AMP H . -18.54 6.03 -23.98
C5 AMP H . -18.59 7.01 -23.07
C6 AMP H . -18.30 7.14 -21.62
N6 AMP H . -17.84 6.08 -20.90
N1 AMP H . -18.49 8.35 -21.04
C2 AMP H . -18.93 9.41 -21.75
N3 AMP H . -19.23 9.36 -23.06
C4 AMP H . -19.08 8.21 -23.77
P1 FBP I . -0.80 26.14 8.45
O1P FBP I . -1.76 26.86 9.37
O2P FBP I . -0.46 24.79 9.04
O3P FBP I . -1.46 25.94 7.10
O1 FBP I . 0.59 27.02 8.27
C1 FBP I . 0.51 28.40 7.88
C2 FBP I . 0.80 28.55 6.36
O2 FBP I . -0.09 27.76 5.60
C3 FBP I . 2.29 28.17 6.02
O3 FBP I . 2.42 26.84 5.78
C4 FBP I . 2.54 28.95 4.76
O4 FBP I . 4.00 29.17 4.56
C5 FBP I . 1.92 30.12 5.02
O5 FBP I . 0.70 29.79 6.02
C6 FBP I . 1.37 30.75 3.77
O6 FBP I . 0.61 31.87 4.18
P2 FBP I . -0.02 32.90 3.04
O4P FBP I . -0.27 34.24 3.69
O5P FBP I . -1.32 32.33 2.51
O6P FBP I . 0.97 33.07 1.91
MG MG J . 1.84 25.63 9.86
MG MG K . -0.83 23.48 10.69
P AMP L . 19.30 10.19 25.95
O1P AMP L . 18.44 11.33 26.46
O2P AMP L . 20.05 9.46 27.03
O3P AMP L . 18.62 9.28 24.95
O5' AMP L . 20.46 10.90 25.11
C5' AMP L . 21.14 12.03 25.62
C4' AMP L . 21.73 12.86 24.50
O4' AMP L . 22.50 12.01 23.62
C3' AMP L . 20.73 13.54 23.59
O3' AMP L . 20.21 14.75 24.12
C2' AMP L . 21.52 13.73 22.30
O2' AMP L . 22.43 14.81 22.44
C1' AMP L . 22.33 12.43 22.28
N9 AMP L . 21.60 11.37 21.55
C8 AMP L . 20.93 10.34 22.14
N7 AMP L . 20.37 9.54 21.21
C5 AMP L . 20.65 10.06 20.01
C6 AMP L . 20.35 9.69 18.60
N6 AMP L . 19.61 8.60 18.31
N1 AMP L . 20.85 10.48 17.63
C2 AMP L . 21.58 11.57 17.91
N3 AMP L . 21.89 11.96 19.16
C4 AMP L . 21.47 11.26 20.23
P1 FBP M . -17.04 -20.92 6.74
O1P FBP M . -17.29 -19.62 6.02
O2P FBP M . -15.73 -20.85 7.49
O3P FBP M . -18.17 -21.20 7.70
O1 FBP M . -16.92 -22.16 5.64
C1 FBP M . -16.95 -23.52 6.10
C2 FBP M . -15.53 -24.11 6.24
O2 FBP M . -14.71 -23.29 7.06
C3 FBP M . -14.85 -24.31 4.83
O3 FBP M . -14.15 -23.20 4.45
C4 FBP M . -13.92 -25.47 5.07
O4 FBP M . -13.64 -26.17 3.79
C5 FBP M . -14.61 -26.26 5.92
O5 FBP M . -15.60 -25.30 6.74
C6 FBP M . -13.71 -26.96 6.89
O6 FBP M . -14.49 -27.34 8.00
P2 FBP M . -13.96 -28.56 8.99
O4P FBP M . -13.28 -27.94 10.20
O5P FBP M . -15.14 -29.37 9.45
O6P FBP M . -12.99 -29.44 8.26
MG MG N . -17.69 -20.79 3.86
MG MG O . -18.18 -17.56 5.76
P AMP P . -26.47 -7.96 -19.70
O1P AMP P . -27.25 -7.17 -20.72
O2P AMP P . -25.26 -7.25 -19.16
O3P AMP P . -27.34 -8.62 -18.65
O5' AMP P . -25.88 -9.17 -20.53
C5' AMP P . -26.68 -10.30 -20.86
C4' AMP P . -25.86 -11.55 -20.99
O4' AMP P . -24.68 -11.30 -21.82
C3' AMP P . -25.28 -12.12 -19.70
O3' AMP P . -26.22 -12.88 -18.95
C2' AMP P . -24.10 -12.93 -20.21
O2' AMP P . -24.54 -14.15 -20.79
C1' AMP P . -23.58 -12.02 -21.32
N9 AMP P . -22.61 -11.05 -20.78
C8 AMP P . -22.86 -9.75 -20.50
N7 AMP P . -21.76 -9.13 -20.01
C5 AMP P . -20.77 -10.04 -19.97
C6 AMP P . -19.34 -10.06 -19.57
N6 AMP P . -18.73 -8.95 -19.09
N1 AMP P . -18.67 -11.23 -19.70
C2 AMP P . -19.25 -12.34 -20.17
N3 AMP P . -20.55 -12.40 -20.54
C4 AMP P . -21.33 -11.30 -20.48
C20 GRG Q . -0.87 4.19 -6.53
C20 GRG Q . 4.81 -5.24 3.26
C19 GRG Q . -2.38 4.96 -4.74
C19 GRG Q . 2.69 -4.96 4.51
C18 GRG Q . -1.06 5.10 -5.37
C18 GRG Q . 3.39 -5.68 3.45
C17 GRG Q . -0.14 5.92 -4.91
C17 GRG Q . 2.80 -6.62 2.75
C16 GRG Q . -0.28 7.34 -4.43
C16 GRG Q . 1.92 -7.72 3.25
C14 GRG Q . -3.53 8.49 -2.83
C14 GRG Q . -0.52 -7.52 6.23
C13 GRG Q . -2.15 7.93 -2.70
C13 GRG Q . -0.17 -7.29 4.80
C15 GRG Q . -1.61 8.09 -4.15
C15 GRG Q . 1.29 -7.83 4.68
C12 GRG Q . -1.76 7.42 -1.52
C12 GRG Q . -1.05 -6.76 3.91
C11 GRG Q . -0.35 6.75 -1.33
C11 GRG Q . -1.00 -6.79 2.39
C9 GRG Q . 0.28 6.76 0.08
C9 GRG Q . -2.16 -6.37 1.51
C8 GRG Q . 0.53 5.28 0.28
C8 GRG Q . -1.85 -4.95 1.03
C10 GRG Q . 0.13 5.26 1.77
C10 GRG Q . -3.07 -4.08 1.08
C7 GRG Q . 0.98 4.32 -0.48
C7 GRG Q . -0.68 -4.47 0.62
C6 GRG Q . 1.07 2.93 0.03
C6 GRG Q . -0.76 -2.97 0.32
C5 GRG Q . 0.25 2.13 -0.95
C5 GRG Q . 0.39 -2.38 1.16
C3 GRG Q . 0.25 0.66 -0.74
C3 GRG Q . 0.74 -1.06 0.51
C4 GRG Q . 1.64 0.01 -0.58
C4 GRG Q . 1.18 -1.04 -0.98
C2 GRG Q . -0.89 -0.04 -0.77
C2 GRG Q . 0.62 0.08 1.22
C1 GRG Q . -0.98 -1.50 -0.56
C1 GRG Q . 0.90 1.43 0.66
O1 GRG Q . -0.64 -1.80 0.78
O1 GRG Q . -0.09 1.87 -0.25
PA GRG Q . 0.29 -3.12 1.09
PA GRG Q . 0.33 2.96 -1.41
O1A GRG Q . 0.81 -3.46 -0.27
O1A GRG Q . 1.75 2.64 -1.70
O3A GRG Q . -0.71 -4.36 1.54
O3A GRG Q . 0.32 4.48 -0.76
O2A GRG Q . 1.32 -2.81 2.12
O2A GRG Q . -0.61 2.87 -2.56
PB GRG Q . -0.38 -5.95 1.23
PB GRG Q . 0.84 5.82 -1.58
O1B GRG Q . -1.27 -6.34 0.09
O1B GRG Q . 1.81 6.57 -0.79
O2B GRG Q . 1.09 -6.05 0.90
O2B GRG Q . 1.30 5.47 -3.11
O3B GRG Q . -0.73 -6.66 2.52
O3B GRG Q . -0.26 6.78 -1.61
P1 FBP R . 10.73 -25.62 2.68
O1P FBP R . 9.59 -25.38 1.75
O2P FBP R . 11.41 -24.30 3.00
O3P FBP R . 11.74 -26.56 2.04
O1 FBP R . 10.18 -26.29 4.11
C1 FBP R . 9.94 -27.71 4.14
C2 FBP R . 8.41 -27.97 4.08
O2 FBP R . 7.84 -27.37 2.93
C3 FBP R . 7.70 -27.43 5.39
O3 FBP R . 7.30 -26.15 5.21
C4 FBP R . 6.52 -28.34 5.53
O4 FBP R . 6.13 -28.44 6.96
C5 FBP R . 6.96 -29.54 5.07
O5 FBP R . 8.19 -29.25 4.08
C6 FBP R . 5.89 -30.27 4.32
O6 FBP R . 6.50 -31.34 3.63
P2 FBP R . 5.56 -32.55 3.02
O4P FBP R . 4.34 -32.73 3.89
O5P FBP R . 6.34 -33.83 2.99
O6P FBP R . 5.13 -32.20 1.60
MG MG S . 11.31 -24.51 5.34
MG MG T . 12.67 -22.63 2.48
P AMP U . 24.16 -6.66 22.93
O1P AMP U . 23.17 -6.03 21.98
O2P AMP U . 25.02 -5.66 23.68
O3P AMP U . 24.93 -7.82 22.37
O5' AMP U . 23.27 -7.30 24.09
C5' AMP U . 23.77 -8.33 24.91
C4' AMP U . 22.67 -9.22 25.43
O4' AMP U . 21.62 -8.40 26.02
C3' AMP U . 21.94 -10.06 24.40
O3' AMP U . 22.63 -11.24 24.04
C2' AMP U . 20.60 -10.31 25.06
O2' AMP U . 20.72 -11.32 26.07
C1' AMP U . 20.36 -8.97 25.75
N9 AMP U . 19.63 -8.05 24.85
C8 AMP U . 20.20 -7.04 24.14
N7 AMP U . 19.28 -6.38 23.40
C5 AMP U . 18.08 -6.96 23.64
C6 AMP U . 16.69 -6.76 23.18
N6 AMP U . 16.38 -5.76 22.30
N1 AMP U . 15.74 -7.58 23.66
C2 AMP U . 16.04 -8.56 24.53
N3 AMP U . 17.28 -8.82 24.99
C4 AMP U . 18.33 -8.06 24.59
#